data_6HPJ
#
_entry.id   6HPJ
#
loop_
_entity.id
_entity.type
_entity.pdbx_description
1 polymer 'Immunoglobulin G-binding protein G,Serine/arginine-rich splicing factor 1'
2 polymer "RNA (5'-R(*AP*AP*CP*AP*AP*A)-3')"
#
loop_
_entity_poly.entity_id
_entity_poly.type
_entity_poly.pdbx_seq_one_letter_code
_entity_poly.pdbx_strand_id
1 'polypeptide(L)'
;MQYKLILNGKTLKGETTTEAVDAATAEKVFKQYANDNGVDGEWTYDDATKTFTVTEGSHHHHHHMSGGGVIRGPAGNNDC
RIYVGNLPPDIRTKDIEDVFSKYGAIRDIDLKNRRGGPPFAFVEFEDPRDAEDAVSGRDGYDYDGYRLRVEFPRSGRGTG
R
;
B
2 'polyribonucleotide' AACAAA A
#
loop_
_chem_comp.id
_chem_comp.type
_chem_comp.name
_chem_comp.formula
A RNA linking ADENOSINE-5'-MONOPHOSPHATE 'C10 H14 N5 O7 P'
C RNA linking CYTIDINE-5'-MONOPHOSPHATE 'C9 H14 N3 O8 P'
#
# COMPACT_ATOMS: atom_id res chain seq x y z
N VAL A 70 7.76 18.13 -5.77
CA VAL A 70 7.63 16.77 -6.34
C VAL A 70 6.18 16.27 -6.34
N ILE A 71 5.89 15.29 -7.19
CA ILE A 71 4.54 14.71 -7.26
C ILE A 71 4.25 13.90 -6.01
N ARG A 72 3.03 13.98 -5.49
CA ARG A 72 2.62 13.26 -4.30
C ARG A 72 1.10 13.15 -4.24
N GLY A 73 0.61 12.29 -3.34
CA GLY A 73 -0.81 12.09 -3.09
C GLY A 73 -1.38 13.29 -2.31
N PRO A 74 -1.97 13.04 -1.14
CA PRO A 74 -2.42 14.08 -0.23
C PRO A 74 -1.20 14.73 0.42
N ALA A 75 -1.42 15.45 1.54
CA ALA A 75 -0.36 16.18 2.23
C ALA A 75 0.68 15.24 2.87
N GLY A 76 0.59 13.93 2.59
CA GLY A 76 1.54 12.96 3.10
C GLY A 76 2.87 13.05 2.35
N ASN A 77 3.62 14.13 2.56
CA ASN A 77 4.88 14.39 1.88
C ASN A 77 6.04 13.61 2.50
N ASN A 78 5.79 12.82 3.54
CA ASN A 78 6.82 12.07 4.22
C ASN A 78 7.38 10.97 3.33
N ASP A 79 8.64 10.59 3.55
CA ASP A 79 9.32 9.56 2.76
C ASP A 79 8.94 8.14 3.19
N CYS A 80 8.03 8.02 4.16
CA CYS A 80 7.60 6.73 4.69
C CYS A 80 6.62 6.02 3.75
N ARG A 81 6.33 6.62 2.58
CA ARG A 81 5.34 6.08 1.66
C ARG A 81 5.91 5.01 0.76
N ILE A 82 5.03 4.07 0.36
CA ILE A 82 5.32 3.03 -0.62
C ILE A 82 4.11 2.83 -1.50
N TYR A 83 4.26 1.99 -2.52
CA TYR A 83 3.22 1.71 -3.50
C TYR A 83 2.62 0.30 -3.40
N VAL A 84 1.34 0.18 -3.79
CA VAL A 84 0.64 -1.09 -3.75
C VAL A 84 -0.19 -1.27 -5.02
N GLY A 85 -0.24 -2.51 -5.52
CA GLY A 85 -0.97 -2.81 -6.74
C GLY A 85 -1.45 -4.25 -6.76
N ASN A 86 -2.14 -4.63 -7.85
CA ASN A 86 -2.78 -5.94 -7.98
C ASN A 86 -3.75 -6.19 -6.82
N LEU A 87 -4.49 -5.16 -6.41
CA LEU A 87 -5.45 -5.27 -5.32
C LEU A 87 -6.52 -6.31 -5.71
N PRO A 88 -6.94 -7.14 -4.74
CA PRO A 88 -7.91 -8.19 -4.96
C PRO A 88 -9.31 -7.60 -5.19
N PRO A 89 -10.21 -8.38 -5.81
CA PRO A 89 -11.57 -7.96 -6.12
C PRO A 89 -12.41 -7.63 -4.88
N ASP A 90 -11.86 -7.87 -3.68
CA ASP A 90 -12.57 -7.64 -2.42
C ASP A 90 -11.77 -6.81 -1.43
N ILE A 91 -10.84 -5.99 -1.95
CA ILE A 91 -10.03 -5.11 -1.12
C ILE A 91 -10.93 -4.17 -0.30
N ARG A 92 -10.44 -3.77 0.88
CA ARG A 92 -11.21 -2.92 1.79
C ARG A 92 -10.27 -1.93 2.48
N THR A 93 -10.76 -0.72 2.74
CA THR A 93 -9.97 0.33 3.37
C THR A 93 -9.45 -0.02 4.76
N LYS A 94 -10.16 -0.91 5.46
CA LYS A 94 -9.78 -1.31 6.81
C LYS A 94 -8.68 -2.36 6.79
N ASP A 95 -8.49 -3.05 5.65
CA ASP A 95 -7.51 -4.11 5.55
C ASP A 95 -6.08 -3.60 5.73
N ILE A 96 -5.84 -2.33 5.37
CA ILE A 96 -4.53 -1.72 5.54
C ILE A 96 -4.34 -1.32 7.00
N GLU A 97 -5.44 -1.11 7.73
CA GLU A 97 -5.38 -0.74 9.14
C GLU A 97 -5.29 -1.99 10.02
N ASP A 98 -5.50 -3.18 9.44
CA ASP A 98 -5.38 -4.43 10.16
C ASP A 98 -4.07 -5.16 9.89
N VAL A 99 -3.89 -5.61 8.64
CA VAL A 99 -2.73 -6.43 8.29
C VAL A 99 -1.48 -5.58 8.21
N PHE A 100 -1.51 -4.50 7.42
CA PHE A 100 -0.35 -3.64 7.27
C PHE A 100 -0.01 -2.85 8.53
N SER A 101 -0.99 -2.67 9.42
CA SER A 101 -0.76 -2.01 10.69
C SER A 101 -0.01 -2.95 11.64
N LYS A 102 -0.23 -4.26 11.52
CA LYS A 102 0.51 -5.24 12.29
C LYS A 102 1.97 -5.28 11.81
N TYR A 103 2.18 -4.98 10.52
CA TYR A 103 3.52 -4.93 9.94
C TYR A 103 4.30 -3.63 10.14
N GLY A 104 3.62 -2.51 10.44
CA GLY A 104 4.34 -1.25 10.55
C GLY A 104 3.48 -0.06 11.00
N ALA A 105 2.33 -0.32 11.63
CA ALA A 105 1.50 0.73 12.21
C ALA A 105 1.27 1.88 11.22
N ILE A 106 0.67 1.57 10.07
CA ILE A 106 0.40 2.54 9.02
C ILE A 106 -0.20 3.83 9.59
N ARG A 107 0.34 4.97 9.16
CA ARG A 107 -0.15 6.28 9.58
C ARG A 107 -1.31 6.74 8.69
N ASP A 108 -1.24 6.46 7.39
CA ASP A 108 -2.23 6.92 6.42
C ASP A 108 -2.46 5.96 5.26
N ILE A 109 -3.69 5.98 4.74
CA ILE A 109 -4.09 5.19 3.58
C ILE A 109 -4.29 6.15 2.41
N ASP A 110 -4.06 5.67 1.19
CA ASP A 110 -4.23 6.50 0.01
C ASP A 110 -4.68 5.64 -1.17
N LEU A 111 -5.87 5.03 -1.07
CA LEU A 111 -6.43 4.28 -2.17
C LEU A 111 -6.68 5.19 -3.36
N LYS A 112 -6.35 4.69 -4.57
CA LYS A 112 -6.57 5.41 -5.81
C LYS A 112 -7.26 4.48 -6.81
N ASN A 113 -8.37 3.89 -6.39
CA ASN A 113 -9.22 3.08 -7.25
C ASN A 113 -10.14 3.98 -8.08
N ARG A 114 -9.96 5.30 -7.97
CA ARG A 114 -10.77 6.29 -8.66
C ARG A 114 -10.69 6.10 -10.18
N ARG A 115 -11.75 6.46 -10.89
CA ARG A 115 -11.83 6.33 -12.34
C ARG A 115 -10.83 7.25 -13.02
N GLY A 116 -10.66 7.08 -14.34
CA GLY A 116 -9.72 7.86 -15.14
C GLY A 116 -8.38 7.15 -15.28
N GLY A 117 -8.24 5.98 -14.65
CA GLY A 117 -7.02 5.19 -14.73
C GLY A 117 -7.20 3.86 -14.01
N PRO A 118 -6.18 2.98 -14.07
CA PRO A 118 -6.19 1.70 -13.40
C PRO A 118 -6.15 1.88 -11.89
N PRO A 119 -6.78 0.97 -11.14
CA PRO A 119 -6.81 1.03 -9.69
C PRO A 119 -5.45 0.71 -9.11
N PHE A 120 -5.05 1.46 -8.08
CA PHE A 120 -3.80 1.22 -7.36
C PHE A 120 -3.89 2.06 -6.07
N ALA A 121 -2.85 2.04 -5.25
CA ALA A 121 -2.87 2.76 -3.98
C ALA A 121 -1.47 3.07 -3.46
N PHE A 122 -1.41 3.96 -2.47
CA PHE A 122 -0.21 4.25 -1.71
C PHE A 122 -0.43 3.99 -0.23
N VAL A 123 0.64 3.76 0.52
CA VAL A 123 0.56 3.47 1.94
C VAL A 123 1.67 4.22 2.66
N GLU A 124 1.36 4.81 3.80
CA GLU A 124 2.33 5.62 4.55
C GLU A 124 2.61 5.00 5.92
N PHE A 125 3.85 4.54 6.12
CA PHE A 125 4.27 3.85 7.33
C PHE A 125 4.64 4.74 8.52
N GLU A 126 4.80 4.12 9.68
CA GLU A 126 5.28 4.82 10.87
C GLU A 126 6.71 5.31 10.66
N ASP A 127 7.51 4.51 9.94
CA ASP A 127 8.87 4.86 9.56
C ASP A 127 9.32 4.03 8.36
N PRO A 128 10.39 4.46 7.67
CA PRO A 128 10.90 3.76 6.49
C PRO A 128 11.41 2.36 6.83
N ARG A 129 11.69 2.08 8.12
CA ARG A 129 12.27 0.82 8.53
C ARG A 129 11.20 -0.28 8.56
N ASP A 130 10.00 0.04 9.05
CA ASP A 130 8.91 -0.92 9.10
C ASP A 130 8.33 -1.22 7.72
N ALA A 131 8.50 -0.29 6.78
CA ALA A 131 8.00 -0.47 5.43
C ALA A 131 8.78 -1.58 4.72
N GLU A 132 10.05 -1.79 5.10
CA GLU A 132 10.88 -2.81 4.48
C GLU A 132 10.37 -4.20 4.86
N ASP A 133 9.85 -4.36 6.08
CA ASP A 133 9.32 -5.63 6.53
C ASP A 133 7.99 -5.98 5.88
N ALA A 134 7.16 -4.96 5.61
CA ALA A 134 5.88 -5.15 4.93
C ALA A 134 6.11 -5.42 3.45
N VAL A 135 7.15 -4.83 2.86
CA VAL A 135 7.48 -5.03 1.47
C VAL A 135 8.01 -6.45 1.31
N SER A 136 8.90 -6.87 2.20
CA SER A 136 9.52 -8.19 2.12
C SER A 136 8.51 -9.29 2.44
N GLY A 137 7.37 -8.93 3.05
CA GLY A 137 6.40 -9.91 3.51
C GLY A 137 5.17 -10.03 2.61
N ARG A 138 5.00 -9.15 1.62
CA ARG A 138 3.80 -9.14 0.80
C ARG A 138 4.07 -8.87 -0.68
N ASP A 139 5.29 -8.43 -1.03
CA ASP A 139 5.59 -8.08 -2.41
C ASP A 139 5.80 -9.36 -3.23
N GLY A 140 5.41 -9.31 -4.51
CA GLY A 140 5.71 -10.36 -5.46
C GLY A 140 5.08 -11.69 -5.05
N TYR A 141 3.85 -11.67 -4.52
CA TYR A 141 3.22 -12.88 -3.99
C TYR A 141 2.31 -13.57 -4.99
N ASP A 142 2.49 -14.88 -5.12
CA ASP A 142 1.73 -15.71 -6.06
C ASP A 142 0.24 -15.71 -5.75
N TYR A 143 -0.53 -15.00 -6.58
CA TYR A 143 -1.97 -14.90 -6.49
C TYR A 143 -2.66 -15.59 -7.67
N ASP A 144 -3.98 -15.76 -7.59
CA ASP A 144 -4.74 -16.41 -8.64
C ASP A 144 -4.64 -15.65 -9.97
N GLY A 145 -3.76 -16.11 -10.87
CA GLY A 145 -3.60 -15.54 -12.20
C GLY A 145 -2.75 -14.25 -12.19
N TYR A 146 -2.37 -13.77 -10.99
CA TYR A 146 -1.60 -12.54 -10.86
C TYR A 146 -0.54 -12.62 -9.76
N ARG A 147 0.09 -11.48 -9.45
CA ARG A 147 1.15 -11.40 -8.46
C ARG A 147 1.08 -10.04 -7.77
N LEU A 148 1.07 -10.05 -6.44
CA LEU A 148 0.90 -8.83 -5.65
C LEU A 148 2.07 -7.88 -5.87
N ARG A 149 1.79 -6.57 -5.81
CA ARG A 149 2.81 -5.55 -5.92
C ARG A 149 2.82 -4.74 -4.62
N VAL A 150 3.96 -4.74 -3.92
CA VAL A 150 4.13 -4.00 -2.68
C VAL A 150 5.56 -3.48 -2.58
N GLU A 151 5.86 -2.38 -3.27
CA GLU A 151 7.20 -1.80 -3.28
C GLU A 151 7.14 -0.28 -3.45
N PHE A 152 8.21 0.40 -3.05
CA PHE A 152 8.30 1.85 -3.18
C PHE A 152 8.52 2.34 -4.62
N PRO A 153 8.14 3.59 -4.92
CA PRO A 153 8.38 4.21 -6.21
C PRO A 153 9.87 4.22 -6.56
N VAL A 70 -6.47 18.16 -4.31
CA VAL A 70 -5.47 19.12 -4.83
C VAL A 70 -4.05 18.61 -4.65
N ILE A 71 -3.62 18.46 -3.39
CA ILE A 71 -2.28 17.95 -3.10
C ILE A 71 -2.19 16.47 -3.46
N ARG A 72 -1.03 16.04 -3.97
CA ARG A 72 -0.81 14.66 -4.35
C ARG A 72 -0.69 13.78 -3.11
N GLY A 73 -1.39 12.64 -3.12
CA GLY A 73 -1.31 11.66 -2.03
C GLY A 73 -1.70 12.28 -0.70
N PRO A 74 -1.27 11.65 0.41
CA PRO A 74 -1.49 12.17 1.75
C PRO A 74 -0.57 13.37 2.00
N ALA A 75 -0.86 14.15 3.03
CA ALA A 75 -0.07 15.34 3.36
C ALA A 75 1.30 14.97 3.94
N GLY A 76 1.53 13.67 4.19
CA GLY A 76 2.79 13.20 4.75
C GLY A 76 3.90 13.17 3.69
N ASN A 77 5.15 12.99 4.14
CA ASN A 77 6.31 12.97 3.25
C ASN A 77 6.41 11.64 2.51
N ASN A 78 6.93 11.67 1.29
CA ASN A 78 7.10 10.48 0.47
C ASN A 78 8.31 9.66 0.95
N ASP A 79 9.11 10.23 1.86
CA ASP A 79 10.32 9.59 2.35
C ASP A 79 10.05 8.38 3.25
N CYS A 80 8.79 8.17 3.63
CA CYS A 80 8.38 7.06 4.47
C CYS A 80 7.15 6.37 3.90
N ARG A 81 6.76 6.73 2.67
CA ARG A 81 5.59 6.21 2.01
C ARG A 81 5.97 5.16 0.97
N ILE A 82 5.09 4.18 0.76
CA ILE A 82 5.31 3.10 -0.19
C ILE A 82 4.06 2.93 -1.06
N TYR A 83 4.14 1.97 -2.00
CA TYR A 83 3.10 1.72 -2.98
C TYR A 83 2.48 0.32 -2.89
N VAL A 84 1.26 0.18 -3.40
CA VAL A 84 0.54 -1.08 -3.37
C VAL A 84 -0.10 -1.38 -4.73
N GLY A 85 0.22 -2.54 -5.31
CA GLY A 85 -0.28 -2.91 -6.63
C GLY A 85 -0.87 -4.32 -6.61
N ASN A 86 -1.60 -4.66 -7.68
CA ASN A 86 -2.32 -5.91 -7.84
C ASN A 86 -3.43 -6.07 -6.79
N LEU A 87 -3.99 -4.95 -6.32
CA LEU A 87 -5.12 -4.99 -5.40
C LEU A 87 -6.36 -5.49 -6.14
N PRO A 88 -7.22 -6.29 -5.48
CA PRO A 88 -8.48 -6.74 -6.03
C PRO A 88 -9.38 -5.56 -6.36
N PRO A 89 -10.36 -5.74 -7.26
CA PRO A 89 -11.31 -4.72 -7.63
C PRO A 89 -12.29 -4.46 -6.48
N ASP A 90 -12.39 -5.41 -5.55
CA ASP A 90 -13.26 -5.29 -4.39
C ASP A 90 -12.55 -4.77 -3.14
N ILE A 91 -11.34 -4.23 -3.32
CA ILE A 91 -10.53 -3.74 -2.22
C ILE A 91 -11.25 -2.61 -1.47
N ARG A 92 -10.94 -2.45 -0.18
CA ARG A 92 -11.51 -1.41 0.65
C ARG A 92 -10.45 -0.89 1.61
N THR A 93 -10.54 0.39 1.99
CA THR A 93 -9.52 1.02 2.82
C THR A 93 -9.28 0.34 4.17
N LYS A 94 -10.30 -0.35 4.69
CA LYS A 94 -10.18 -1.02 5.98
C LYS A 94 -9.27 -2.26 5.86
N ASP A 95 -9.24 -2.88 4.68
CA ASP A 95 -8.43 -4.08 4.48
C ASP A 95 -6.96 -3.68 4.57
N ILE A 96 -6.65 -2.43 4.20
CA ILE A 96 -5.29 -1.92 4.26
C ILE A 96 -4.93 -1.60 5.71
N GLU A 97 -5.91 -1.16 6.51
CA GLU A 97 -5.68 -0.80 7.90
C GLU A 97 -5.50 -2.03 8.78
N ASP A 98 -5.88 -3.21 8.27
CA ASP A 98 -5.66 -4.47 8.97
C ASP A 98 -4.34 -5.12 8.60
N VAL A 99 -4.09 -5.31 7.29
CA VAL A 99 -2.91 -6.04 6.82
C VAL A 99 -1.66 -5.21 7.05
N PHE A 100 -1.65 -3.94 6.61
CA PHE A 100 -0.46 -3.12 6.76
C PHE A 100 -0.17 -2.78 8.21
N SER A 101 -1.21 -2.65 9.04
CA SER A 101 -1.04 -2.39 10.46
C SER A 101 -0.37 -3.58 11.15
N LYS A 102 -0.58 -4.79 10.62
CA LYS A 102 0.10 -5.98 11.13
C LYS A 102 1.57 -5.95 10.74
N TYR A 103 1.89 -5.34 9.60
CA TYR A 103 3.27 -5.18 9.15
C TYR A 103 4.05 -4.04 9.81
N GLY A 104 3.36 -3.05 10.38
CA GLY A 104 4.03 -1.93 11.02
C GLY A 104 3.07 -0.80 11.37
N ALA A 105 3.61 0.29 11.92
CA ALA A 105 2.83 1.45 12.32
C ALA A 105 2.56 2.37 11.13
N ILE A 106 1.41 2.23 10.49
CA ILE A 106 0.99 3.10 9.41
C ILE A 106 0.41 4.40 9.97
N ARG A 107 0.56 5.49 9.23
CA ARG A 107 0.02 6.80 9.58
C ARG A 107 -1.05 7.25 8.58
N ASP A 108 -0.88 6.89 7.31
CA ASP A 108 -1.79 7.33 6.24
C ASP A 108 -1.98 6.31 5.14
N ILE A 109 -3.11 6.40 4.44
CA ILE A 109 -3.45 5.54 3.30
C ILE A 109 -4.03 6.42 2.19
N ASP A 110 -3.85 6.01 0.94
CA ASP A 110 -4.36 6.76 -0.21
C ASP A 110 -4.94 5.80 -1.27
N LEU A 111 -5.77 4.85 -0.84
CA LEU A 111 -6.47 3.99 -1.77
C LEU A 111 -7.42 4.82 -2.63
N LYS A 112 -7.27 4.72 -3.96
CA LYS A 112 -8.13 5.43 -4.90
C LYS A 112 -8.22 4.67 -6.22
N ASN A 113 -9.24 4.98 -7.01
CA ASN A 113 -9.48 4.30 -8.27
C ASN A 113 -8.41 4.64 -9.30
N ARG A 114 -8.25 3.77 -10.30
CA ARG A 114 -7.30 3.96 -11.38
C ARG A 114 -8.01 4.56 -12.59
N ARG A 115 -8.29 5.87 -12.53
CA ARG A 115 -9.08 6.55 -13.56
C ARG A 115 -10.45 5.88 -13.71
N GLY A 116 -10.93 5.22 -12.65
CA GLY A 116 -12.19 4.48 -12.66
C GLY A 116 -11.96 2.97 -12.84
N GLY A 117 -10.72 2.58 -13.16
CA GLY A 117 -10.34 1.18 -13.29
C GLY A 117 -9.95 0.58 -11.95
N PRO A 118 -9.35 -0.62 -11.96
CA PRO A 118 -8.93 -1.34 -10.77
C PRO A 118 -8.05 -0.46 -9.88
N PRO A 119 -8.48 -0.20 -8.64
CA PRO A 119 -7.82 0.73 -7.72
C PRO A 119 -6.35 0.40 -7.46
N PHE A 120 -5.63 1.37 -6.93
CA PHE A 120 -4.24 1.23 -6.52
C PHE A 120 -4.10 2.18 -5.32
N ALA A 121 -3.04 2.02 -4.52
CA ALA A 121 -2.95 2.76 -3.28
C ALA A 121 -1.51 3.04 -2.87
N PHE A 122 -1.37 4.00 -1.95
CA PHE A 122 -0.12 4.27 -1.26
C PHE A 122 -0.34 4.13 0.24
N VAL A 123 0.72 3.83 0.98
CA VAL A 123 0.65 3.65 2.42
C VAL A 123 1.89 4.28 3.05
N GLU A 124 1.68 5.08 4.10
CA GLU A 124 2.77 5.83 4.70
C GLU A 124 3.01 5.39 6.14
N PHE A 125 4.27 5.16 6.48
CA PHE A 125 4.69 4.65 7.78
C PHE A 125 5.19 5.71 8.76
N GLU A 126 5.19 5.38 10.05
CA GLU A 126 5.78 6.22 11.08
C GLU A 126 7.30 5.99 11.13
N ASP A 127 7.76 4.87 10.56
CA ASP A 127 9.17 4.51 10.56
C ASP A 127 9.46 3.66 9.33
N PRO A 128 10.38 4.08 8.45
CA PRO A 128 10.67 3.40 7.20
C PRO A 128 11.30 2.03 7.43
N ARG A 129 11.75 1.75 8.66
CA ARG A 129 12.30 0.44 8.99
C ARG A 129 11.19 -0.60 9.06
N ASP A 130 9.95 -0.16 9.32
CA ASP A 130 8.80 -1.06 9.33
C ASP A 130 8.19 -1.17 7.93
N ALA A 131 8.37 -0.13 7.11
CA ALA A 131 7.90 -0.14 5.74
C ALA A 131 8.68 -1.16 4.90
N GLU A 132 9.91 -1.45 5.34
CA GLU A 132 10.75 -2.42 4.66
C GLU A 132 10.20 -3.84 4.86
N ASP A 133 9.55 -4.09 6.00
CA ASP A 133 8.97 -5.39 6.29
C ASP A 133 7.66 -5.61 5.52
N ALA A 134 6.87 -4.55 5.36
CA ALA A 134 5.63 -4.61 4.61
C ALA A 134 5.92 -4.85 3.12
N VAL A 135 7.08 -4.41 2.66
CA VAL A 135 7.48 -4.59 1.28
C VAL A 135 8.17 -5.94 1.12
N SER A 136 9.06 -6.29 2.05
CA SER A 136 9.84 -7.52 1.94
C SER A 136 8.93 -8.75 2.07
N GLY A 137 7.74 -8.58 2.66
CA GLY A 137 6.83 -9.69 2.87
C GLY A 137 5.85 -9.88 1.72
N ARG A 138 5.71 -8.88 0.82
CA ARG A 138 4.67 -8.90 -0.19
C ARG A 138 5.10 -8.24 -1.51
N ASP A 139 6.41 -8.11 -1.74
CA ASP A 139 6.93 -7.54 -2.98
C ASP A 139 6.74 -8.46 -4.19
N GLY A 140 6.17 -9.65 -3.98
CA GLY A 140 5.94 -10.60 -5.04
C GLY A 140 5.44 -11.93 -4.47
N TYR A 141 4.12 -12.07 -4.36
CA TYR A 141 3.48 -13.28 -3.91
C TYR A 141 2.53 -13.88 -4.93
N ASP A 142 2.58 -15.21 -5.11
CA ASP A 142 1.79 -15.92 -6.10
C ASP A 142 0.30 -15.90 -5.76
N TYR A 143 -0.42 -14.91 -6.30
CA TYR A 143 -1.85 -14.76 -6.11
C TYR A 143 -2.57 -15.63 -7.14
N ASP A 144 -3.90 -15.56 -7.16
CA ASP A 144 -4.73 -16.29 -8.09
C ASP A 144 -4.55 -15.81 -9.54
N GLY A 145 -3.51 -16.30 -10.21
CA GLY A 145 -3.24 -15.95 -11.60
C GLY A 145 -2.47 -14.63 -11.71
N TYR A 146 -2.09 -14.04 -10.58
CA TYR A 146 -1.37 -12.77 -10.54
C TYR A 146 -0.26 -12.76 -9.50
N ARG A 147 0.39 -11.61 -9.31
CA ARG A 147 1.45 -11.46 -8.33
C ARG A 147 1.34 -10.10 -7.64
N LEU A 148 1.48 -10.09 -6.31
CA LEU A 148 1.39 -8.86 -5.52
C LEU A 148 2.53 -7.91 -5.88
N ARG A 149 2.30 -6.61 -5.73
CA ARG A 149 3.31 -5.60 -6.01
C ARG A 149 3.36 -4.55 -4.91
N VAL A 150 3.56 -5.00 -3.67
CA VAL A 150 3.75 -4.12 -2.53
C VAL A 150 5.20 -3.67 -2.46
N GLU A 151 5.50 -2.51 -3.04
CA GLU A 151 6.86 -1.97 -3.07
C GLU A 151 6.83 -0.45 -3.14
N PHE A 152 7.94 0.19 -2.78
CA PHE A 152 8.05 1.64 -2.83
C PHE A 152 8.25 2.23 -4.22
N PRO A 153 7.87 3.51 -4.43
CA PRO A 153 8.07 4.22 -5.67
C PRO A 153 9.54 4.19 -6.10
N VAL A 70 -2.19 20.79 3.52
CA VAL A 70 -2.30 20.29 2.14
C VAL A 70 -2.71 18.81 2.11
N ILE A 71 -3.52 18.43 1.11
CA ILE A 71 -3.97 17.05 0.98
C ILE A 71 -2.79 16.16 0.60
N ARG A 72 -2.85 14.86 0.95
CA ARG A 72 -1.76 13.93 0.72
C ARG A 72 -1.49 13.71 -0.78
N GLY A 73 -0.41 13.00 -1.08
CA GLY A 73 -0.07 12.63 -2.44
C GLY A 73 0.41 13.79 -3.32
N PRO A 74 1.02 14.86 -2.77
CA PRO A 74 1.50 15.98 -3.58
C PRO A 74 2.72 15.55 -4.39
N ALA A 75 3.44 14.53 -3.91
CA ALA A 75 4.62 14.01 -4.58
C ALA A 75 4.93 12.60 -4.05
N GLY A 76 5.68 11.82 -4.84
CA GLY A 76 6.04 10.46 -4.46
C GLY A 76 7.23 10.43 -3.51
N ASN A 77 7.86 11.59 -3.26
CA ASN A 77 9.03 11.68 -2.41
C ASN A 77 8.66 11.84 -0.93
N ASN A 78 7.39 11.70 -0.59
CA ASN A 78 6.91 11.88 0.78
C ASN A 78 7.53 10.79 1.67
N ASP A 79 7.76 11.12 2.95
CA ASP A 79 8.44 10.23 3.87
C ASP A 79 7.56 9.13 4.43
N CYS A 80 8.18 7.97 4.73
CA CYS A 80 7.56 6.82 5.38
C CYS A 80 6.34 6.25 4.63
N ARG A 81 6.00 6.80 3.46
CA ARG A 81 4.92 6.27 2.64
C ARG A 81 5.38 5.12 1.78
N ILE A 82 4.48 4.17 1.55
CA ILE A 82 4.69 3.05 0.64
C ILE A 82 3.49 2.93 -0.29
N TYR A 83 3.61 2.05 -1.28
CA TYR A 83 2.58 1.82 -2.28
C TYR A 83 2.07 0.38 -2.33
N VAL A 84 0.80 0.23 -2.72
CA VAL A 84 0.16 -1.07 -2.83
C VAL A 84 -0.68 -1.11 -4.11
N GLY A 85 -0.70 -2.25 -4.80
CA GLY A 85 -1.40 -2.36 -6.07
C GLY A 85 -1.92 -3.77 -6.31
N ASN A 86 -2.72 -3.92 -7.37
CA ASN A 86 -3.40 -5.16 -7.72
C ASN A 86 -4.33 -5.63 -6.59
N LEU A 87 -4.90 -4.68 -5.84
CA LEU A 87 -5.89 -5.01 -4.82
C LEU A 87 -7.13 -5.60 -5.50
N PRO A 88 -7.84 -6.51 -4.80
CA PRO A 88 -9.00 -7.17 -5.36
C PRO A 88 -10.15 -6.18 -5.61
N PRO A 89 -11.06 -6.50 -6.53
CA PRO A 89 -12.20 -5.65 -6.90
C PRO A 89 -13.17 -5.41 -5.73
N ASP A 90 -12.92 -6.04 -4.58
CA ASP A 90 -13.81 -5.95 -3.43
C ASP A 90 -12.99 -5.74 -2.17
N ILE A 91 -11.83 -5.08 -2.30
CA ILE A 91 -10.98 -4.77 -1.16
C ILE A 91 -11.73 -3.89 -0.18
N ARG A 92 -11.61 -4.17 1.13
CA ARG A 92 -12.28 -3.39 2.15
C ARG A 92 -11.31 -2.37 2.74
N THR A 93 -11.84 -1.26 3.26
CA THR A 93 -11.02 -0.24 3.89
C THR A 93 -10.38 -0.72 5.20
N LYS A 94 -10.97 -1.74 5.82
CA LYS A 94 -10.48 -2.28 7.08
C LYS A 94 -9.33 -3.25 6.85
N ASP A 95 -9.27 -3.89 5.68
CA ASP A 95 -8.25 -4.88 5.39
C ASP A 95 -6.85 -4.27 5.37
N ILE A 96 -6.76 -2.98 5.01
CA ILE A 96 -5.48 -2.29 4.93
C ILE A 96 -4.98 -1.97 6.34
N GLU A 97 -5.87 -1.93 7.33
CA GLU A 97 -5.49 -1.65 8.70
C GLU A 97 -4.88 -2.88 9.34
N ASP A 98 -5.53 -4.03 9.21
CA ASP A 98 -5.09 -5.24 9.88
C ASP A 98 -3.76 -5.75 9.38
N VAL A 99 -3.56 -5.77 8.05
CA VAL A 99 -2.35 -6.31 7.47
C VAL A 99 -1.18 -5.37 7.77
N PHE A 100 -1.33 -4.09 7.45
CA PHE A 100 -0.22 -3.15 7.60
C PHE A 100 0.05 -2.76 9.04
N SER A 101 -0.96 -2.86 9.92
CA SER A 101 -0.74 -2.64 11.34
C SER A 101 0.10 -3.77 11.93
N LYS A 102 -0.04 -4.99 11.38
CA LYS A 102 0.79 -6.09 11.80
C LYS A 102 2.23 -5.85 11.34
N TYR A 103 2.41 -5.15 10.20
CA TYR A 103 3.74 -4.76 9.75
C TYR A 103 4.39 -3.61 10.52
N GLY A 104 3.60 -2.81 11.24
CA GLY A 104 4.14 -1.74 12.07
C GLY A 104 3.09 -0.67 12.38
N ALA A 105 3.50 0.38 13.10
CA ALA A 105 2.61 1.45 13.48
C ALA A 105 2.29 2.34 12.28
N ILE A 106 1.00 2.47 11.96
CA ILE A 106 0.54 3.25 10.82
C ILE A 106 0.21 4.68 11.23
N ARG A 107 0.56 5.65 10.38
CA ARG A 107 0.14 7.03 10.53
C ARG A 107 -1.12 7.30 9.70
N ASP A 108 -1.20 6.70 8.50
CA ASP A 108 -2.28 6.99 7.58
C ASP A 108 -2.50 5.84 6.61
N ILE A 109 -3.72 5.76 6.05
CA ILE A 109 -4.10 4.79 5.04
C ILE A 109 -4.84 5.51 3.92
N ASP A 110 -4.62 5.09 2.68
CA ASP A 110 -5.18 5.77 1.53
C ASP A 110 -5.55 4.78 0.43
N LEU A 111 -6.53 3.91 0.70
CA LEU A 111 -7.13 3.09 -0.34
C LEU A 111 -7.70 4.03 -1.41
N LYS A 112 -7.45 3.73 -2.69
CA LYS A 112 -7.73 4.66 -3.77
C LYS A 112 -8.24 3.94 -5.02
N ASN A 113 -8.83 4.69 -5.94
CA ASN A 113 -9.49 4.16 -7.12
C ASN A 113 -9.26 5.06 -8.34
N ARG A 114 -10.16 4.99 -9.32
CA ARG A 114 -10.04 5.65 -10.62
C ARG A 114 -8.84 5.12 -11.41
N ARG A 115 -8.70 5.60 -12.66
CA ARG A 115 -7.75 5.07 -13.65
C ARG A 115 -8.06 3.61 -13.98
N GLY A 116 -7.59 3.14 -15.13
CA GLY A 116 -7.81 1.77 -15.57
C GLY A 116 -7.09 0.77 -14.67
N GLY A 117 -7.38 -0.51 -14.86
CA GLY A 117 -6.78 -1.58 -14.07
C GLY A 117 -7.41 -1.67 -12.67
N PRO A 118 -6.89 -2.58 -11.84
CA PRO A 118 -7.36 -2.80 -10.48
C PRO A 118 -7.06 -1.60 -9.58
N PRO A 119 -7.76 -1.50 -8.44
CA PRO A 119 -7.55 -0.44 -7.46
C PRO A 119 -6.15 -0.55 -6.84
N PHE A 120 -5.74 0.50 -6.13
CA PHE A 120 -4.40 0.57 -5.55
C PHE A 120 -4.51 1.48 -4.33
N ALA A 121 -3.43 1.59 -3.55
CA ALA A 121 -3.48 2.34 -2.30
C ALA A 121 -2.10 2.82 -1.87
N PHE A 122 -2.08 3.71 -0.87
CA PHE A 122 -0.86 4.15 -0.20
C PHE A 122 -1.00 3.97 1.31
N VAL A 123 0.13 3.87 2.00
CA VAL A 123 0.16 3.69 3.44
C VAL A 123 1.35 4.48 4.00
N GLU A 124 1.19 5.10 5.16
CA GLU A 124 2.29 5.83 5.79
C GLU A 124 2.61 5.21 7.15
N PHE A 125 3.87 4.83 7.35
CA PHE A 125 4.33 4.33 8.64
C PHE A 125 4.86 5.40 9.60
N GLU A 126 4.94 5.06 10.89
CA GLU A 126 5.51 5.95 11.90
C GLU A 126 7.02 6.03 11.75
N ASP A 127 7.63 4.99 11.14
CA ASP A 127 9.06 4.90 10.91
C ASP A 127 9.40 4.22 9.58
N PRO A 128 10.53 4.55 8.98
CA PRO A 128 10.98 3.95 7.73
C PRO A 128 11.34 2.48 7.93
N ARG A 129 11.57 2.08 9.19
CA ARG A 129 11.88 0.70 9.53
C ARG A 129 10.65 -0.17 9.31
N ASP A 130 9.48 0.34 9.68
CA ASP A 130 8.24 -0.40 9.53
C ASP A 130 7.76 -0.41 8.08
N ALA A 131 8.16 0.60 7.31
CA ALA A 131 7.84 0.67 5.90
C ALA A 131 8.66 -0.36 5.13
N GLU A 132 9.91 -0.58 5.55
CA GLU A 132 10.78 -1.57 4.92
C GLU A 132 10.29 -2.97 5.21
N ASP A 133 9.67 -3.18 6.38
CA ASP A 133 9.17 -4.49 6.76
C ASP A 133 7.93 -4.91 5.97
N ALA A 134 7.06 -3.94 5.64
CA ALA A 134 5.87 -4.22 4.86
C ALA A 134 6.25 -4.52 3.41
N VAL A 135 7.32 -3.89 2.92
CA VAL A 135 7.80 -4.11 1.55
C VAL A 135 8.61 -5.41 1.51
N SER A 136 9.28 -5.75 2.60
CA SER A 136 10.07 -6.97 2.69
C SER A 136 9.18 -8.18 2.95
N GLY A 137 7.90 -7.94 3.25
CA GLY A 137 6.95 -9.00 3.54
C GLY A 137 6.69 -9.86 2.31
N ARG A 138 5.88 -9.36 1.38
CA ARG A 138 5.57 -10.06 0.14
C ARG A 138 5.14 -9.07 -0.93
N ASP A 139 5.72 -9.19 -2.13
CA ASP A 139 5.38 -8.36 -3.27
C ASP A 139 5.68 -9.14 -4.54
N GLY A 140 5.21 -8.62 -5.69
CA GLY A 140 5.52 -9.19 -6.99
C GLY A 140 5.06 -10.64 -7.10
N TYR A 141 3.88 -10.96 -6.56
CA TYR A 141 3.43 -12.34 -6.45
C TYR A 141 2.47 -12.75 -7.57
N ASP A 142 2.73 -13.92 -8.16
CA ASP A 142 1.96 -14.45 -9.27
C ASP A 142 0.50 -14.71 -8.88
N TYR A 143 -0.39 -13.85 -9.38
CA TYR A 143 -1.82 -13.97 -9.15
C TYR A 143 -2.58 -14.27 -10.44
N ASP A 144 -3.87 -14.59 -10.34
CA ASP A 144 -4.67 -14.92 -11.50
C ASP A 144 -4.75 -13.76 -12.51
N GLY A 145 -3.96 -13.85 -13.58
CA GLY A 145 -3.94 -12.85 -14.64
C GLY A 145 -3.18 -11.58 -14.25
N TYR A 146 -2.75 -11.47 -12.99
CA TYR A 146 -2.06 -10.28 -12.49
C TYR A 146 -0.89 -10.61 -11.55
N ARG A 147 -0.34 -9.58 -10.90
CA ARG A 147 0.79 -9.71 -10.01
C ARG A 147 0.69 -8.66 -8.91
N LEU A 148 0.82 -9.07 -7.64
CA LEU A 148 0.66 -8.19 -6.51
C LEU A 148 1.79 -7.16 -6.48
N ARG A 149 1.52 -5.97 -5.95
CA ARG A 149 2.57 -4.98 -5.72
C ARG A 149 2.49 -4.44 -4.30
N VAL A 150 3.65 -4.44 -3.62
CA VAL A 150 3.81 -3.84 -2.30
C VAL A 150 5.21 -3.25 -2.18
N GLU A 151 5.40 -2.04 -2.74
CA GLU A 151 6.71 -1.42 -2.80
C GLU A 151 6.59 0.10 -2.63
N PHE A 152 7.72 0.77 -2.42
CA PHE A 152 7.76 2.22 -2.27
C PHE A 152 7.30 2.99 -3.51
N PRO A 153 6.78 4.21 -3.34
CA PRO A 153 6.41 5.09 -4.44
C PRO A 153 7.64 5.54 -5.22
N VAL A 70 -8.19 15.57 -4.42
CA VAL A 70 -7.59 16.92 -4.43
C VAL A 70 -6.08 16.87 -4.23
N ILE A 71 -5.63 16.43 -3.06
CA ILE A 71 -4.21 16.33 -2.75
C ILE A 71 -3.58 15.18 -3.54
N ARG A 72 -2.30 15.32 -3.89
CA ARG A 72 -1.58 14.31 -4.66
C ARG A 72 -1.50 12.99 -3.89
N GLY A 73 -1.13 13.04 -2.62
CA GLY A 73 -0.86 11.84 -1.84
C GLY A 73 -1.00 12.11 -0.35
N PRO A 74 -0.43 11.24 0.49
CA PRO A 74 -0.46 11.36 1.94
C PRO A 74 0.08 12.71 2.40
N ALA A 75 0.98 13.31 1.62
CA ALA A 75 1.52 14.64 1.85
C ALA A 75 2.11 14.80 3.27
N GLY A 76 2.44 13.69 3.94
CA GLY A 76 3.03 13.74 5.27
C GLY A 76 4.47 14.25 5.19
N ASN A 77 4.93 14.88 6.28
CA ASN A 77 6.27 15.45 6.34
C ASN A 77 7.34 14.37 6.46
N ASN A 78 6.94 13.14 6.80
CA ASN A 78 7.88 12.04 6.95
C ASN A 78 8.08 11.33 5.61
N ASP A 79 9.18 10.57 5.49
CA ASP A 79 9.44 9.72 4.35
C ASP A 79 8.69 8.39 4.53
N CYS A 80 9.33 7.27 4.18
CA CYS A 80 8.78 5.94 4.38
C CYS A 80 7.48 5.70 3.60
N ARG A 81 7.17 6.56 2.62
CA ARG A 81 6.05 6.34 1.74
C ARG A 81 6.33 5.19 0.77
N ILE A 82 5.30 4.40 0.45
CA ILE A 82 5.40 3.30 -0.50
C ILE A 82 4.14 3.29 -1.38
N TYR A 83 4.18 2.44 -2.40
CA TYR A 83 3.10 2.28 -3.36
C TYR A 83 2.43 0.91 -3.31
N VAL A 84 1.14 0.87 -3.68
CA VAL A 84 0.37 -0.35 -3.70
C VAL A 84 -0.49 -0.40 -4.96
N GLY A 85 -0.67 -1.59 -5.53
CA GLY A 85 -1.43 -1.74 -6.76
C GLY A 85 -2.00 -3.15 -6.89
N ASN A 86 -2.76 -3.38 -7.98
CA ASN A 86 -3.52 -4.61 -8.21
C ASN A 86 -4.59 -4.81 -7.13
N LEU A 87 -5.48 -5.77 -7.36
CA LEU A 87 -6.53 -6.11 -6.41
C LEU A 87 -5.90 -6.58 -5.10
N PRO A 88 -6.54 -6.29 -3.96
CA PRO A 88 -6.02 -6.62 -2.64
C PRO A 88 -6.05 -8.13 -2.41
N PRO A 89 -5.25 -8.62 -1.45
CA PRO A 89 -5.18 -10.02 -1.08
C PRO A 89 -6.46 -10.45 -0.36
N ASP A 90 -7.32 -9.48 -0.02
CA ASP A 90 -8.60 -9.75 0.61
C ASP A 90 -9.58 -8.65 0.19
N ILE A 91 -10.81 -9.04 -0.21
CA ILE A 91 -11.76 -8.11 -0.79
C ILE A 91 -12.47 -7.30 0.30
N ARG A 92 -11.80 -6.25 0.78
CA ARG A 92 -12.38 -5.27 1.67
C ARG A 92 -11.57 -3.98 1.63
N THR A 93 -12.24 -2.84 1.76
CA THR A 93 -11.58 -1.54 1.71
C THR A 93 -10.74 -1.25 2.96
N LYS A 94 -10.92 -2.05 4.02
CA LYS A 94 -10.17 -1.89 5.26
C LYS A 94 -8.81 -2.59 5.14
N ASP A 95 -8.56 -3.27 4.03
CA ASP A 95 -7.32 -4.01 3.82
C ASP A 95 -6.08 -3.16 4.04
N ILE A 96 -6.09 -1.93 3.49
CA ILE A 96 -4.95 -1.04 3.54
C ILE A 96 -4.85 -0.35 4.91
N GLU A 97 -5.85 -0.57 5.77
CA GLU A 97 -5.88 0.02 7.11
C GLU A 97 -5.81 -1.05 8.20
N ASP A 98 -5.70 -2.32 7.81
CA ASP A 98 -5.63 -3.42 8.76
C ASP A 98 -4.40 -4.31 8.54
N VAL A 99 -4.23 -4.82 7.32
CA VAL A 99 -3.11 -5.72 7.03
C VAL A 99 -1.81 -4.92 7.05
N PHE A 100 -1.80 -3.71 6.48
CA PHE A 100 -0.62 -2.87 6.54
C PHE A 100 -0.32 -2.37 7.94
N SER A 101 -1.35 -2.26 8.77
CA SER A 101 -1.20 -1.85 10.16
C SER A 101 -0.56 -2.97 10.98
N LYS A 102 -0.67 -4.21 10.49
CA LYS A 102 -0.01 -5.35 11.10
C LYS A 102 1.47 -5.35 10.71
N TYR A 103 1.78 -4.83 9.52
CA TYR A 103 3.16 -4.65 9.09
C TYR A 103 3.90 -3.53 9.84
N GLY A 104 3.15 -2.57 10.38
CA GLY A 104 3.73 -1.52 11.21
C GLY A 104 2.77 -0.35 11.38
N ALA A 105 3.14 0.62 12.22
CA ALA A 105 2.31 1.78 12.47
C ALA A 105 2.29 2.69 11.25
N ILE A 106 1.10 3.00 10.75
CA ILE A 106 0.94 3.85 9.57
C ILE A 106 0.60 5.27 10.01
N ARG A 107 1.20 6.25 9.34
CA ARG A 107 0.90 7.66 9.56
C ARG A 107 -0.29 8.08 8.71
N ASP A 108 -0.31 7.65 7.45
CA ASP A 108 -1.34 8.03 6.48
C ASP A 108 -1.59 7.00 5.37
N ILE A 109 -2.77 7.09 4.75
CA ILE A 109 -3.18 6.24 3.65
C ILE A 109 -3.71 7.10 2.50
N ASP A 110 -3.52 6.64 1.26
CA ASP A 110 -4.04 7.33 0.09
C ASP A 110 -4.58 6.34 -0.94
N LEU A 111 -5.64 5.60 -0.59
CA LEU A 111 -6.35 4.79 -1.56
C LEU A 111 -6.91 5.71 -2.65
N LYS A 112 -6.74 5.32 -3.92
CA LYS A 112 -7.09 6.18 -5.04
C LYS A 112 -7.66 5.36 -6.20
N ASN A 113 -8.53 5.98 -7.01
CA ASN A 113 -9.13 5.34 -8.17
C ASN A 113 -8.12 5.26 -9.32
N ARG A 114 -8.37 4.35 -10.27
CA ARG A 114 -7.55 4.18 -11.46
C ARG A 114 -8.42 3.70 -12.63
N ARG A 115 -8.07 4.13 -13.84
CA ARG A 115 -8.82 3.78 -15.05
C ARG A 115 -8.03 2.75 -15.87
N GLY A 116 -8.75 1.87 -16.58
CA GLY A 116 -8.13 0.90 -17.46
C GLY A 116 -7.43 -0.23 -16.68
N GLY A 117 -7.59 -0.23 -15.35
CA GLY A 117 -6.97 -1.25 -14.51
C GLY A 117 -7.44 -1.12 -13.06
N PRO A 118 -7.03 -2.05 -12.20
CA PRO A 118 -7.39 -2.07 -10.78
C PRO A 118 -6.93 -0.81 -10.07
N PRO A 119 -7.56 -0.47 -8.93
CA PRO A 119 -7.19 0.66 -8.10
C PRO A 119 -5.74 0.54 -7.61
N PHE A 120 -5.21 1.62 -7.04
CA PHE A 120 -3.84 1.65 -6.52
C PHE A 120 -3.86 2.65 -5.37
N ALA A 121 -2.78 2.69 -4.57
CA ALA A 121 -2.74 3.53 -3.40
C ALA A 121 -1.31 3.83 -2.97
N PHE A 122 -1.17 4.75 -2.01
CA PHE A 122 0.09 5.00 -1.34
C PHE A 122 -0.07 4.83 0.17
N VAL A 123 1.01 4.51 0.87
CA VAL A 123 0.99 4.28 2.30
C VAL A 123 2.21 4.94 2.91
N GLU A 124 2.05 5.58 4.07
CA GLU A 124 3.16 6.27 4.73
C GLU A 124 3.37 5.69 6.12
N PHE A 125 4.47 4.94 6.31
CA PHE A 125 4.82 4.37 7.60
C PHE A 125 5.48 5.34 8.57
N GLU A 126 5.46 4.99 9.86
CA GLU A 126 6.14 5.77 10.89
C GLU A 126 7.65 5.52 10.84
N ASP A 127 8.06 4.31 10.44
CA ASP A 127 9.46 3.90 10.37
C ASP A 127 9.79 3.20 9.05
N PRO A 128 11.05 3.31 8.59
CA PRO A 128 11.49 2.70 7.35
C PRO A 128 11.56 1.17 7.49
N ARG A 129 11.66 0.68 8.73
CA ARG A 129 11.71 -0.75 8.99
C ARG A 129 10.34 -1.38 8.76
N ASP A 130 9.27 -0.59 8.95
CA ASP A 130 7.91 -1.07 8.75
C ASP A 130 7.55 -1.08 7.27
N ALA A 131 8.11 -0.14 6.50
CA ALA A 131 7.86 -0.06 5.08
C ALA A 131 8.53 -1.21 4.34
N GLU A 132 9.72 -1.60 4.78
CA GLU A 132 10.45 -2.69 4.14
C GLU A 132 9.74 -4.01 4.37
N ASP A 133 9.10 -4.18 5.53
CA ASP A 133 8.40 -5.41 5.87
C ASP A 133 7.11 -5.60 5.08
N ALA A 134 6.39 -4.50 4.80
CA ALA A 134 5.16 -4.56 4.02
C ALA A 134 5.47 -4.85 2.56
N VAL A 135 6.65 -4.42 2.09
CA VAL A 135 7.06 -4.63 0.72
C VAL A 135 7.47 -6.09 0.54
N SER A 136 8.35 -6.60 1.41
CA SER A 136 8.85 -7.96 1.27
C SER A 136 7.80 -9.00 1.66
N GLY A 137 6.68 -8.55 2.26
CA GLY A 137 5.68 -9.47 2.79
C GLY A 137 4.50 -9.68 1.84
N ARG A 138 4.37 -8.90 0.76
CA ARG A 138 3.18 -8.99 -0.08
C ARG A 138 3.45 -8.61 -1.55
N ASP A 139 4.61 -8.00 -1.84
CA ASP A 139 4.89 -7.56 -3.20
C ASP A 139 5.04 -8.77 -4.12
N GLY A 140 4.59 -8.63 -5.37
CA GLY A 140 4.77 -9.64 -6.40
C GLY A 140 4.15 -10.97 -6.00
N TYR A 141 2.96 -10.94 -5.40
CA TYR A 141 2.33 -12.14 -4.86
C TYR A 141 1.28 -12.73 -5.77
N ASP A 142 1.34 -14.06 -5.97
CA ASP A 142 0.43 -14.78 -6.84
C ASP A 142 -1.03 -14.68 -6.37
N TYR A 143 -1.82 -13.88 -7.08
CA TYR A 143 -3.23 -13.70 -6.81
C TYR A 143 -4.10 -14.32 -7.91
N ASP A 144 -5.40 -14.40 -7.68
CA ASP A 144 -6.33 -14.97 -8.65
C ASP A 144 -6.34 -14.19 -9.97
N GLY A 145 -5.58 -14.70 -10.96
CA GLY A 145 -5.52 -14.10 -12.29
C GLY A 145 -4.58 -12.90 -12.36
N TYR A 146 -4.02 -12.47 -11.23
CA TYR A 146 -3.14 -11.31 -11.18
C TYR A 146 -1.97 -11.48 -10.21
N ARG A 147 -1.24 -10.39 -9.95
CA ARG A 147 -0.07 -10.40 -9.08
C ARG A 147 0.03 -9.07 -8.34
N LEU A 148 0.18 -9.13 -7.02
CA LEU A 148 0.16 -7.95 -6.17
C LEU A 148 1.32 -7.01 -6.50
N ARG A 149 1.12 -5.72 -6.22
CA ARG A 149 2.16 -4.70 -6.35
C ARG A 149 2.28 -3.98 -5.02
N VAL A 150 3.44 -4.08 -4.38
CA VAL A 150 3.72 -3.39 -3.12
C VAL A 150 5.18 -2.95 -3.05
N GLU A 151 5.50 -1.83 -3.69
CA GLU A 151 6.87 -1.35 -3.79
C GLU A 151 6.93 0.17 -3.69
N PHE A 152 8.15 0.70 -3.53
CA PHE A 152 8.35 2.14 -3.44
C PHE A 152 7.99 2.92 -4.72
N PRO A 153 7.59 4.19 -4.59
CA PRO A 153 7.29 5.06 -5.70
C PRO A 153 8.58 5.39 -6.47
N VAL A 70 -5.11 19.90 1.06
CA VAL A 70 -4.60 19.25 -0.16
C VAL A 70 -4.66 17.73 -0.04
N ILE A 71 -5.00 17.04 -1.15
CA ILE A 71 -5.07 15.59 -1.18
C ILE A 71 -3.68 14.99 -0.97
N ARG A 72 -3.62 13.81 -0.36
CA ARG A 72 -2.35 13.13 -0.10
C ARG A 72 -1.73 12.68 -1.42
N GLY A 73 -0.40 12.75 -1.51
CA GLY A 73 0.33 12.35 -2.70
C GLY A 73 0.99 13.56 -3.37
N PRO A 74 0.20 14.43 -4.02
CA PRO A 74 0.69 15.68 -4.60
C PRO A 74 1.34 16.58 -3.55
N ALA A 75 1.18 16.24 -2.26
CA ALA A 75 1.78 16.99 -1.17
C ALA A 75 2.13 16.04 -0.02
N GLY A 76 3.03 16.47 0.86
CA GLY A 76 3.46 15.67 2.00
C GLY A 76 4.62 16.33 2.73
N ASN A 77 5.10 15.68 3.79
CA ASN A 77 6.20 16.20 4.60
C ASN A 77 7.17 15.08 5.00
N ASN A 78 6.93 13.86 4.51
CA ASN A 78 7.76 12.71 4.84
C ASN A 78 7.86 11.77 3.64
N ASP A 79 9.01 11.11 3.51
CA ASP A 79 9.26 10.18 2.42
C ASP A 79 8.97 8.73 2.81
N CYS A 80 8.35 8.52 3.98
CA CYS A 80 8.09 7.19 4.50
C CYS A 80 6.91 6.51 3.81
N ARG A 81 6.38 7.11 2.73
CA ARG A 81 5.30 6.52 1.97
C ARG A 81 5.81 5.38 1.09
N ILE A 82 4.98 4.36 0.89
CA ILE A 82 5.25 3.28 -0.04
C ILE A 82 4.01 2.98 -0.87
N TYR A 83 4.18 2.19 -1.92
CA TYR A 83 3.14 1.90 -2.90
C TYR A 83 2.58 0.50 -2.84
N VAL A 84 1.30 0.36 -3.19
CA VAL A 84 0.59 -0.91 -3.23
C VAL A 84 -0.27 -0.99 -4.48
N GLY A 85 -0.30 -2.15 -5.13
CA GLY A 85 -1.05 -2.34 -6.36
C GLY A 85 -1.51 -3.78 -6.53
N ASN A 86 -2.28 -4.02 -7.60
CA ASN A 86 -2.90 -5.30 -7.89
C ASN A 86 -3.83 -5.73 -6.75
N LEU A 87 -4.38 -4.77 -6.00
CA LEU A 87 -5.34 -5.06 -4.96
C LEU A 87 -6.61 -5.63 -5.58
N PRO A 88 -7.36 -6.47 -4.84
CA PRO A 88 -8.60 -7.07 -5.31
C PRO A 88 -9.57 -6.01 -5.83
N PRO A 89 -10.29 -6.31 -6.94
CA PRO A 89 -11.28 -5.42 -7.50
C PRO A 89 -12.42 -5.11 -6.54
N ASP A 90 -12.44 -5.79 -5.38
CA ASP A 90 -13.49 -5.64 -4.38
C ASP A 90 -12.93 -5.54 -2.97
N ILE A 91 -11.68 -5.06 -2.85
CA ILE A 91 -11.02 -4.91 -1.55
C ILE A 91 -11.89 -4.06 -0.62
N ARG A 92 -11.93 -4.41 0.66
CA ARG A 92 -12.76 -3.74 1.64
C ARG A 92 -12.10 -2.46 2.11
N THR A 93 -12.91 -1.44 2.42
CA THR A 93 -12.42 -0.13 2.85
C THR A 93 -11.72 -0.12 4.22
N LYS A 94 -11.30 -1.30 4.70
CA LYS A 94 -10.65 -1.43 6.00
C LYS A 94 -9.60 -2.55 5.96
N ASP A 95 -9.74 -3.49 5.02
CA ASP A 95 -8.79 -4.59 4.91
C ASP A 95 -7.40 -4.12 4.47
N ILE A 96 -7.34 -2.96 3.80
CA ILE A 96 -6.09 -2.35 3.38
C ILE A 96 -5.32 -1.82 4.60
N GLU A 97 -6.01 -1.62 5.72
CA GLU A 97 -5.39 -1.20 6.96
C GLU A 97 -5.08 -2.41 7.83
N ASP A 98 -5.85 -3.49 7.68
CA ASP A 98 -5.69 -4.68 8.48
C ASP A 98 -4.34 -5.35 8.25
N VAL A 99 -3.98 -5.58 6.98
CA VAL A 99 -2.73 -6.22 6.65
C VAL A 99 -1.55 -5.34 7.02
N PHE A 100 -1.65 -4.04 6.71
CA PHE A 100 -0.55 -3.13 6.98
C PHE A 100 -0.39 -2.75 8.45
N SER A 101 -1.49 -2.68 9.20
CA SER A 101 -1.39 -2.45 10.63
C SER A 101 -0.79 -3.66 11.33
N LYS A 102 -0.89 -4.84 10.71
CA LYS A 102 -0.22 -6.04 11.22
C LYS A 102 1.29 -5.93 11.01
N TYR A 103 1.71 -5.29 9.91
CA TYR A 103 3.12 -4.97 9.72
C TYR A 103 3.65 -3.89 10.66
N GLY A 104 2.73 -3.11 11.26
CA GLY A 104 3.06 -2.17 12.33
C GLY A 104 3.71 -0.88 11.81
N ALA A 105 3.82 0.10 12.71
CA ALA A 105 4.40 1.42 12.43
C ALA A 105 3.68 2.19 11.32
N ILE A 106 2.42 1.83 11.04
CA ILE A 106 1.60 2.59 10.10
C ILE A 106 1.09 3.85 10.79
N ARG A 107 1.08 4.97 10.05
CA ARG A 107 0.49 6.21 10.53
C ARG A 107 -0.64 6.68 9.64
N ASP A 108 -0.67 6.21 8.37
CA ASP A 108 -1.74 6.52 7.43
C ASP A 108 -1.84 5.52 6.28
N ILE A 109 -3.08 5.33 5.78
CA ILE A 109 -3.36 4.56 4.59
C ILE A 109 -4.04 5.49 3.57
N ASP A 110 -3.88 5.19 2.28
CA ASP A 110 -4.47 6.00 1.23
C ASP A 110 -4.92 5.14 0.04
N LEU A 111 -6.07 4.48 0.18
CA LEU A 111 -6.70 3.76 -0.92
C LEU A 111 -7.14 4.77 -1.97
N LYS A 112 -6.89 4.46 -3.25
CA LYS A 112 -7.13 5.41 -4.33
C LYS A 112 -7.43 4.66 -5.64
N ASN A 113 -7.91 5.39 -6.65
CA ASN A 113 -8.15 4.82 -7.96
C ASN A 113 -8.08 5.92 -9.03
N ARG A 114 -7.80 5.54 -10.27
CA ARG A 114 -7.67 6.47 -11.39
C ARG A 114 -8.03 5.77 -12.71
N ARG A 115 -8.52 4.53 -12.64
CA ARG A 115 -8.76 3.71 -13.82
C ARG A 115 -9.92 2.74 -13.58
N GLY A 116 -10.43 2.14 -14.66
CA GLY A 116 -11.51 1.16 -14.58
C GLY A 116 -10.98 -0.20 -14.14
N GLY A 117 -9.65 -0.35 -14.08
CA GLY A 117 -9.03 -1.58 -13.61
C GLY A 117 -9.05 -1.66 -12.09
N PRO A 118 -8.36 -2.65 -11.51
CA PRO A 118 -8.27 -2.85 -10.07
C PRO A 118 -7.70 -1.61 -9.38
N PRO A 119 -8.08 -1.38 -8.11
CA PRO A 119 -7.63 -0.26 -7.32
C PRO A 119 -6.17 -0.41 -6.91
N PHE A 120 -5.60 0.63 -6.30
CA PHE A 120 -4.24 0.62 -5.81
C PHE A 120 -4.24 1.55 -4.59
N ALA A 121 -3.14 1.60 -3.84
CA ALA A 121 -3.12 2.36 -2.61
C ALA A 121 -1.71 2.78 -2.23
N PHE A 122 -1.62 3.68 -1.24
CA PHE A 122 -0.36 4.05 -0.60
C PHE A 122 -0.41 3.79 0.89
N VAL A 123 0.77 3.63 1.50
CA VAL A 123 0.88 3.38 2.93
C VAL A 123 1.98 4.29 3.48
N GLU A 124 1.78 4.85 4.67
CA GLU A 124 2.72 5.81 5.22
C GLU A 124 3.19 5.37 6.59
N PHE A 125 4.49 5.09 6.69
CA PHE A 125 5.11 4.59 7.91
C PHE A 125 5.65 5.68 8.83
N GLU A 126 5.87 5.35 10.10
CA GLU A 126 6.57 6.22 11.03
C GLU A 126 8.08 6.20 10.72
N ASP A 127 8.56 5.08 10.18
CA ASP A 127 9.95 4.91 9.77
C ASP A 127 10.10 3.87 8.67
N PRO A 128 11.14 3.98 7.83
CA PRO A 128 11.40 3.05 6.75
C PRO A 128 11.89 1.70 7.28
N ARG A 129 12.16 1.62 8.59
CA ARG A 129 12.69 0.40 9.20
C ARG A 129 11.68 -0.75 9.13
N ASP A 130 10.40 -0.44 9.32
CA ASP A 130 9.35 -1.45 9.25
C ASP A 130 8.69 -1.54 7.87
N ALA A 131 8.87 -0.50 7.05
CA ALA A 131 8.32 -0.48 5.71
C ALA A 131 9.00 -1.55 4.85
N GLU A 132 10.26 -1.89 5.18
CA GLU A 132 11.00 -2.90 4.45
C GLU A 132 10.40 -4.29 4.70
N ASP A 133 9.80 -4.50 5.89
CA ASP A 133 9.20 -5.78 6.24
C ASP A 133 7.86 -5.98 5.54
N ALA A 134 7.08 -4.90 5.40
CA ALA A 134 5.80 -4.96 4.70
C ALA A 134 6.04 -5.13 3.21
N VAL A 135 7.18 -4.64 2.71
CA VAL A 135 7.51 -4.76 1.30
C VAL A 135 7.99 -6.20 1.05
N SER A 136 8.94 -6.68 1.86
CA SER A 136 9.54 -8.00 1.65
C SER A 136 8.57 -9.11 2.04
N GLY A 137 7.43 -8.77 2.63
CA GLY A 137 6.48 -9.75 3.14
C GLY A 137 5.30 -10.00 2.19
N ARG A 138 5.16 -9.20 1.12
CA ARG A 138 3.98 -9.33 0.26
C ARG A 138 4.26 -8.90 -1.20
N ASP A 139 5.38 -8.23 -1.45
CA ASP A 139 5.67 -7.76 -2.81
C ASP A 139 5.90 -8.94 -3.73
N GLY A 140 5.42 -8.83 -4.98
CA GLY A 140 5.67 -9.83 -5.99
C GLY A 140 5.06 -11.18 -5.63
N TYR A 141 3.82 -11.19 -5.13
CA TYR A 141 3.19 -12.40 -4.64
C TYR A 141 2.19 -13.02 -5.61
N ASP A 142 2.23 -14.34 -5.72
CA ASP A 142 1.41 -15.10 -6.64
C ASP A 142 -0.08 -14.98 -6.33
N TYR A 143 -0.81 -14.26 -7.20
CA TYR A 143 -2.24 -14.10 -7.11
C TYR A 143 -2.95 -14.71 -8.32
N ASP A 144 -4.27 -14.85 -8.25
CA ASP A 144 -5.05 -15.43 -9.33
C ASP A 144 -4.91 -14.66 -10.64
N GLY A 145 -4.05 -15.15 -11.53
CA GLY A 145 -3.83 -14.57 -12.85
C GLY A 145 -2.92 -13.36 -12.81
N TYR A 146 -2.52 -12.90 -11.62
CA TYR A 146 -1.69 -11.72 -11.45
C TYR A 146 -0.65 -11.85 -10.35
N ARG A 147 0.01 -10.74 -10.00
CA ARG A 147 1.05 -10.71 -8.99
C ARG A 147 0.99 -9.39 -8.22
N LEU A 148 1.01 -9.47 -6.88
CA LEU A 148 0.91 -8.30 -6.01
C LEU A 148 2.10 -7.38 -6.23
N ARG A 149 1.89 -6.09 -5.99
CA ARG A 149 2.96 -5.10 -6.01
C ARG A 149 2.93 -4.30 -4.71
N VAL A 150 4.05 -4.35 -3.98
CA VAL A 150 4.19 -3.65 -2.71
C VAL A 150 5.61 -3.10 -2.59
N GLU A 151 5.86 -1.95 -3.22
CA GLU A 151 7.21 -1.38 -3.27
C GLU A 151 7.18 0.14 -3.13
N PHE A 152 8.35 0.73 -2.84
CA PHE A 152 8.49 2.16 -2.70
C PHE A 152 8.42 2.90 -4.06
N PRO A 153 7.69 4.03 -4.12
CA PRO A 153 7.52 4.81 -5.33
C PRO A 153 8.83 5.50 -5.72
N VAL A 70 -1.99 20.92 1.50
CA VAL A 70 -2.41 20.03 0.39
C VAL A 70 -2.50 18.58 0.84
N ILE A 71 -3.23 17.76 0.09
CA ILE A 71 -3.44 16.35 0.42
C ILE A 71 -2.15 15.56 0.14
N ARG A 72 -2.09 14.32 0.66
CA ARG A 72 -0.95 13.45 0.47
C ARG A 72 -0.83 13.02 -0.99
N GLY A 73 0.40 12.99 -1.51
CA GLY A 73 0.68 12.49 -2.85
C GLY A 73 1.24 13.59 -3.76
N PRO A 74 0.43 14.60 -4.09
CA PRO A 74 0.84 15.74 -4.92
C PRO A 74 2.04 16.50 -4.35
N ALA A 75 2.48 16.17 -3.13
CA ALA A 75 3.61 16.84 -2.50
C ALA A 75 4.38 15.87 -1.61
N GLY A 76 5.66 16.17 -1.38
CA GLY A 76 6.55 15.35 -0.57
C GLY A 76 6.40 15.64 0.92
N ASN A 77 5.26 16.22 1.32
CA ASN A 77 5.02 16.63 2.70
C ASN A 77 4.83 15.44 3.64
N ASN A 78 4.97 14.21 3.13
CA ASN A 78 4.81 13.00 3.93
C ASN A 78 5.96 12.02 3.66
N ASP A 79 6.46 11.40 4.73
CA ASP A 79 7.57 10.47 4.67
C ASP A 79 7.12 9.06 5.05
N CYS A 80 8.03 8.09 4.99
CA CYS A 80 7.77 6.70 5.35
C CYS A 80 6.62 6.08 4.55
N ARG A 81 6.25 6.72 3.43
CA ARG A 81 5.20 6.22 2.55
C ARG A 81 5.68 5.03 1.71
N ILE A 82 4.74 4.16 1.35
CA ILE A 82 4.96 3.08 0.41
C ILE A 82 3.76 3.01 -0.54
N TYR A 83 3.86 2.12 -1.53
CA TYR A 83 2.83 1.94 -2.56
C TYR A 83 2.31 0.52 -2.69
N VAL A 84 1.03 0.41 -3.06
CA VAL A 84 0.36 -0.88 -3.23
C VAL A 84 -0.46 -0.90 -4.51
N GLY A 85 -0.44 -2.04 -5.21
CA GLY A 85 -1.14 -2.18 -6.47
C GLY A 85 -1.59 -3.63 -6.71
N ASN A 86 -2.25 -3.86 -7.84
CA ASN A 86 -2.86 -5.14 -8.17
C ASN A 86 -3.92 -5.55 -7.14
N LEU A 87 -4.46 -4.57 -6.41
CA LEU A 87 -5.50 -4.83 -5.42
C LEU A 87 -6.78 -5.25 -6.15
N PRO A 88 -7.58 -6.14 -5.54
CA PRO A 88 -8.83 -6.60 -6.10
C PRO A 88 -9.88 -5.48 -6.06
N PRO A 89 -10.90 -5.53 -6.92
CA PRO A 89 -11.99 -4.59 -6.92
C PRO A 89 -12.76 -4.59 -5.59
N ASP A 90 -12.62 -5.69 -4.83
CA ASP A 90 -13.31 -5.84 -3.55
C ASP A 90 -12.54 -5.22 -2.39
N ILE A 91 -11.46 -4.47 -2.68
CA ILE A 91 -10.64 -3.85 -1.66
C ILE A 91 -11.48 -2.88 -0.81
N ARG A 92 -11.09 -2.70 0.45
CA ARG A 92 -11.74 -1.78 1.37
C ARG A 92 -10.69 -1.15 2.28
N THR A 93 -10.94 0.09 2.73
CA THR A 93 -9.97 0.85 3.50
C THR A 93 -9.47 0.17 4.77
N LYS A 94 -10.31 -0.67 5.39
CA LYS A 94 -9.95 -1.35 6.63
C LYS A 94 -9.05 -2.56 6.39
N ASP A 95 -8.94 -3.01 5.15
CA ASP A 95 -8.08 -4.15 4.84
C ASP A 95 -6.62 -3.75 4.96
N ILE A 96 -6.32 -2.47 4.77
CA ILE A 96 -5.00 -1.91 4.98
C ILE A 96 -4.77 -1.73 6.48
N GLU A 97 -5.85 -1.59 7.26
CA GLU A 97 -5.75 -1.44 8.70
C GLU A 97 -5.55 -2.80 9.35
N ASP A 98 -5.79 -3.88 8.58
CA ASP A 98 -5.52 -5.23 9.03
C ASP A 98 -4.14 -5.71 8.58
N VAL A 99 -4.00 -5.97 7.28
CA VAL A 99 -2.81 -6.61 6.73
C VAL A 99 -1.58 -5.73 6.93
N PHE A 100 -1.62 -4.49 6.44
CA PHE A 100 -0.48 -3.61 6.54
C PHE A 100 -0.13 -3.18 7.96
N SER A 101 -1.10 -3.31 8.88
CA SER A 101 -0.86 -3.02 10.28
C SER A 101 -0.01 -4.12 10.90
N LYS A 102 -0.14 -5.36 10.41
CA LYS A 102 0.74 -6.45 10.82
C LYS A 102 2.13 -6.28 10.22
N TYR A 103 2.22 -5.62 9.06
CA TYR A 103 3.50 -5.32 8.43
C TYR A 103 4.26 -4.14 9.02
N GLY A 104 3.58 -3.27 9.77
CA GLY A 104 4.22 -2.15 10.43
C GLY A 104 3.20 -1.22 11.08
N ALA A 105 3.68 -0.30 11.93
CA ALA A 105 2.83 0.64 12.62
C ALA A 105 2.40 1.74 11.65
N ILE A 106 1.14 1.69 11.20
CA ILE A 106 0.61 2.67 10.25
C ILE A 106 0.24 3.96 10.96
N ARG A 107 0.49 5.10 10.31
CA ARG A 107 0.03 6.39 10.78
C ARG A 107 -1.13 6.88 9.94
N ASP A 108 -1.14 6.52 8.65
CA ASP A 108 -2.21 6.89 7.72
C ASP A 108 -2.41 5.90 6.57
N ILE A 109 -3.62 5.89 6.02
CA ILE A 109 -3.97 5.09 4.85
C ILE A 109 -4.37 6.03 3.72
N ASP A 110 -4.13 5.62 2.47
CA ASP A 110 -4.43 6.46 1.32
C ASP A 110 -4.87 5.58 0.14
N LEU A 111 -5.86 4.71 0.39
CA LEU A 111 -6.47 3.91 -0.66
C LEU A 111 -7.16 4.82 -1.69
N LYS A 112 -6.95 4.53 -2.97
CA LYS A 112 -7.56 5.29 -4.05
C LYS A 112 -8.29 4.34 -5.02
N ASN A 113 -9.41 4.83 -5.56
CA ASN A 113 -10.10 4.12 -6.64
C ASN A 113 -9.35 4.32 -7.95
N ARG A 114 -9.71 3.57 -8.99
CA ARG A 114 -9.07 3.71 -10.29
C ARG A 114 -10.00 3.22 -11.40
N ARG A 115 -9.84 3.78 -12.59
CA ARG A 115 -10.61 3.43 -13.77
C ARG A 115 -9.68 2.91 -14.85
N GLY A 116 -10.19 2.03 -15.72
CA GLY A 116 -9.39 1.43 -16.79
C GLY A 116 -8.38 0.42 -16.23
N GLY A 117 -8.44 0.15 -14.92
CA GLY A 117 -7.53 -0.77 -14.26
C GLY A 117 -7.90 -0.95 -12.80
N PRO A 118 -7.21 -1.84 -12.08
CA PRO A 118 -7.46 -2.13 -10.68
C PRO A 118 -7.08 -0.94 -9.80
N PRO A 119 -7.68 -0.87 -8.59
CA PRO A 119 -7.39 0.16 -7.61
C PRO A 119 -5.95 0.06 -7.11
N PHE A 120 -5.49 1.09 -6.40
CA PHE A 120 -4.13 1.15 -5.90
C PHE A 120 -4.16 2.04 -4.65
N ALA A 121 -3.10 2.00 -3.85
CA ALA A 121 -3.10 2.68 -2.56
C ALA A 121 -1.69 3.07 -2.13
N PHE A 122 -1.62 3.87 -1.08
CA PHE A 122 -0.36 4.20 -0.42
C PHE A 122 -0.56 4.04 1.08
N VAL A 123 0.54 3.84 1.81
CA VAL A 123 0.50 3.63 3.25
C VAL A 123 1.66 4.38 3.88
N GLU A 124 1.39 5.09 4.98
CA GLU A 124 2.41 5.86 5.67
C GLU A 124 2.73 5.22 7.02
N PHE A 125 3.94 4.69 7.14
CA PHE A 125 4.41 4.09 8.39
C PHE A 125 4.91 5.12 9.40
N GLU A 126 5.02 4.71 10.67
CA GLU A 126 5.60 5.55 11.71
C GLU A 126 7.12 5.59 11.55
N ASP A 127 7.72 4.46 11.17
CA ASP A 127 9.15 4.34 10.96
C ASP A 127 9.42 3.79 9.55
N PRO A 128 10.53 4.20 8.93
CA PRO A 128 10.89 3.78 7.58
C PRO A 128 11.32 2.31 7.53
N ARG A 129 11.65 1.73 8.70
CA ARG A 129 12.13 0.36 8.79
C ARG A 129 10.99 -0.64 8.53
N ASP A 130 9.74 -0.18 8.58
CA ASP A 130 8.60 -1.04 8.32
C ASP A 130 8.45 -1.38 6.84
N ALA A 131 9.04 -0.55 5.97
CA ALA A 131 8.98 -0.77 4.54
C ALA A 131 9.86 -1.98 4.17
N GLU A 132 10.77 -2.38 5.05
CA GLU A 132 11.63 -3.52 4.79
C GLU A 132 10.84 -4.83 4.93
N ASP A 133 9.68 -4.78 5.60
CA ASP A 133 8.85 -5.95 5.82
C ASP A 133 7.72 -6.09 4.81
N ALA A 134 7.08 -4.97 4.45
CA ALA A 134 5.97 -4.99 3.52
C ALA A 134 6.46 -5.22 2.10
N VAL A 135 7.67 -4.74 1.78
CA VAL A 135 8.22 -4.78 0.43
C VAL A 135 8.98 -6.09 0.17
N SER A 136 8.92 -7.03 1.12
CA SER A 136 9.60 -8.32 0.96
C SER A 136 8.74 -9.48 1.46
N GLY A 137 7.80 -9.20 2.35
CA GLY A 137 6.93 -10.22 2.92
C GLY A 137 5.60 -10.33 2.20
N ARG A 138 5.33 -9.46 1.23
CA ARG A 138 4.05 -9.44 0.54
C ARG A 138 4.19 -9.01 -0.92
N ASP A 139 5.31 -8.36 -1.28
CA ASP A 139 5.52 -7.87 -2.63
C ASP A 139 5.69 -9.05 -3.59
N GLY A 140 5.23 -8.91 -4.84
CA GLY A 140 5.43 -9.90 -5.87
C GLY A 140 4.79 -11.24 -5.52
N TYR A 141 3.57 -11.22 -4.96
CA TYR A 141 2.91 -12.44 -4.55
C TYR A 141 2.12 -13.10 -5.66
N ASP A 142 2.35 -14.39 -5.88
CA ASP A 142 1.71 -15.16 -6.93
C ASP A 142 0.23 -15.36 -6.64
N TYR A 143 -0.61 -14.40 -7.07
CA TYR A 143 -2.04 -14.46 -6.87
C TYR A 143 -2.62 -15.36 -7.96
N ASP A 144 -3.95 -15.48 -7.96
CA ASP A 144 -4.67 -16.28 -8.95
C ASP A 144 -4.61 -15.64 -10.33
N GLY A 145 -3.53 -15.92 -11.08
CA GLY A 145 -3.33 -15.38 -12.41
C GLY A 145 -2.74 -13.97 -12.40
N TYR A 146 -2.40 -13.46 -11.21
CA TYR A 146 -1.85 -12.12 -11.05
C TYR A 146 -0.64 -12.06 -10.12
N ARG A 147 -0.10 -10.85 -9.92
CA ARG A 147 1.10 -10.62 -9.13
C ARG A 147 0.96 -9.32 -8.35
N LEU A 148 0.98 -9.40 -7.02
CA LEU A 148 0.80 -8.24 -6.15
C LEU A 148 1.96 -7.26 -6.33
N ARG A 149 1.69 -5.99 -6.05
CA ARG A 149 2.70 -4.94 -6.09
C ARG A 149 2.74 -4.24 -4.74
N VAL A 150 3.89 -4.30 -4.07
CA VAL A 150 4.08 -3.66 -2.78
C VAL A 150 5.49 -3.09 -2.68
N GLU A 151 5.69 -1.88 -3.20
CA GLU A 151 6.99 -1.23 -3.18
C GLU A 151 6.81 0.27 -2.96
N PHE A 152 7.88 0.95 -2.54
CA PHE A 152 7.83 2.40 -2.32
C PHE A 152 7.91 3.23 -3.60
N PRO A 153 7.33 4.43 -3.59
CA PRO A 153 7.36 5.36 -4.71
C PRO A 153 8.77 5.87 -4.94
N VAL A 70 -0.95 19.63 -9.37
CA VAL A 70 -0.17 18.37 -9.25
C VAL A 70 -0.29 17.77 -7.86
N ILE A 71 -1.48 17.26 -7.53
CA ILE A 71 -1.72 16.60 -6.26
C ILE A 71 -0.96 15.27 -6.23
N ARG A 72 -0.46 14.88 -5.06
CA ARG A 72 0.29 13.63 -4.93
C ARG A 72 0.17 13.08 -3.52
N GLY A 73 -0.23 11.81 -3.41
CA GLY A 73 -0.24 11.07 -2.16
C GLY A 73 -1.13 11.74 -1.09
N PRO A 74 -1.05 11.24 0.15
CA PRO A 74 -1.79 11.78 1.27
C PRO A 74 -1.12 13.04 1.82
N ALA A 75 0.21 13.12 1.66
CA ALA A 75 0.99 14.24 2.15
C ALA A 75 2.38 14.21 1.51
N GLY A 76 3.12 15.33 1.64
CA GLY A 76 4.49 15.41 1.15
C GLY A 76 5.48 14.98 2.24
N ASN A 77 6.78 15.23 2.00
CA ASN A 77 7.85 14.91 2.94
C ASN A 77 7.87 13.41 3.27
N ASN A 78 8.76 13.01 4.18
CA ASN A 78 8.95 11.63 4.59
C ASN A 78 9.43 10.75 3.43
N ASP A 79 9.97 9.57 3.76
CA ASP A 79 10.46 8.62 2.77
C ASP A 79 10.12 7.18 3.16
N CYS A 80 9.46 6.99 4.31
CA CYS A 80 8.99 5.69 4.74
C CYS A 80 7.71 5.31 3.97
N ARG A 81 7.27 6.18 3.07
CA ARG A 81 6.06 5.99 2.29
C ARG A 81 6.32 5.03 1.14
N ILE A 82 5.33 4.22 0.78
CA ILE A 82 5.45 3.20 -0.27
C ILE A 82 4.15 3.09 -1.08
N TYR A 83 4.23 2.31 -2.16
CA TYR A 83 3.14 2.09 -3.09
C TYR A 83 2.56 0.68 -3.02
N VAL A 84 1.28 0.55 -3.41
CA VAL A 84 0.58 -0.73 -3.43
C VAL A 84 -0.24 -0.88 -4.70
N GLY A 85 -0.26 -2.08 -5.29
CA GLY A 85 -0.97 -2.34 -6.53
C GLY A 85 -1.25 -3.82 -6.72
N ASN A 86 -1.86 -4.17 -7.86
CA ASN A 86 -2.34 -5.51 -8.15
C ASN A 86 -3.31 -6.00 -7.08
N LEU A 87 -3.99 -5.07 -6.40
CA LEU A 87 -4.98 -5.41 -5.40
C LEU A 87 -6.14 -6.17 -6.05
N PRO A 88 -6.82 -7.03 -5.30
CA PRO A 88 -7.90 -7.86 -5.81
C PRO A 88 -9.08 -7.00 -6.27
N PRO A 89 -9.94 -7.54 -7.13
CA PRO A 89 -11.10 -6.85 -7.68
C PRO A 89 -12.16 -6.59 -6.62
N ASP A 90 -11.93 -7.04 -5.38
CA ASP A 90 -12.86 -6.83 -4.28
C ASP A 90 -12.12 -6.65 -2.96
N ILE A 91 -12.26 -5.47 -2.34
CA ILE A 91 -11.62 -5.17 -1.07
C ILE A 91 -12.38 -4.03 -0.39
N ARG A 92 -12.43 -4.03 0.95
CA ARG A 92 -13.14 -3.00 1.69
C ARG A 92 -12.29 -1.74 1.81
N THR A 93 -12.95 -0.61 2.04
CA THR A 93 -12.28 0.69 2.16
C THR A 93 -11.47 0.86 3.45
N LYS A 94 -11.29 -0.21 4.21
CA LYS A 94 -10.56 -0.17 5.47
C LYS A 94 -9.67 -1.40 5.65
N ASP A 95 -10.00 -2.51 4.97
CA ASP A 95 -9.22 -3.73 5.09
C ASP A 95 -7.80 -3.59 4.55
N ILE A 96 -7.59 -2.64 3.64
CA ILE A 96 -6.27 -2.38 3.07
C ILE A 96 -5.37 -1.70 4.11
N GLU A 97 -5.97 -1.08 5.12
CA GLU A 97 -5.23 -0.41 6.18
C GLU A 97 -4.96 -1.39 7.31
N ASP A 98 -5.84 -2.37 7.49
CA ASP A 98 -5.71 -3.35 8.56
C ASP A 98 -4.59 -4.36 8.31
N VAL A 99 -4.35 -4.70 7.04
CA VAL A 99 -3.26 -5.61 6.68
C VAL A 99 -1.94 -4.88 6.88
N PHE A 100 -1.86 -3.64 6.41
CA PHE A 100 -0.66 -2.84 6.57
C PHE A 100 -0.43 -2.38 8.01
N SER A 101 -1.52 -2.17 8.76
CA SER A 101 -1.42 -1.83 10.17
C SER A 101 -0.91 -3.02 10.98
N LYS A 102 -1.10 -4.24 10.49
CA LYS A 102 -0.58 -5.43 11.14
C LYS A 102 0.92 -5.55 10.87
N TYR A 103 1.37 -5.10 9.70
CA TYR A 103 2.78 -5.07 9.34
C TYR A 103 3.59 -3.93 9.95
N GLY A 104 2.93 -2.90 10.47
CA GLY A 104 3.63 -1.79 11.11
C GLY A 104 2.70 -0.62 11.41
N ALA A 105 3.23 0.43 12.01
CA ALA A 105 2.43 1.59 12.40
C ALA A 105 2.25 2.53 11.19
N ILE A 106 1.00 2.65 10.74
CA ILE A 106 0.64 3.55 9.65
C ILE A 106 0.37 4.95 10.20
N ARG A 107 0.81 5.98 9.47
CA ARG A 107 0.52 7.37 9.80
C ARG A 107 -0.48 7.94 8.81
N ASP A 108 -0.42 7.47 7.55
CA ASP A 108 -1.31 7.93 6.49
C ASP A 108 -1.59 6.87 5.41
N ILE A 109 -2.69 7.07 4.69
CA ILE A 109 -3.11 6.18 3.61
C ILE A 109 -3.67 7.03 2.46
N ASP A 110 -3.55 6.53 1.23
CA ASP A 110 -4.13 7.19 0.07
C ASP A 110 -4.82 6.17 -0.82
N LEU A 111 -5.71 5.35 -0.23
CA LEU A 111 -6.54 4.44 -1.00
C LEU A 111 -7.26 5.23 -2.09
N LYS A 112 -7.19 4.75 -3.34
CA LYS A 112 -7.70 5.50 -4.48
C LYS A 112 -8.25 4.52 -5.53
N ASN A 113 -9.23 4.97 -6.31
CA ASN A 113 -9.86 4.13 -7.33
C ASN A 113 -10.16 4.93 -8.60
N ARG A 114 -9.85 6.23 -8.60
CA ARG A 114 -10.07 7.12 -9.74
C ARG A 114 -11.49 6.98 -10.29
N ARG A 115 -11.64 6.27 -11.42
CA ARG A 115 -12.94 6.09 -12.07
C ARG A 115 -13.07 4.69 -12.66
N GLY A 116 -12.08 3.82 -12.43
CA GLY A 116 -12.08 2.47 -12.98
C GLY A 116 -10.71 1.81 -12.82
N GLY A 117 -10.59 0.59 -13.35
CA GLY A 117 -9.36 -0.19 -13.26
C GLY A 117 -9.21 -0.83 -11.88
N PRO A 118 -8.14 -1.61 -11.67
CA PRO A 118 -7.85 -2.26 -10.40
C PRO A 118 -7.53 -1.21 -9.34
N PRO A 119 -7.76 -1.53 -8.06
CA PRO A 119 -7.49 -0.61 -6.96
C PRO A 119 -6.02 -0.22 -6.89
N PHE A 120 -5.76 0.96 -6.33
CA PHE A 120 -4.43 1.51 -6.14
C PHE A 120 -4.33 2.36 -4.89
N ALA A 121 -3.17 2.36 -4.23
CA ALA A 121 -3.04 3.07 -2.98
C ALA A 121 -1.59 3.37 -2.62
N PHE A 122 -1.40 4.39 -1.78
CA PHE A 122 -0.16 4.68 -1.11
C PHE A 122 -0.26 4.47 0.41
N VAL A 123 0.86 4.13 1.04
CA VAL A 123 0.89 3.84 2.46
C VAL A 123 2.09 4.54 3.08
N GLU A 124 1.90 5.15 4.25
CA GLU A 124 2.97 5.89 4.91
C GLU A 124 3.19 5.37 6.33
N PHE A 125 4.34 4.75 6.54
CA PHE A 125 4.75 4.24 7.84
C PHE A 125 5.40 5.28 8.75
N GLU A 126 5.41 5.00 10.06
CA GLU A 126 6.09 5.85 11.03
C GLU A 126 7.60 5.57 11.00
N ASP A 127 7.99 4.33 10.67
CA ASP A 127 9.38 3.91 10.64
C ASP A 127 9.75 3.22 9.33
N PRO A 128 11.01 3.33 8.90
CA PRO A 128 11.49 2.73 7.67
C PRO A 128 11.57 1.21 7.79
N ARG A 129 11.70 0.70 9.02
CA ARG A 129 11.76 -0.73 9.27
C ARG A 129 10.37 -1.37 9.16
N ASP A 130 9.32 -0.58 9.38
CA ASP A 130 7.97 -1.05 9.21
C ASP A 130 7.60 -1.15 7.72
N ALA A 131 8.13 -0.23 6.91
CA ALA A 131 7.93 -0.26 5.47
C ALA A 131 8.75 -1.39 4.85
N GLU A 132 9.90 -1.69 5.44
CA GLU A 132 10.76 -2.76 4.96
C GLU A 132 10.07 -4.11 5.13
N ASP A 133 9.28 -4.26 6.19
CA ASP A 133 8.56 -5.50 6.47
C ASP A 133 7.34 -5.69 5.57
N ALA A 134 6.65 -4.60 5.24
CA ALA A 134 5.47 -4.68 4.39
C ALA A 134 5.87 -4.96 2.94
N VAL A 135 7.07 -4.51 2.55
CA VAL A 135 7.59 -4.72 1.21
C VAL A 135 8.17 -6.13 1.10
N SER A 136 9.08 -6.49 2.01
CA SER A 136 9.79 -7.75 1.94
C SER A 136 8.87 -8.94 2.23
N GLY A 137 7.71 -8.69 2.85
CA GLY A 137 6.83 -9.77 3.30
C GLY A 137 5.61 -9.99 2.41
N ARG A 138 5.43 -9.20 1.34
CA ARG A 138 4.22 -9.30 0.54
C ARG A 138 4.43 -8.85 -0.92
N ASP A 139 5.53 -8.17 -1.22
CA ASP A 139 5.78 -7.69 -2.57
C ASP A 139 6.06 -8.88 -3.50
N GLY A 140 5.65 -8.78 -4.76
CA GLY A 140 5.99 -9.76 -5.79
C GLY A 140 5.45 -11.15 -5.46
N TYR A 141 4.23 -11.23 -4.90
CA TYR A 141 3.68 -12.51 -4.49
C TYR A 141 2.91 -13.20 -5.61
N ASP A 142 3.23 -14.48 -5.83
CA ASP A 142 2.62 -15.29 -6.89
C ASP A 142 1.15 -15.57 -6.57
N TYR A 143 0.26 -14.68 -7.02
CA TYR A 143 -1.18 -14.81 -6.79
C TYR A 143 -1.72 -15.78 -7.84
N ASP A 144 -3.04 -15.94 -7.87
CA ASP A 144 -3.74 -16.79 -8.81
C ASP A 144 -3.69 -16.23 -10.23
N GLY A 145 -2.52 -16.33 -10.88
CA GLY A 145 -2.32 -15.85 -12.23
C GLY A 145 -1.87 -14.39 -12.24
N TYR A 146 -1.58 -13.83 -11.05
CA TYR A 146 -1.13 -12.45 -10.92
C TYR A 146 0.08 -12.29 -10.01
N ARG A 147 0.55 -11.05 -9.81
CA ARG A 147 1.75 -10.77 -9.03
C ARG A 147 1.55 -9.48 -8.24
N LEU A 148 1.52 -9.58 -6.91
CA LEU A 148 1.28 -8.46 -6.02
C LEU A 148 2.39 -7.40 -6.19
N ARG A 149 2.04 -6.14 -5.92
CA ARG A 149 3.00 -5.04 -5.98
C ARG A 149 2.94 -4.24 -4.69
N VAL A 150 4.05 -4.27 -3.94
CA VAL A 150 4.19 -3.51 -2.71
C VAL A 150 5.62 -2.99 -2.61
N GLU A 151 5.88 -1.84 -3.23
CA GLU A 151 7.22 -1.28 -3.31
C GLU A 151 7.18 0.25 -3.32
N PHE A 152 8.33 0.88 -3.09
CA PHE A 152 8.44 2.33 -3.19
C PHE A 152 8.65 2.84 -4.61
N PRO A 153 8.30 4.11 -4.88
CA PRO A 153 8.47 4.75 -6.18
C PRO A 153 9.92 4.65 -6.65
N VAL A 70 4.91 17.07 -11.05
CA VAL A 70 3.86 16.03 -11.10
C VAL A 70 3.11 15.92 -9.78
N ILE A 71 1.80 15.66 -9.84
CA ILE A 71 0.98 15.52 -8.65
C ILE A 71 1.37 14.25 -7.89
N ARG A 72 1.20 14.27 -6.56
CA ARG A 72 1.52 13.14 -5.71
C ARG A 72 0.49 13.06 -4.58
N GLY A 73 0.35 11.88 -3.98
CA GLY A 73 -0.56 11.65 -2.86
C GLY A 73 -0.45 12.76 -1.83
N PRO A 74 -1.57 13.12 -1.18
CA PRO A 74 -1.65 14.24 -0.25
C PRO A 74 -0.90 13.94 1.05
N ALA A 75 -0.87 14.94 1.94
CA ALA A 75 -0.28 14.84 3.27
C ALA A 75 1.23 14.55 3.25
N GLY A 76 1.90 14.74 2.10
CA GLY A 76 3.35 14.59 2.05
C GLY A 76 3.85 14.51 0.61
N ASN A 77 5.16 14.78 0.43
CA ASN A 77 5.84 14.66 -0.86
C ASN A 77 7.22 13.99 -0.69
N ASN A 78 7.60 13.75 0.57
CA ASN A 78 8.84 13.05 0.91
C ASN A 78 8.64 12.43 2.29
N ASP A 79 8.48 11.10 2.33
CA ASP A 79 8.07 10.42 3.55
C ASP A 79 8.38 8.92 3.54
N CYS A 80 8.09 8.25 4.65
CA CYS A 80 8.28 6.81 4.79
C CYS A 80 7.20 6.02 4.05
N ARG A 81 6.50 6.68 3.12
CA ARG A 81 5.38 6.09 2.41
C ARG A 81 5.84 5.07 1.38
N ILE A 82 5.00 4.06 1.14
CA ILE A 82 5.26 3.00 0.18
C ILE A 82 4.04 2.81 -0.72
N TYR A 83 4.13 1.86 -1.65
CA TYR A 83 3.12 1.62 -2.67
C TYR A 83 2.51 0.22 -2.65
N VAL A 84 1.25 0.13 -3.07
CA VAL A 84 0.50 -1.11 -3.14
C VAL A 84 -0.34 -1.12 -4.41
N GLY A 85 -0.46 -2.29 -5.06
CA GLY A 85 -1.18 -2.37 -6.32
C GLY A 85 -1.66 -3.78 -6.63
N ASN A 86 -2.30 -3.95 -7.79
CA ASN A 86 -2.90 -5.20 -8.23
C ASN A 86 -3.91 -5.73 -7.21
N LEU A 87 -4.51 -4.84 -6.40
CA LEU A 87 -5.48 -5.24 -5.40
C LEU A 87 -6.73 -5.80 -6.08
N PRO A 88 -7.17 -7.00 -5.71
CA PRO A 88 -8.41 -7.59 -6.18
C PRO A 88 -9.60 -6.68 -5.86
N PRO A 89 -10.67 -6.74 -6.66
CA PRO A 89 -11.87 -5.94 -6.48
C PRO A 89 -12.64 -6.36 -5.23
N ASP A 90 -12.32 -7.55 -4.68
CA ASP A 90 -12.97 -8.05 -3.48
C ASP A 90 -12.39 -7.48 -2.19
N ILE A 91 -11.29 -6.72 -2.30
CA ILE A 91 -10.64 -6.15 -1.14
C ILE A 91 -11.48 -5.02 -0.55
N ARG A 92 -11.55 -4.98 0.79
CA ARG A 92 -12.27 -3.93 1.51
C ARG A 92 -11.34 -2.75 1.74
N THR A 93 -11.91 -1.55 1.90
CA THR A 93 -11.12 -0.35 2.14
C THR A 93 -10.40 -0.37 3.49
N LYS A 94 -10.85 -1.24 4.41
CA LYS A 94 -10.26 -1.37 5.73
C LYS A 94 -9.09 -2.35 5.73
N ASP A 95 -9.04 -3.25 4.74
CA ASP A 95 -8.00 -4.28 4.68
C ASP A 95 -6.62 -3.65 4.45
N ILE A 96 -6.59 -2.44 3.89
CA ILE A 96 -5.35 -1.72 3.66
C ILE A 96 -4.76 -1.25 4.98
N GLU A 97 -5.59 -1.13 6.01
CA GLU A 97 -5.14 -0.66 7.32
C GLU A 97 -4.83 -1.83 8.24
N ASP A 98 -5.65 -2.89 8.18
CA ASP A 98 -5.51 -4.02 9.09
C ASP A 98 -4.23 -4.82 8.86
N VAL A 99 -3.91 -5.12 7.60
CA VAL A 99 -2.74 -5.92 7.28
C VAL A 99 -1.48 -5.08 7.50
N PHE A 100 -1.51 -3.82 7.08
CA PHE A 100 -0.36 -2.96 7.20
C PHE A 100 -0.12 -2.47 8.62
N SER A 101 -1.18 -2.39 9.44
CA SER A 101 -1.05 -2.05 10.84
C SER A 101 -0.40 -3.19 11.60
N LYS A 102 -0.63 -4.43 11.16
CA LYS A 102 -0.02 -5.59 11.76
C LYS A 102 1.48 -5.62 11.42
N TYR A 103 1.84 -5.10 10.25
CA TYR A 103 3.23 -5.02 9.83
C TYR A 103 4.01 -3.79 10.31
N GLY A 104 3.33 -2.77 10.83
CA GLY A 104 4.01 -1.59 11.33
C GLY A 104 3.03 -0.49 11.74
N ALA A 105 3.57 0.57 12.36
CA ALA A 105 2.76 1.68 12.83
C ALA A 105 2.40 2.61 11.67
N ILE A 106 1.16 2.54 11.20
CA ILE A 106 0.66 3.42 10.15
C ILE A 106 0.39 4.81 10.72
N ARG A 107 0.59 5.85 9.91
CA ARG A 107 0.28 7.22 10.31
C ARG A 107 -0.54 7.93 9.24
N ASP A 108 -0.53 7.42 8.01
CA ASP A 108 -1.34 7.93 6.92
C ASP A 108 -1.66 6.88 5.85
N ILE A 109 -2.76 7.10 5.12
CA ILE A 109 -3.20 6.21 4.05
C ILE A 109 -3.64 7.05 2.85
N ASP A 110 -3.53 6.48 1.65
CA ASP A 110 -3.94 7.16 0.43
C ASP A 110 -4.52 6.14 -0.56
N LEU A 111 -5.41 5.28 -0.06
CA LEU A 111 -6.11 4.33 -0.91
C LEU A 111 -6.90 5.08 -1.99
N LYS A 112 -6.79 4.61 -3.24
CA LYS A 112 -7.50 5.19 -4.37
C LYS A 112 -8.27 4.12 -5.12
N ASN A 113 -9.44 4.49 -5.66
CA ASN A 113 -10.19 3.62 -6.55
C ASN A 113 -9.60 3.69 -7.97
N ARG A 114 -8.74 4.69 -8.20
CA ARG A 114 -8.11 4.97 -9.48
C ARG A 114 -9.12 5.34 -10.56
N ARG A 115 -8.69 6.10 -11.57
CA ARG A 115 -9.53 6.55 -12.66
C ARG A 115 -9.87 5.40 -13.62
N GLY A 116 -9.17 4.27 -13.46
CA GLY A 116 -9.40 3.08 -14.27
C GLY A 116 -8.55 1.92 -13.76
N GLY A 117 -8.91 0.70 -14.15
CA GLY A 117 -8.20 -0.50 -13.69
C GLY A 117 -8.53 -0.81 -12.24
N PRO A 118 -7.91 -1.85 -11.67
CA PRO A 118 -8.11 -2.26 -10.30
C PRO A 118 -7.58 -1.20 -9.32
N PRO A 119 -8.08 -1.21 -8.08
CA PRO A 119 -7.65 -0.29 -7.03
C PRO A 119 -6.15 -0.43 -6.73
N PHE A 120 -5.58 0.61 -6.11
CA PHE A 120 -4.19 0.61 -5.70
C PHE A 120 -4.10 1.67 -4.59
N ALA A 121 -3.00 1.69 -3.83
CA ALA A 121 -2.91 2.54 -2.68
C ALA A 121 -1.47 2.88 -2.32
N PHE A 122 -1.32 3.79 -1.35
CA PHE A 122 -0.04 4.12 -0.74
C PHE A 122 -0.22 4.10 0.77
N VAL A 123 0.83 3.70 1.49
CA VAL A 123 0.75 3.52 2.94
C VAL A 123 1.95 4.20 3.59
N GLU A 124 1.72 4.98 4.64
CA GLU A 124 2.77 5.74 5.26
C GLU A 124 3.01 5.29 6.70
N PHE A 125 4.24 4.85 6.96
CA PHE A 125 4.66 4.44 8.30
C PHE A 125 5.26 5.56 9.13
N GLU A 126 5.32 5.38 10.45
CA GLU A 126 5.98 6.35 11.33
C GLU A 126 7.49 6.29 11.14
N ASP A 127 8.02 5.10 10.86
CA ASP A 127 9.45 4.85 10.68
C ASP A 127 9.74 4.11 9.37
N PRO A 128 10.91 4.34 8.77
CA PRO A 128 11.34 3.63 7.57
C PRO A 128 11.66 2.17 7.90
N ARG A 129 11.79 1.85 9.18
CA ARG A 129 12.08 0.50 9.65
C ARG A 129 10.93 -0.44 9.32
N ASP A 130 9.69 0.07 9.45
CA ASP A 130 8.50 -0.74 9.23
C ASP A 130 8.20 -0.96 7.75
N ALA A 131 8.75 -0.09 6.89
CA ALA A 131 8.49 -0.18 5.46
C ALA A 131 9.20 -1.39 4.85
N GLU A 132 10.34 -1.79 5.42
CA GLU A 132 11.10 -2.91 4.92
C GLU A 132 10.38 -4.23 5.23
N ASP A 133 9.60 -4.25 6.31
CA ASP A 133 8.89 -5.46 6.72
C ASP A 133 7.61 -5.70 5.93
N ALA A 134 6.91 -4.62 5.57
CA ALA A 134 5.66 -4.71 4.83
C ALA A 134 5.93 -5.02 3.37
N VAL A 135 7.08 -4.59 2.85
CA VAL A 135 7.45 -4.80 1.46
C VAL A 135 7.95 -6.22 1.29
N SER A 136 9.00 -6.60 2.01
CA SER A 136 9.63 -7.91 1.85
C SER A 136 8.77 -9.02 2.46
N GLY A 137 7.64 -8.66 3.09
CA GLY A 137 6.79 -9.64 3.75
C GLY A 137 5.79 -10.29 2.81
N ARG A 138 5.49 -9.67 1.64
CA ARG A 138 4.46 -10.19 0.74
C ARG A 138 4.58 -9.64 -0.67
N ASP A 139 5.75 -9.09 -1.05
CA ASP A 139 5.93 -8.57 -2.39
C ASP A 139 5.90 -9.66 -3.47
N GLY A 140 5.29 -9.35 -4.62
CA GLY A 140 5.28 -10.22 -5.78
C GLY A 140 4.64 -11.57 -5.47
N TYR A 141 3.32 -11.59 -5.28
CA TYR A 141 2.60 -12.82 -5.00
C TYR A 141 1.70 -13.28 -6.14
N ASP A 142 1.72 -14.59 -6.40
CA ASP A 142 1.02 -15.22 -7.51
C ASP A 142 -0.51 -15.09 -7.40
N TYR A 143 -1.09 -14.26 -8.26
CA TYR A 143 -2.52 -14.08 -8.37
C TYR A 143 -3.04 -14.57 -9.72
N ASP A 144 -4.37 -14.67 -9.86
CA ASP A 144 -4.99 -15.14 -11.08
C ASP A 144 -4.64 -14.27 -12.28
N GLY A 145 -3.65 -14.69 -13.07
CA GLY A 145 -3.22 -13.99 -14.28
C GLY A 145 -2.32 -12.79 -13.98
N TYR A 146 -2.12 -12.45 -12.70
CA TYR A 146 -1.32 -11.28 -12.31
C TYR A 146 -0.42 -11.54 -11.11
N ARG A 147 0.20 -10.49 -10.58
CA ARG A 147 1.13 -10.58 -9.46
C ARG A 147 0.92 -9.37 -8.54
N LEU A 148 0.74 -9.61 -7.24
CA LEU A 148 0.51 -8.53 -6.28
C LEU A 148 1.74 -7.62 -6.22
N ARG A 149 1.50 -6.35 -5.91
CA ARG A 149 2.57 -5.36 -5.82
C ARG A 149 2.54 -4.70 -4.44
N VAL A 150 3.70 -4.75 -3.75
CA VAL A 150 3.87 -4.16 -2.43
C VAL A 150 5.31 -3.68 -2.30
N GLU A 151 5.62 -2.51 -2.87
CA GLU A 151 6.96 -1.96 -2.87
C GLU A 151 6.91 -0.43 -2.82
N PHE A 152 8.04 0.20 -2.50
CA PHE A 152 8.12 1.66 -2.49
C PHE A 152 8.31 2.28 -3.87
N PRO A 153 7.87 3.53 -4.05
CA PRO A 153 8.06 4.28 -5.28
C PRO A 153 9.53 4.35 -5.70
N VAL A 70 -7.12 19.14 -0.90
CA VAL A 70 -6.58 18.28 -1.98
C VAL A 70 -6.42 16.83 -1.53
N ILE A 71 -6.56 15.88 -2.45
CA ILE A 71 -6.43 14.47 -2.15
C ILE A 71 -4.96 14.14 -1.89
N ARG A 72 -4.70 13.10 -1.08
CA ARG A 72 -3.34 12.70 -0.73
C ARG A 72 -2.58 12.25 -1.98
N GLY A 73 -1.27 12.52 -2.01
CA GLY A 73 -0.40 12.02 -3.04
C GLY A 73 0.77 12.96 -3.37
N PRO A 74 0.66 14.28 -3.14
CA PRO A 74 1.80 15.18 -3.22
C PRO A 74 2.91 14.75 -2.26
N ALA A 75 4.13 15.23 -2.50
CA ALA A 75 5.28 14.90 -1.67
C ALA A 75 5.17 15.58 -0.30
N GLY A 76 5.83 15.00 0.70
CA GLY A 76 5.83 15.54 2.06
C GLY A 76 6.10 14.43 3.08
N ASN A 77 6.26 14.82 4.35
CA ASN A 77 6.51 13.90 5.44
C ASN A 77 7.70 12.99 5.13
N ASN A 78 8.77 13.57 4.58
CA ASN A 78 10.00 12.87 4.24
C ASN A 78 9.75 11.70 3.28
N ASP A 79 8.62 11.72 2.57
CA ASP A 79 8.28 10.71 1.58
C ASP A 79 8.33 9.27 2.12
N CYS A 80 7.98 9.10 3.40
CA CYS A 80 7.94 7.78 4.03
C CYS A 80 6.82 6.92 3.47
N ARG A 81 6.06 7.47 2.52
CA ARG A 81 4.92 6.80 1.88
C ARG A 81 5.43 5.77 0.86
N ILE A 82 4.67 4.68 0.69
CA ILE A 82 5.00 3.63 -0.28
C ILE A 82 3.78 3.32 -1.15
N TYR A 83 3.98 2.44 -2.13
CA TYR A 83 2.99 2.12 -3.14
C TYR A 83 2.46 0.69 -3.10
N VAL A 84 1.23 0.49 -3.59
CA VAL A 84 0.59 -0.80 -3.61
C VAL A 84 -0.12 -0.97 -4.94
N GLY A 85 0.50 -1.68 -5.87
CA GLY A 85 -0.10 -1.99 -7.15
C GLY A 85 -1.02 -3.19 -7.02
N ASN A 86 -1.94 -3.34 -7.98
CA ASN A 86 -2.93 -4.41 -7.96
C ASN A 86 -3.82 -4.29 -6.71
N LEU A 87 -4.67 -5.30 -6.48
CA LEU A 87 -5.57 -5.31 -5.33
C LEU A 87 -5.71 -6.74 -4.81
N PRO A 88 -5.59 -6.96 -3.50
CA PRO A 88 -5.62 -8.29 -2.90
C PRO A 88 -7.01 -8.92 -3.01
N PRO A 89 -7.08 -10.25 -2.94
CA PRO A 89 -8.31 -11.03 -3.11
C PRO A 89 -9.21 -10.94 -1.88
N ASP A 90 -8.73 -10.29 -0.82
CA ASP A 90 -9.46 -10.17 0.44
C ASP A 90 -9.61 -8.72 0.91
N ILE A 91 -9.56 -7.79 -0.05
CA ILE A 91 -9.68 -6.37 0.23
C ILE A 91 -11.00 -6.06 0.93
N ARG A 92 -10.97 -5.16 1.91
CA ARG A 92 -12.15 -4.68 2.61
C ARG A 92 -11.86 -3.31 3.20
N THR A 93 -12.91 -2.54 3.52
CA THR A 93 -12.81 -1.15 3.97
C THR A 93 -12.04 -0.92 5.27
N LYS A 94 -11.47 -1.97 5.86
CA LYS A 94 -10.69 -1.86 7.08
C LYS A 94 -9.57 -2.90 7.13
N ASP A 95 -9.72 -4.00 6.39
CA ASP A 95 -8.71 -5.04 6.35
C ASP A 95 -7.44 -4.57 5.65
N ILE A 96 -7.56 -3.50 4.86
CA ILE A 96 -6.41 -2.90 4.19
C ILE A 96 -5.54 -2.14 5.20
N GLU A 97 -6.08 -1.89 6.40
CA GLU A 97 -5.33 -1.25 7.47
C GLU A 97 -4.90 -2.28 8.50
N ASP A 98 -5.59 -3.43 8.53
CA ASP A 98 -5.32 -4.47 9.51
C ASP A 98 -3.99 -5.18 9.23
N VAL A 99 -3.81 -5.64 7.99
CA VAL A 99 -2.58 -6.35 7.62
C VAL A 99 -1.38 -5.41 7.65
N PHE A 100 -1.59 -4.13 7.30
CA PHE A 100 -0.53 -3.14 7.38
C PHE A 100 -0.21 -2.71 8.80
N SER A 101 -1.23 -2.64 9.66
CA SER A 101 -1.01 -2.33 11.08
C SER A 101 -0.24 -3.45 11.76
N LYS A 102 -0.35 -4.68 11.23
CA LYS A 102 0.38 -5.82 11.77
C LYS A 102 1.84 -5.78 11.33
N TYR A 103 2.10 -5.26 10.12
CA TYR A 103 3.46 -5.16 9.60
C TYR A 103 4.24 -3.90 10.00
N GLY A 104 3.59 -2.92 10.63
CA GLY A 104 4.30 -1.73 11.09
C GLY A 104 3.36 -0.67 11.65
N ALA A 105 3.95 0.44 12.12
CA ALA A 105 3.23 1.57 12.69
C ALA A 105 2.64 2.46 11.58
N ILE A 106 2.04 1.84 10.56
CA ILE A 106 1.43 2.56 9.45
C ILE A 106 0.38 3.53 9.99
N ARG A 107 0.34 4.74 9.43
CA ARG A 107 -0.61 5.78 9.84
C ARG A 107 -1.85 5.76 8.95
N ASP A 108 -1.65 5.87 7.63
CA ASP A 108 -2.74 6.08 6.69
C ASP A 108 -2.69 5.17 5.46
N ILE A 109 -3.88 4.87 4.91
CA ILE A 109 -4.06 4.14 3.67
C ILE A 109 -4.66 5.10 2.63
N ASP A 110 -4.37 4.88 1.35
CA ASP A 110 -4.90 5.72 0.29
C ASP A 110 -5.22 4.90 -0.96
N LEU A 111 -6.24 4.04 -0.86
CA LEU A 111 -6.73 3.27 -1.99
C LEU A 111 -7.44 4.19 -2.99
N LYS A 112 -7.06 4.11 -4.27
CA LYS A 112 -7.67 4.88 -5.34
C LYS A 112 -8.40 3.95 -6.30
N ASN A 113 -9.58 4.40 -6.76
CA ASN A 113 -10.43 3.65 -7.66
C ASN A 113 -9.96 3.79 -9.11
N ARG A 114 -10.84 3.43 -10.07
CA ARG A 114 -10.56 3.55 -11.49
C ARG A 114 -10.04 4.95 -11.81
N ARG A 115 -8.93 5.01 -12.56
CA ARG A 115 -8.25 6.26 -12.84
C ARG A 115 -7.53 6.17 -14.20
N GLY A 116 -8.20 5.59 -15.19
CA GLY A 116 -7.64 5.36 -16.52
C GLY A 116 -6.84 4.05 -16.56
N GLY A 117 -6.90 3.28 -15.48
CA GLY A 117 -6.20 2.01 -15.37
C GLY A 117 -6.72 1.23 -14.17
N PRO A 118 -6.08 0.12 -13.81
CA PRO A 118 -6.47 -0.72 -12.69
C PRO A 118 -6.33 0.05 -11.38
N PRO A 119 -7.04 -0.38 -10.33
CA PRO A 119 -6.99 0.25 -9.03
C PRO A 119 -5.60 0.12 -8.41
N PHE A 120 -5.23 1.08 -7.57
CA PHE A 120 -3.91 1.09 -6.94
C PHE A 120 -4.02 1.93 -5.68
N ALA A 121 -3.05 1.78 -4.77
CA ALA A 121 -3.12 2.42 -3.46
C ALA A 121 -1.74 2.82 -2.97
N PHE A 122 -1.72 3.53 -1.83
CA PHE A 122 -0.50 3.94 -1.18
C PHE A 122 -0.66 3.76 0.33
N VAL A 123 0.46 3.69 1.05
CA VAL A 123 0.46 3.52 2.48
C VAL A 123 1.51 4.45 3.08
N GLU A 124 1.16 5.15 4.16
CA GLU A 124 2.04 6.15 4.74
C GLU A 124 2.48 5.75 6.14
N PHE A 125 3.80 5.76 6.36
CA PHE A 125 4.40 5.26 7.58
C PHE A 125 4.69 6.32 8.65
N GLU A 126 4.68 5.90 9.91
CA GLU A 126 5.16 6.72 11.01
C GLU A 126 6.69 6.63 11.07
N ASP A 127 7.23 5.52 10.57
CA ASP A 127 8.66 5.26 10.52
C ASP A 127 8.96 4.30 9.36
N PRO A 128 9.75 4.74 8.37
CA PRO A 128 10.00 3.97 7.16
C PRO A 128 10.82 2.71 7.44
N ARG A 129 11.29 2.52 8.68
CA ARG A 129 12.04 1.33 9.04
C ARG A 129 11.16 0.09 8.96
N ASP A 130 9.85 0.25 9.17
CA ASP A 130 8.90 -0.86 9.11
C ASP A 130 8.55 -1.25 7.67
N ALA A 131 8.85 -0.37 6.71
CA ALA A 131 8.51 -0.62 5.32
C ALA A 131 9.36 -1.76 4.77
N GLU A 132 10.49 -2.06 5.39
CA GLU A 132 11.37 -3.13 4.94
C GLU A 132 10.66 -4.49 5.08
N ASP A 133 9.71 -4.57 6.03
CA ASP A 133 8.95 -5.80 6.23
C ASP A 133 7.66 -5.83 5.41
N ALA A 134 7.01 -4.67 5.26
CA ALA A 134 5.75 -4.58 4.54
C ALA A 134 5.96 -4.74 3.04
N VAL A 135 7.14 -4.36 2.54
CA VAL A 135 7.50 -4.50 1.15
C VAL A 135 7.80 -5.97 0.84
N SER A 136 7.70 -6.84 1.84
CA SER A 136 7.93 -8.27 1.67
C SER A 136 6.85 -9.09 2.38
N GLY A 137 5.83 -8.42 2.93
CA GLY A 137 4.77 -9.09 3.67
C GLY A 137 3.76 -9.76 2.75
N ARG A 138 3.56 -9.22 1.54
CA ARG A 138 2.64 -9.79 0.57
C ARG A 138 2.98 -9.34 -0.85
N ASP A 139 4.18 -8.77 -1.04
CA ASP A 139 4.60 -8.29 -2.34
C ASP A 139 4.85 -9.46 -3.29
N GLY A 140 4.64 -9.24 -4.59
CA GLY A 140 4.93 -10.23 -5.60
C GLY A 140 4.07 -11.49 -5.43
N TYR A 141 2.79 -11.30 -5.06
CA TYR A 141 1.92 -12.42 -4.74
C TYR A 141 1.01 -12.81 -5.90
N ASP A 142 0.93 -14.11 -6.19
CA ASP A 142 0.12 -14.65 -7.27
C ASP A 142 -1.37 -14.37 -7.06
N TYR A 143 -1.89 -13.40 -7.82
CA TYR A 143 -3.29 -13.01 -7.77
C TYR A 143 -4.03 -13.42 -9.05
N ASP A 144 -5.35 -13.24 -9.08
CA ASP A 144 -6.15 -13.58 -10.24
C ASP A 144 -5.77 -12.76 -11.48
N GLY A 145 -4.98 -13.37 -12.38
CA GLY A 145 -4.57 -12.74 -13.63
C GLY A 145 -3.46 -11.70 -13.44
N TYR A 146 -3.13 -11.36 -12.18
CA TYR A 146 -2.12 -10.37 -11.87
C TYR A 146 -1.22 -10.77 -10.70
N ARG A 147 -0.39 -9.83 -10.22
CA ARG A 147 0.55 -10.07 -9.14
C ARG A 147 0.66 -8.81 -8.31
N LEU A 148 0.63 -8.94 -6.98
CA LEU A 148 0.69 -7.82 -6.07
C LEU A 148 2.02 -7.08 -6.23
N ARG A 149 1.99 -5.75 -6.10
CA ARG A 149 3.19 -4.92 -6.23
C ARG A 149 3.28 -3.92 -5.07
N VAL A 150 3.60 -4.43 -3.88
CA VAL A 150 3.79 -3.60 -2.69
C VAL A 150 5.24 -3.14 -2.63
N GLU A 151 5.53 -1.96 -3.20
CA GLU A 151 6.86 -1.39 -3.18
C GLU A 151 6.80 0.15 -3.22
N PHE A 152 7.89 0.80 -2.80
CA PHE A 152 7.95 2.25 -2.78
C PHE A 152 8.09 2.91 -4.15
N PRO A 153 7.63 4.16 -4.30
CA PRO A 153 7.76 4.94 -5.52
C PRO A 153 9.23 5.30 -5.77
N VAL A 70 1.63 18.43 -1.31
CA VAL A 70 1.15 17.06 -1.06
C VAL A 70 -0.25 17.04 -0.48
N ILE A 71 -0.39 17.49 0.78
CA ILE A 71 -1.64 17.50 1.55
C ILE A 71 -2.21 16.09 1.79
N ARG A 72 -2.14 15.21 0.80
CA ARG A 72 -2.62 13.84 0.90
C ARG A 72 -1.99 12.97 -0.19
N GLY A 73 -1.71 13.55 -1.35
CA GLY A 73 -1.22 12.79 -2.49
C GLY A 73 -0.77 13.70 -3.64
N PRO A 74 -1.65 14.58 -4.13
CA PRO A 74 -1.37 15.45 -5.27
C PRO A 74 -0.16 16.36 -5.02
N ALA A 75 0.70 16.47 -6.04
CA ALA A 75 1.86 17.35 -6.07
C ALA A 75 2.84 17.09 -4.92
N GLY A 76 4.01 17.73 -5.00
CA GLY A 76 5.05 17.64 -3.98
C GLY A 76 5.79 16.31 -4.02
N ASN A 77 6.86 16.20 -3.22
CA ASN A 77 7.65 14.99 -3.13
C ASN A 77 6.93 13.95 -2.25
N ASN A 78 7.34 12.68 -2.35
CA ASN A 78 6.74 11.62 -1.58
C ASN A 78 7.18 11.69 -0.11
N ASP A 79 6.28 11.34 0.80
CA ASP A 79 6.55 11.25 2.23
C ASP A 79 7.10 9.86 2.56
N CYS A 80 6.98 9.45 3.83
CA CYS A 80 7.35 8.10 4.25
C CYS A 80 6.39 7.06 3.68
N ARG A 81 5.51 7.48 2.76
CA ARG A 81 4.53 6.61 2.12
C ARG A 81 5.15 5.66 1.12
N ILE A 82 4.45 4.55 0.88
CA ILE A 82 4.80 3.58 -0.16
C ILE A 82 3.56 3.25 -0.96
N TYR A 83 3.72 2.43 -2.00
CA TYR A 83 2.66 2.10 -2.93
C TYR A 83 2.31 0.61 -2.99
N VAL A 84 1.03 0.32 -3.25
CA VAL A 84 0.54 -1.05 -3.34
C VAL A 84 -0.32 -1.22 -4.58
N GLY A 85 -0.16 -2.36 -5.27
CA GLY A 85 -0.88 -2.62 -6.51
C GLY A 85 -1.26 -4.10 -6.62
N ASN A 86 -1.91 -4.46 -7.74
CA ASN A 86 -2.48 -5.78 -7.96
C ASN A 86 -3.51 -6.14 -6.89
N LEU A 87 -4.12 -5.12 -6.26
CA LEU A 87 -5.18 -5.35 -5.28
C LEU A 87 -6.44 -5.83 -5.99
N PRO A 88 -7.18 -6.77 -5.40
CA PRO A 88 -8.45 -7.25 -5.95
C PRO A 88 -9.46 -6.11 -6.10
N PRO A 89 -10.45 -6.29 -6.97
CA PRO A 89 -11.52 -5.31 -7.17
C PRO A 89 -12.44 -5.26 -5.95
N ASP A 90 -12.38 -6.30 -5.11
CA ASP A 90 -13.16 -6.39 -3.89
C ASP A 90 -12.45 -5.77 -2.68
N ILE A 91 -11.35 -5.03 -2.92
CA ILE A 91 -10.57 -4.43 -1.87
C ILE A 91 -11.42 -3.45 -1.05
N ARG A 92 -11.07 -3.28 0.23
CA ARG A 92 -11.78 -2.40 1.14
C ARG A 92 -10.77 -1.73 2.06
N THR A 93 -11.06 -0.49 2.47
CA THR A 93 -10.13 0.29 3.28
C THR A 93 -9.80 -0.35 4.63
N LYS A 94 -10.71 -1.16 5.18
CA LYS A 94 -10.48 -1.82 6.46
C LYS A 94 -9.67 -3.10 6.30
N ASP A 95 -9.63 -3.66 5.09
CA ASP A 95 -8.88 -4.88 4.84
C ASP A 95 -7.38 -4.60 4.79
N ILE A 96 -7.00 -3.48 4.18
CA ILE A 96 -5.60 -3.10 4.05
C ILE A 96 -5.08 -2.52 5.36
N GLU A 97 -5.98 -2.03 6.23
CA GLU A 97 -5.58 -1.46 7.52
C GLU A 97 -5.24 -2.57 8.50
N ASP A 98 -6.02 -3.66 8.50
CA ASP A 98 -5.79 -4.76 9.42
C ASP A 98 -4.57 -5.59 9.02
N VAL A 99 -4.31 -5.72 7.72
CA VAL A 99 -3.16 -6.49 7.24
C VAL A 99 -1.89 -5.70 7.55
N PHE A 100 -1.87 -4.41 7.23
CA PHE A 100 -0.70 -3.60 7.48
C PHE A 100 -0.47 -3.23 8.94
N SER A 101 -1.56 -3.06 9.70
CA SER A 101 -1.43 -2.75 11.12
C SER A 101 -0.84 -3.94 11.89
N LYS A 102 -1.12 -5.16 11.43
CA LYS A 102 -0.52 -6.35 12.03
C LYS A 102 0.93 -6.53 11.59
N TYR A 103 1.28 -6.02 10.41
CA TYR A 103 2.63 -6.09 9.89
C TYR A 103 3.57 -4.95 10.30
N GLY A 104 3.06 -3.91 10.94
CA GLY A 104 3.90 -2.80 11.38
C GLY A 104 3.09 -1.66 11.98
N ALA A 105 3.81 -0.67 12.52
CA ALA A 105 3.21 0.50 13.16
C ALA A 105 2.76 1.54 12.13
N ILE A 106 2.19 1.09 11.01
CA ILE A 106 1.68 1.97 9.97
C ILE A 106 0.74 3.00 10.58
N ARG A 107 0.88 4.27 10.18
CA ARG A 107 0.11 5.36 10.75
C ARG A 107 -1.16 5.64 9.95
N ASP A 108 -1.11 5.49 8.62
CA ASP A 108 -2.26 5.78 7.77
C ASP A 108 -2.34 4.92 6.52
N ILE A 109 -3.58 4.69 6.06
CA ILE A 109 -3.88 4.00 4.80
C ILE A 109 -4.55 4.99 3.85
N ASP A 110 -4.39 4.78 2.55
CA ASP A 110 -5.00 5.64 1.56
C ASP A 110 -5.35 4.84 0.29
N LEU A 111 -6.41 4.05 0.39
CA LEU A 111 -6.93 3.28 -0.73
C LEU A 111 -7.58 4.19 -1.77
N LYS A 112 -7.48 3.83 -3.04
CA LYS A 112 -8.10 4.56 -4.15
C LYS A 112 -8.51 3.57 -5.24
N ASN A 113 -9.68 3.80 -5.85
CA ASN A 113 -10.22 2.89 -6.85
C ASN A 113 -11.01 3.62 -7.92
N ARG A 114 -10.85 4.94 -8.00
CA ARG A 114 -11.58 5.77 -8.96
C ARG A 114 -10.79 7.04 -9.24
N ARG A 115 -11.16 7.75 -10.31
CA ARG A 115 -10.48 8.97 -10.78
C ARG A 115 -9.05 8.69 -11.27
N GLY A 116 -8.38 7.68 -10.72
CA GLY A 116 -7.06 7.26 -11.15
C GLY A 116 -7.16 5.99 -12.00
N GLY A 117 -6.07 5.21 -12.05
CA GLY A 117 -6.03 3.94 -12.74
C GLY A 117 -6.78 2.85 -11.97
N PRO A 118 -6.46 1.57 -12.21
CA PRO A 118 -7.08 0.44 -11.53
C PRO A 118 -6.78 0.50 -10.03
N PRO A 119 -7.50 -0.28 -9.21
CA PRO A 119 -7.41 -0.23 -7.77
C PRO A 119 -5.96 -0.34 -7.28
N PHE A 120 -5.58 0.57 -6.38
CA PHE A 120 -4.24 0.64 -5.83
C PHE A 120 -4.34 1.48 -4.56
N ALA A 121 -3.29 1.50 -3.75
CA ALA A 121 -3.35 2.19 -2.47
C ALA A 121 -1.99 2.70 -2.04
N PHE A 122 -2.00 3.68 -1.13
CA PHE A 122 -0.80 4.19 -0.49
C PHE A 122 -0.82 3.84 1.00
N VAL A 123 0.36 3.68 1.59
CA VAL A 123 0.48 3.31 2.99
C VAL A 123 1.57 4.16 3.63
N GLU A 124 1.28 4.75 4.79
CA GLU A 124 2.18 5.70 5.44
C GLU A 124 2.78 5.10 6.71
N PHE A 125 4.11 4.95 6.69
CA PHE A 125 4.86 4.39 7.82
C PHE A 125 5.38 5.45 8.79
N GLU A 126 5.61 5.08 10.04
CA GLU A 126 6.28 5.97 10.98
C GLU A 126 7.79 5.90 10.75
N ASP A 127 8.27 4.73 10.30
CA ASP A 127 9.67 4.46 9.99
C ASP A 127 9.81 3.26 9.06
N PRO A 128 10.86 3.23 8.23
CA PRO A 128 11.08 2.17 7.25
C PRO A 128 11.48 0.84 7.89
N ARG A 129 11.63 0.80 9.22
CA ARG A 129 12.08 -0.39 9.93
C ARG A 129 11.09 -1.56 9.78
N ASP A 130 9.81 -1.25 9.54
CA ASP A 130 8.78 -2.28 9.45
C ASP A 130 8.59 -2.82 8.04
N ALA A 131 9.29 -2.22 7.06
CA ALA A 131 9.20 -2.66 5.68
C ALA A 131 9.84 -4.04 5.49
N GLU A 132 10.61 -4.50 6.48
CA GLU A 132 11.29 -5.78 6.40
C GLU A 132 10.29 -6.93 6.38
N ASP A 133 9.04 -6.67 6.79
CA ASP A 133 7.97 -7.65 6.77
C ASP A 133 6.76 -7.18 5.95
N ALA A 134 6.45 -5.89 6.03
CA ALA A 134 5.27 -5.33 5.39
C ALA A 134 5.51 -5.08 3.90
N VAL A 135 6.77 -5.21 3.45
CA VAL A 135 7.11 -4.97 2.05
C VAL A 135 7.97 -6.11 1.51
N SER A 136 9.08 -6.43 2.21
CA SER A 136 9.97 -7.49 1.78
C SER A 136 9.32 -8.87 1.97
N GLY A 137 8.15 -8.91 2.59
CA GLY A 137 7.44 -10.15 2.85
C GLY A 137 6.09 -10.20 2.11
N ARG A 138 5.86 -9.25 1.20
CA ARG A 138 4.57 -9.17 0.49
C ARG A 138 4.74 -8.70 -0.96
N ASP A 139 5.86 -8.05 -1.28
CA ASP A 139 6.11 -7.61 -2.64
C ASP A 139 6.34 -8.81 -3.54
N GLY A 140 5.75 -8.81 -4.73
CA GLY A 140 5.94 -9.88 -5.71
C GLY A 140 5.33 -11.20 -5.25
N TYR A 141 4.29 -11.14 -4.41
CA TYR A 141 3.74 -12.33 -3.78
C TYR A 141 2.82 -13.12 -4.69
N ASP A 142 2.91 -14.45 -4.62
CA ASP A 142 2.17 -15.37 -5.47
C ASP A 142 0.66 -15.20 -5.36
N TYR A 143 0.05 -14.54 -6.35
CA TYR A 143 -1.38 -14.36 -6.45
C TYR A 143 -1.94 -15.15 -7.63
N ASP A 144 -3.27 -15.21 -7.75
CA ASP A 144 -3.92 -15.92 -8.84
C ASP A 144 -3.57 -15.31 -10.21
N GLY A 145 -2.60 -15.92 -10.90
CA GLY A 145 -2.21 -15.49 -12.24
C GLY A 145 -1.30 -14.27 -12.23
N TYR A 146 -1.08 -13.66 -11.05
CA TYR A 146 -0.27 -12.45 -10.93
C TYR A 146 0.58 -12.43 -9.67
N ARG A 147 1.29 -11.33 -9.44
CA ARG A 147 2.08 -11.10 -8.25
C ARG A 147 1.78 -9.73 -7.67
N LEU A 148 1.67 -9.64 -6.35
CA LEU A 148 1.40 -8.39 -5.67
C LEU A 148 2.51 -7.40 -5.98
N ARG A 149 2.20 -6.10 -5.90
CA ARG A 149 3.19 -5.06 -6.10
C ARG A 149 3.24 -4.19 -4.85
N VAL A 150 4.37 -4.18 -4.17
CA VAL A 150 4.57 -3.37 -2.98
C VAL A 150 5.92 -2.68 -3.02
N GLU A 151 5.94 -1.48 -3.61
CA GLU A 151 7.15 -0.67 -3.71
C GLU A 151 6.81 0.81 -3.64
N PHE A 152 7.79 1.63 -3.27
CA PHE A 152 7.60 3.08 -3.16
C PHE A 152 7.58 3.80 -4.52
N PRO A 153 6.94 4.97 -4.58
CA PRO A 153 6.92 5.82 -5.76
C PRO A 153 8.34 6.18 -6.21
N VAL A 70 -1.78 20.67 -4.77
CA VAL A 70 -2.49 19.41 -5.04
C VAL A 70 -2.97 18.74 -3.75
N ILE A 71 -4.17 18.16 -3.78
CA ILE A 71 -4.76 17.50 -2.62
C ILE A 71 -4.07 16.15 -2.37
N ARG A 72 -3.98 15.77 -1.09
CA ARG A 72 -3.40 14.50 -0.65
C ARG A 72 -1.99 14.29 -1.21
N GLY A 73 -1.86 13.52 -2.30
CA GLY A 73 -0.56 13.06 -2.76
C GLY A 73 0.18 14.15 -3.52
N PRO A 74 1.46 14.37 -3.20
CA PRO A 74 2.33 15.29 -3.90
C PRO A 74 2.76 14.69 -5.23
N ALA A 75 3.50 15.48 -6.03
CA ALA A 75 4.03 15.01 -7.30
C ALA A 75 5.14 13.97 -7.07
N GLY A 76 5.60 13.84 -5.83
CA GLY A 76 6.61 12.86 -5.44
C GLY A 76 7.12 13.16 -4.03
N ASN A 77 7.55 12.11 -3.33
CA ASN A 77 8.06 12.25 -1.97
C ASN A 77 8.93 11.05 -1.60
N ASN A 78 9.55 11.11 -0.42
CA ASN A 78 10.40 10.05 0.11
C ASN A 78 10.10 9.79 1.59
N ASP A 79 8.85 10.08 1.98
CA ASP A 79 8.38 9.90 3.35
C ASP A 79 8.28 8.41 3.68
N CYS A 80 7.83 8.10 4.90
CA CYS A 80 7.60 6.73 5.33
C CYS A 80 6.50 6.06 4.51
N ARG A 81 5.80 6.84 3.68
CA ARG A 81 4.71 6.34 2.84
C ARG A 81 5.22 5.32 1.83
N ILE A 82 4.38 4.32 1.54
CA ILE A 82 4.65 3.33 0.51
C ILE A 82 3.42 3.16 -0.37
N TYR A 83 3.59 2.38 -1.45
CA TYR A 83 2.56 2.13 -2.45
C TYR A 83 2.07 0.68 -2.45
N VAL A 84 0.80 0.48 -2.83
CA VAL A 84 0.17 -0.82 -2.82
C VAL A 84 -0.57 -1.07 -4.13
N GLY A 85 0.13 -1.68 -5.09
CA GLY A 85 -0.45 -2.00 -6.39
C GLY A 85 -1.07 -3.39 -6.41
N ASN A 86 -1.87 -3.65 -7.45
CA ASN A 86 -2.61 -4.90 -7.60
C ASN A 86 -3.58 -5.13 -6.44
N LEU A 87 -3.94 -4.06 -5.73
CA LEU A 87 -4.92 -4.14 -4.65
C LEU A 87 -6.30 -4.46 -5.24
N PRO A 88 -6.91 -5.61 -4.87
CA PRO A 88 -8.21 -6.00 -5.38
C PRO A 88 -9.31 -5.12 -4.77
N PRO A 89 -10.36 -4.85 -5.54
CA PRO A 89 -11.50 -4.06 -5.07
C PRO A 89 -12.33 -4.85 -4.05
N ASP A 90 -12.10 -6.16 -3.97
CA ASP A 90 -12.82 -7.03 -3.04
C ASP A 90 -12.27 -6.97 -1.61
N ILE A 91 -11.24 -6.15 -1.37
CA ILE A 91 -10.64 -6.02 -0.05
C ILE A 91 -11.67 -5.43 0.92
N ARG A 92 -11.64 -5.87 2.17
CA ARG A 92 -12.57 -5.38 3.19
C ARG A 92 -12.16 -3.97 3.61
N THR A 93 -13.13 -3.19 4.12
CA THR A 93 -12.91 -1.81 4.54
C THR A 93 -11.98 -1.66 5.74
N LYS A 94 -11.35 -2.76 6.18
CA LYS A 94 -10.46 -2.74 7.34
C LYS A 94 -9.27 -3.66 7.12
N ASP A 95 -9.42 -4.72 6.34
CA ASP A 95 -8.30 -5.59 6.01
C ASP A 95 -7.25 -4.82 5.20
N ILE A 96 -7.67 -3.70 4.60
CA ILE A 96 -6.80 -2.85 3.82
C ILE A 96 -5.73 -2.18 4.71
N GLU A 97 -5.93 -2.17 6.03
CA GLU A 97 -4.95 -1.60 6.93
C GLU A 97 -4.61 -2.54 8.08
N ASP A 98 -5.49 -3.48 8.41
CA ASP A 98 -5.18 -4.46 9.46
C ASP A 98 -4.13 -5.48 9.04
N VAL A 99 -4.05 -5.79 7.74
CA VAL A 99 -2.99 -6.65 7.24
C VAL A 99 -1.68 -5.90 7.39
N PHE A 100 -1.69 -4.59 7.08
CA PHE A 100 -0.52 -3.76 7.26
C PHE A 100 -0.15 -3.56 8.72
N SER A 101 -1.15 -3.54 9.60
CA SER A 101 -0.92 -3.44 11.04
C SER A 101 -0.20 -4.70 11.56
N LYS A 102 -0.35 -5.83 10.85
CA LYS A 102 0.40 -7.03 11.18
C LYS A 102 1.85 -6.87 10.71
N TYR A 103 2.07 -6.17 9.60
CA TYR A 103 3.41 -5.88 9.12
C TYR A 103 4.20 -4.83 9.93
N GLY A 104 3.49 -4.00 10.70
CA GLY A 104 4.16 -3.00 11.53
C GLY A 104 3.17 -1.90 11.94
N ALA A 105 3.71 -0.82 12.52
CA ALA A 105 2.90 0.28 13.01
C ALA A 105 2.56 1.27 11.89
N ILE A 106 1.29 1.27 11.47
CA ILE A 106 0.75 2.23 10.51
C ILE A 106 0.06 3.34 11.29
N ARG A 107 0.07 4.56 10.76
CA ARG A 107 -0.60 5.68 11.38
C ARG A 107 -1.73 6.20 10.49
N ASP A 108 -1.65 5.96 9.18
CA ASP A 108 -2.66 6.42 8.22
C ASP A 108 -2.80 5.53 6.99
N ILE A 109 -3.95 5.64 6.33
CA ILE A 109 -4.24 4.93 5.09
C ILE A 109 -4.63 5.95 4.02
N ASP A 110 -4.53 5.57 2.76
CA ASP A 110 -4.82 6.47 1.65
C ASP A 110 -5.26 5.69 0.41
N LEU A 111 -6.40 4.99 0.53
CA LEU A 111 -7.00 4.29 -0.60
C LEU A 111 -7.41 5.29 -1.69
N LYS A 112 -7.11 4.95 -2.95
CA LYS A 112 -7.39 5.79 -4.10
C LYS A 112 -7.86 4.96 -5.29
N ASN A 113 -8.21 5.65 -6.38
CA ASN A 113 -8.71 5.00 -7.59
C ASN A 113 -8.22 5.75 -8.83
N ARG A 114 -8.56 5.24 -10.02
CA ARG A 114 -8.13 5.80 -11.29
C ARG A 114 -9.23 5.59 -12.33
N ARG A 115 -9.19 6.37 -13.43
CA ARG A 115 -10.18 6.31 -14.49
C ARG A 115 -10.10 5.00 -15.29
N GLY A 116 -9.19 4.10 -14.92
CA GLY A 116 -9.04 2.82 -15.59
C GLY A 116 -8.15 1.89 -14.76
N GLY A 117 -8.26 0.58 -15.00
CA GLY A 117 -7.50 -0.42 -14.26
C GLY A 117 -8.03 -0.59 -12.84
N PRO A 118 -7.42 -1.50 -12.07
CA PRO A 118 -7.78 -1.76 -10.69
C PRO A 118 -7.38 -0.58 -9.79
N PRO A 119 -7.99 -0.48 -8.61
CA PRO A 119 -7.67 0.54 -7.62
C PRO A 119 -6.29 0.29 -7.02
N PHE A 120 -5.81 1.23 -6.21
CA PHE A 120 -4.51 1.12 -5.56
C PHE A 120 -4.59 1.99 -4.33
N ALA A 121 -3.61 1.85 -3.42
CA ALA A 121 -3.65 2.58 -2.17
C ALA A 121 -2.26 2.95 -1.69
N PHE A 122 -2.20 3.98 -0.85
CA PHE A 122 -1.00 4.37 -0.12
C PHE A 122 -1.09 4.02 1.36
N VAL A 123 0.05 3.76 1.98
CA VAL A 123 0.12 3.40 3.40
C VAL A 123 1.20 4.25 4.05
N GLU A 124 0.93 4.76 5.25
CA GLU A 124 1.87 5.64 5.94
C GLU A 124 2.25 5.06 7.29
N PHE A 125 3.53 4.76 7.47
CA PHE A 125 4.05 4.16 8.68
C PHE A 125 4.39 5.13 9.81
N GLU A 126 4.31 4.64 11.05
CA GLU A 126 4.73 5.39 12.23
C GLU A 126 6.25 5.33 12.38
N ASP A 127 6.87 4.37 11.69
CA ASP A 127 8.31 4.17 11.71
C ASP A 127 8.79 3.60 10.37
N PRO A 128 9.67 4.31 9.65
CA PRO A 128 10.15 3.92 8.34
C PRO A 128 10.77 2.52 8.32
N ARG A 129 11.17 1.99 9.48
CA ARG A 129 11.76 0.66 9.55
C ARG A 129 10.70 -0.42 9.27
N ASP A 130 9.46 -0.17 9.67
CA ASP A 130 8.37 -1.12 9.46
C ASP A 130 7.91 -1.18 8.01
N ALA A 131 8.15 -0.09 7.27
CA ALA A 131 7.76 -0.02 5.88
C ALA A 131 8.60 -0.99 5.04
N GLU A 132 9.81 -1.32 5.53
CA GLU A 132 10.69 -2.24 4.83
C GLU A 132 10.17 -3.67 4.96
N ASP A 133 9.44 -3.97 6.05
CA ASP A 133 8.91 -5.31 6.27
C ASP A 133 7.66 -5.58 5.42
N ALA A 134 6.80 -4.58 5.27
CA ALA A 134 5.59 -4.71 4.46
C ALA A 134 5.96 -4.78 2.99
N VAL A 135 7.04 -4.11 2.59
CA VAL A 135 7.48 -4.10 1.20
C VAL A 135 8.23 -5.39 0.91
N SER A 136 9.12 -5.82 1.81
CA SER A 136 9.93 -7.01 1.58
C SER A 136 9.06 -8.27 1.55
N GLY A 137 7.86 -8.19 2.14
CA GLY A 137 6.97 -9.35 2.23
C GLY A 137 6.02 -9.46 1.05
N ARG A 138 5.85 -8.39 0.25
CA ARG A 138 4.83 -8.37 -0.80
C ARG A 138 5.24 -7.55 -2.02
N ASP A 139 6.55 -7.35 -2.21
CA ASP A 139 7.07 -6.61 -3.38
C ASP A 139 6.89 -7.39 -4.69
N GLY A 140 6.28 -8.57 -4.63
CA GLY A 140 6.06 -9.41 -5.80
C GLY A 140 5.60 -10.79 -5.38
N TYR A 141 4.27 -10.97 -5.26
CA TYR A 141 3.68 -12.24 -4.89
C TYR A 141 2.65 -12.74 -5.89
N ASP A 142 2.66 -14.05 -6.15
CA ASP A 142 1.79 -14.68 -7.13
C ASP A 142 0.31 -14.59 -6.73
N TYR A 143 -0.44 -13.73 -7.43
CA TYR A 143 -1.86 -13.56 -7.24
C TYR A 143 -2.65 -14.07 -8.43
N ASP A 144 -3.98 -14.15 -8.30
CA ASP A 144 -4.83 -14.64 -9.36
C ASP A 144 -4.71 -13.80 -10.64
N GLY A 145 -3.95 -14.31 -11.61
CA GLY A 145 -3.76 -13.66 -12.91
C GLY A 145 -2.82 -12.45 -12.84
N TYR A 146 -2.36 -12.09 -11.64
CA TYR A 146 -1.49 -10.93 -11.44
C TYR A 146 -0.41 -11.15 -10.39
N ARG A 147 0.28 -10.08 -9.99
CA ARG A 147 1.33 -10.12 -9.00
C ARG A 147 1.25 -8.85 -8.13
N LEU A 148 1.45 -9.00 -6.83
CA LEU A 148 1.36 -7.87 -5.89
C LEU A 148 2.47 -6.87 -6.19
N ARG A 149 2.22 -5.59 -5.89
CA ARG A 149 3.20 -4.53 -6.07
C ARG A 149 3.28 -3.63 -4.84
N VAL A 150 3.54 -4.24 -3.67
CA VAL A 150 3.73 -3.48 -2.44
C VAL A 150 5.15 -2.96 -2.36
N GLU A 151 5.37 -1.72 -2.82
CA GLU A 151 6.67 -1.10 -2.83
C GLU A 151 6.55 0.42 -2.73
N PHE A 152 7.63 1.10 -2.36
CA PHE A 152 7.64 2.55 -2.29
C PHE A 152 7.76 3.25 -3.65
N PRO A 153 7.32 4.52 -3.73
CA PRO A 153 7.41 5.33 -4.94
C PRO A 153 8.86 5.41 -5.45
N VAL A 70 3.55 20.02 -2.06
CA VAL A 70 3.56 19.13 -3.23
C VAL A 70 2.22 18.45 -3.44
N ILE A 71 1.85 18.20 -4.70
CA ILE A 71 0.57 17.59 -5.04
C ILE A 71 0.64 16.06 -4.98
N ARG A 72 1.82 15.51 -4.68
CA ARG A 72 2.02 14.07 -4.60
C ARG A 72 1.12 13.46 -3.51
N GLY A 73 0.57 12.28 -3.77
CA GLY A 73 -0.24 11.57 -2.79
C GLY A 73 -1.44 12.43 -2.36
N PRO A 74 -1.84 12.31 -1.09
CA PRO A 74 -2.89 13.12 -0.49
C PRO A 74 -2.37 14.53 -0.18
N ALA A 75 -1.61 15.10 -1.11
CA ALA A 75 -0.92 16.39 -0.93
C ALA A 75 0.08 16.34 0.25
N GLY A 76 0.37 15.14 0.75
CA GLY A 76 1.35 14.95 1.82
C GLY A 76 2.73 14.66 1.24
N ASN A 77 3.74 14.54 2.11
CA ASN A 77 5.09 14.24 1.68
C ASN A 77 5.86 13.57 2.82
N ASN A 78 6.42 12.39 2.54
CA ASN A 78 7.24 11.66 3.50
C ASN A 78 8.04 10.59 2.76
N ASP A 79 9.31 10.40 3.13
CA ASP A 79 10.16 9.40 2.51
C ASP A 79 9.86 7.99 3.01
N CYS A 80 9.06 7.87 4.07
CA CYS A 80 8.68 6.60 4.64
C CYS A 80 7.57 5.92 3.82
N ARG A 81 7.14 6.56 2.73
CA ARG A 81 6.04 6.05 1.92
C ARG A 81 6.47 4.92 0.99
N ILE A 82 5.52 4.03 0.68
CA ILE A 82 5.72 2.95 -0.27
C ILE A 82 4.47 2.79 -1.13
N TYR A 83 4.58 1.95 -2.16
CA TYR A 83 3.51 1.73 -3.14
C TYR A 83 2.89 0.34 -3.10
N VAL A 84 1.63 0.25 -3.53
CA VAL A 84 0.89 -1.01 -3.57
C VAL A 84 0.12 -1.08 -4.88
N GLY A 85 0.07 -2.27 -5.49
CA GLY A 85 -0.57 -2.44 -6.79
C GLY A 85 -1.22 -3.81 -6.92
N ASN A 86 -1.93 -4.01 -8.04
CA ASN A 86 -2.75 -5.18 -8.30
C ASN A 86 -3.90 -5.30 -7.30
N LEU A 87 -4.96 -6.01 -7.68
CA LEU A 87 -6.12 -6.21 -6.84
C LEU A 87 -5.87 -7.33 -5.83
N PRO A 88 -6.13 -7.11 -4.54
CA PRO A 88 -5.97 -8.12 -3.51
C PRO A 88 -7.04 -9.21 -3.66
N PRO A 89 -6.86 -10.37 -2.99
CA PRO A 89 -7.80 -11.47 -3.01
C PRO A 89 -9.20 -11.05 -2.57
N ASP A 90 -9.28 -10.00 -1.75
CA ASP A 90 -10.55 -9.42 -1.31
C ASP A 90 -10.35 -7.97 -0.88
N ILE A 91 -11.44 -7.20 -0.81
CA ILE A 91 -11.38 -5.80 -0.41
C ILE A 91 -12.69 -5.39 0.25
N ARG A 92 -12.59 -4.54 1.29
CA ARG A 92 -13.74 -4.06 2.05
C ARG A 92 -13.57 -2.58 2.37
N THR A 93 -12.89 -1.85 1.49
CA THR A 93 -12.60 -0.42 1.64
C THR A 93 -11.80 -0.04 2.88
N LYS A 94 -11.29 -1.02 3.63
CA LYS A 94 -10.46 -0.77 4.79
C LYS A 94 -9.47 -1.92 5.04
N ASP A 95 -9.58 -3.01 4.28
CA ASP A 95 -8.67 -4.13 4.42
C ASP A 95 -7.24 -3.76 4.05
N ILE A 96 -7.08 -2.67 3.30
CA ILE A 96 -5.77 -2.15 2.94
C ILE A 96 -5.11 -1.51 4.17
N GLU A 97 -5.91 -1.21 5.21
CA GLU A 97 -5.39 -0.60 6.42
C GLU A 97 -5.10 -1.68 7.45
N ASP A 98 -5.94 -2.72 7.52
CA ASP A 98 -5.78 -3.76 8.51
C ASP A 98 -4.55 -4.63 8.29
N VAL A 99 -4.26 -4.96 7.03
CA VAL A 99 -3.10 -5.79 6.71
C VAL A 99 -1.83 -4.99 6.91
N PHE A 100 -1.82 -3.72 6.49
CA PHE A 100 -0.65 -2.88 6.64
C PHE A 100 -0.40 -2.42 8.07
N SER A 101 -1.46 -2.10 8.82
CA SER A 101 -1.30 -1.70 10.22
C SER A 101 -0.85 -2.88 11.07
N LYS A 102 -1.11 -4.11 10.59
CA LYS A 102 -0.61 -5.31 11.26
C LYS A 102 0.89 -5.47 11.01
N TYR A 103 1.34 -5.06 9.82
CA TYR A 103 2.76 -5.10 9.47
C TYR A 103 3.62 -3.94 9.99
N GLY A 104 3.00 -2.87 10.47
CA GLY A 104 3.76 -1.75 11.00
C GLY A 104 2.85 -0.59 11.40
N ALA A 105 3.46 0.46 11.99
CA ALA A 105 2.74 1.63 12.46
C ALA A 105 2.47 2.60 11.30
N ILE A 106 1.44 2.31 10.51
CA ILE A 106 1.00 3.21 9.43
C ILE A 106 0.47 4.50 10.05
N ARG A 107 0.78 5.64 9.41
CA ARG A 107 0.29 6.94 9.84
C ARG A 107 -0.73 7.50 8.85
N ASP A 108 -0.62 7.10 7.57
CA ASP A 108 -1.51 7.56 6.51
C ASP A 108 -1.69 6.56 5.37
N ILE A 109 -2.74 6.76 4.57
CA ILE A 109 -3.09 5.88 3.46
C ILE A 109 -3.59 6.71 2.29
N ASP A 110 -3.57 6.14 1.08
CA ASP A 110 -4.08 6.82 -0.10
C ASP A 110 -4.51 5.75 -1.12
N LEU A 111 -5.59 5.02 -0.80
CA LEU A 111 -6.16 4.04 -1.71
C LEU A 111 -6.82 4.76 -2.89
N LYS A 112 -6.55 4.28 -4.12
CA LYS A 112 -7.08 4.90 -5.33
C LYS A 112 -7.79 3.85 -6.18
N ASN A 113 -9.03 4.16 -6.57
CA ASN A 113 -9.80 3.31 -7.47
C ASN A 113 -10.96 4.08 -8.11
N ARG A 114 -11.57 5.00 -7.37
CA ARG A 114 -12.64 5.85 -7.89
C ARG A 114 -12.07 7.06 -8.61
N ARG A 115 -10.81 7.41 -8.31
CA ARG A 115 -10.12 8.54 -8.92
C ARG A 115 -9.52 8.16 -10.28
N GLY A 116 -9.93 7.02 -10.83
CA GLY A 116 -9.49 6.56 -12.15
C GLY A 116 -8.24 5.69 -12.06
N GLY A 117 -7.83 5.14 -13.20
CA GLY A 117 -6.67 4.27 -13.29
C GLY A 117 -6.95 2.89 -12.68
N PRO A 118 -5.98 1.98 -12.77
CA PRO A 118 -6.07 0.65 -12.19
C PRO A 118 -6.07 0.74 -10.67
N PRO A 119 -6.52 -0.30 -9.97
CA PRO A 119 -6.53 -0.33 -8.52
C PRO A 119 -5.11 -0.39 -7.97
N PHE A 120 -4.73 0.61 -7.17
CA PHE A 120 -3.42 0.67 -6.55
C PHE A 120 -3.56 1.65 -5.38
N ALA A 121 -2.51 1.75 -4.54
CA ALA A 121 -2.58 2.58 -3.35
C ALA A 121 -1.20 3.00 -2.88
N PHE A 122 -1.17 4.02 -2.02
CA PHE A 122 0.02 4.42 -1.29
C PHE A 122 -0.13 4.26 0.22
N VAL A 123 1.00 4.03 0.89
CA VAL A 123 1.03 3.80 2.33
C VAL A 123 2.13 4.64 2.96
N GLU A 124 1.88 5.18 4.16
CA GLU A 124 2.86 6.00 4.86
C GLU A 124 3.14 5.42 6.24
N PHE A 125 4.40 5.02 6.47
CA PHE A 125 4.83 4.49 7.75
C PHE A 125 5.38 5.57 8.69
N GLU A 126 5.38 5.28 10.00
CA GLU A 126 5.99 6.16 10.99
C GLU A 126 7.52 6.13 10.84
N ASP A 127 8.05 5.04 10.29
CA ASP A 127 9.47 4.89 10.06
C ASP A 127 9.76 3.95 8.88
N PRO A 128 10.94 4.09 8.24
CA PRO A 128 11.32 3.26 7.12
C PRO A 128 11.66 1.84 7.56
N ARG A 129 11.71 1.59 8.88
CA ARG A 129 12.08 0.29 9.42
C ARG A 129 10.97 -0.72 9.14
N ASP A 130 9.74 -0.39 9.53
CA ASP A 130 8.60 -1.31 9.37
C ASP A 130 8.18 -1.45 7.92
N ALA A 131 8.55 -0.48 7.07
CA ALA A 131 8.21 -0.52 5.65
C ALA A 131 8.94 -1.68 4.98
N GLU A 132 10.06 -2.14 5.55
CA GLU A 132 10.82 -3.24 4.97
C GLU A 132 10.09 -4.56 5.20
N ASP A 133 9.36 -4.67 6.31
CA ASP A 133 8.61 -5.89 6.62
C ASP A 133 7.37 -6.02 5.74
N ALA A 134 6.71 -4.90 5.45
CA ALA A 134 5.51 -4.89 4.62
C ALA A 134 5.87 -5.18 3.17
N VAL A 135 7.09 -4.82 2.76
CA VAL A 135 7.54 -5.04 1.39
C VAL A 135 8.05 -6.49 1.25
N SER A 136 8.99 -6.89 2.10
CA SER A 136 9.63 -8.18 1.98
C SER A 136 8.67 -9.32 2.35
N GLY A 137 7.59 -9.01 3.07
CA GLY A 137 6.70 -10.02 3.60
C GLY A 137 5.42 -10.19 2.80
N ARG A 138 5.24 -9.44 1.70
CA ARG A 138 3.98 -9.50 0.95
C ARG A 138 4.14 -9.12 -0.52
N ASP A 139 5.27 -8.54 -0.91
CA ASP A 139 5.48 -8.16 -2.31
C ASP A 139 5.60 -9.41 -3.18
N GLY A 140 5.11 -9.34 -4.42
CA GLY A 140 5.25 -10.42 -5.38
C GLY A 140 4.52 -11.68 -4.91
N TYR A 141 3.21 -11.57 -4.61
CA TYR A 141 2.44 -12.69 -4.12
C TYR A 141 1.47 -13.28 -5.15
N ASP A 142 1.36 -14.60 -5.16
CA ASP A 142 0.58 -15.35 -6.12
C ASP A 142 -0.92 -15.03 -6.05
N TYR A 143 -1.43 -14.35 -7.08
CA TYR A 143 -2.84 -14.06 -7.23
C TYR A 143 -3.42 -14.69 -8.50
N ASP A 144 -4.75 -14.74 -8.60
CA ASP A 144 -5.42 -15.34 -9.75
C ASP A 144 -5.03 -14.66 -11.07
N GLY A 145 -4.09 -15.26 -11.80
CA GLY A 145 -3.65 -14.76 -13.09
C GLY A 145 -2.66 -13.60 -12.99
N TYR A 146 -2.40 -13.10 -11.77
CA TYR A 146 -1.51 -11.98 -11.54
C TYR A 146 -0.62 -12.14 -10.31
N ARG A 147 0.08 -11.06 -9.93
CA ARG A 147 0.99 -11.06 -8.80
C ARG A 147 0.86 -9.73 -8.07
N LEU A 148 0.76 -9.77 -6.74
CA LEU A 148 0.64 -8.57 -5.93
C LEU A 148 1.92 -7.74 -6.05
N ARG A 149 1.79 -6.43 -5.88
CA ARG A 149 2.93 -5.52 -5.87
C ARG A 149 2.91 -4.69 -4.58
N VAL A 150 4.04 -4.71 -3.86
CA VAL A 150 4.22 -3.92 -2.66
C VAL A 150 5.66 -3.44 -2.59
N GLU A 151 5.96 -2.37 -3.32
CA GLU A 151 7.32 -1.86 -3.43
C GLU A 151 7.33 -0.33 -3.38
N PHE A 152 8.47 0.26 -3.03
CA PHE A 152 8.63 1.70 -2.96
C PHE A 152 8.73 2.41 -4.31
N PRO A 153 8.36 3.68 -4.37
CA PRO A 153 8.46 4.50 -5.57
C PRO A 153 9.92 4.71 -5.97
N VAL A 70 -3.27 15.67 -8.83
CA VAL A 70 -2.58 16.19 -7.63
C VAL A 70 -1.07 16.04 -7.76
N ILE A 71 -0.31 17.02 -7.23
CA ILE A 71 1.14 17.03 -7.37
C ILE A 71 1.79 15.86 -6.61
N ARG A 72 1.19 15.44 -5.50
CA ARG A 72 1.72 14.36 -4.69
C ARG A 72 0.62 13.74 -3.83
N GLY A 73 0.83 12.50 -3.37
CA GLY A 73 -0.10 11.82 -2.49
C GLY A 73 -0.23 12.56 -1.15
N PRO A 74 -1.23 12.18 -0.34
CA PRO A 74 -1.40 12.70 1.01
C PRO A 74 -0.25 12.23 1.88
N ALA A 75 0.14 13.04 2.88
CA ALA A 75 1.27 12.73 3.72
C ALA A 75 1.18 13.44 5.07
N GLY A 76 1.99 12.98 6.02
CA GLY A 76 2.06 13.56 7.36
C GLY A 76 3.40 13.23 8.03
N ASN A 77 4.30 12.57 7.29
CA ASN A 77 5.61 12.17 7.78
C ASN A 77 6.62 12.20 6.63
N ASN A 78 7.91 12.29 6.96
CA ASN A 78 8.96 12.30 5.97
C ASN A 78 9.13 10.90 5.37
N ASP A 79 9.36 10.83 4.05
CA ASP A 79 9.52 9.58 3.33
C ASP A 79 8.53 8.50 3.77
N CYS A 80 9.02 7.26 4.00
CA CYS A 80 8.20 6.15 4.47
C CYS A 80 7.03 5.80 3.54
N ARG A 81 6.97 6.42 2.36
CA ARG A 81 5.92 6.15 1.38
C ARG A 81 6.30 4.99 0.47
N ILE A 82 5.34 4.11 0.20
CA ILE A 82 5.52 2.99 -0.73
C ILE A 82 4.28 2.83 -1.60
N TYR A 83 4.39 2.00 -2.63
CA TYR A 83 3.33 1.78 -3.61
C TYR A 83 2.74 0.36 -3.58
N VAL A 84 1.48 0.24 -3.99
CA VAL A 84 0.77 -1.04 -4.00
C VAL A 84 0.06 -1.21 -5.33
N GLY A 85 0.48 -2.21 -6.11
CA GLY A 85 -0.14 -2.54 -7.38
C GLY A 85 -0.74 -3.94 -7.36
N ASN A 86 -1.51 -4.28 -8.40
CA ASN A 86 -2.24 -5.54 -8.49
C ASN A 86 -3.20 -5.72 -7.31
N LEU A 87 -3.61 -4.62 -6.67
CA LEU A 87 -4.52 -4.66 -5.55
C LEU A 87 -5.88 -5.17 -6.03
N PRO A 88 -6.44 -6.21 -5.39
CA PRO A 88 -7.71 -6.80 -5.79
C PRO A 88 -8.87 -5.86 -5.47
N PRO A 89 -9.98 -6.00 -6.21
CA PRO A 89 -11.17 -5.18 -6.03
C PRO A 89 -11.89 -5.53 -4.73
N ASP A 90 -11.53 -6.66 -4.12
CA ASP A 90 -12.13 -7.11 -2.86
C ASP A 90 -11.57 -6.35 -1.65
N ILE A 91 -10.64 -5.42 -1.87
CA ILE A 91 -10.05 -4.63 -0.81
C ILE A 91 -11.08 -3.69 -0.20
N ARG A 92 -10.83 -3.24 1.03
CA ARG A 92 -11.70 -2.28 1.71
C ARG A 92 -10.84 -1.17 2.31
N THR A 93 -11.42 0.02 2.46
CA THR A 93 -10.69 1.19 2.97
C THR A 93 -10.18 1.01 4.41
N LYS A 94 -10.73 0.04 5.15
CA LYS A 94 -10.29 -0.23 6.51
C LYS A 94 -9.29 -1.38 6.53
N ASP A 95 -9.41 -2.33 5.59
CA ASP A 95 -8.50 -3.47 5.54
C ASP A 95 -7.08 -3.05 5.14
N ILE A 96 -6.99 -2.00 4.31
CA ILE A 96 -5.70 -1.52 3.82
C ILE A 96 -4.97 -0.71 4.90
N GLU A 97 -5.66 -0.37 6.00
CA GLU A 97 -5.04 0.35 7.10
C GLU A 97 -5.09 -0.47 8.39
N ASP A 98 -5.69 -1.67 8.34
CA ASP A 98 -5.76 -2.56 9.48
C ASP A 98 -4.62 -3.57 9.48
N VAL A 99 -4.57 -4.43 8.45
CA VAL A 99 -3.53 -5.45 8.38
C VAL A 99 -2.17 -4.79 8.22
N PHE A 100 -2.10 -3.74 7.39
CA PHE A 100 -0.87 -3.00 7.22
C PHE A 100 -0.39 -2.34 8.49
N SER A 101 -1.33 -1.93 9.36
CA SER A 101 -0.97 -1.32 10.63
C SER A 101 -0.31 -2.36 11.55
N LYS A 102 -0.67 -3.63 11.41
CA LYS A 102 0.01 -4.69 12.15
C LYS A 102 1.42 -4.86 11.59
N TYR A 103 1.62 -4.54 10.31
CA TYR A 103 2.94 -4.59 9.69
C TYR A 103 3.86 -3.40 9.96
N GLY A 104 3.32 -2.23 10.37
CA GLY A 104 4.19 -1.08 10.57
C GLY A 104 3.46 0.20 10.97
N ALA A 105 2.23 0.10 11.49
CA ALA A 105 1.46 1.24 11.96
C ALA A 105 1.40 2.36 10.92
N ILE A 106 0.71 2.12 9.81
CA ILE A 106 0.53 3.11 8.75
C ILE A 106 -0.10 4.37 9.31
N ARG A 107 0.33 5.53 8.81
CA ARG A 107 -0.19 6.82 9.25
C ARG A 107 -1.08 7.45 8.17
N ASP A 108 -0.88 7.08 6.90
CA ASP A 108 -1.67 7.62 5.79
C ASP A 108 -1.91 6.62 4.65
N ILE A 109 -2.99 6.83 3.90
CA ILE A 109 -3.40 5.99 2.80
C ILE A 109 -3.89 6.85 1.64
N ASP A 110 -3.80 6.32 0.42
CA ASP A 110 -4.29 7.02 -0.77
C ASP A 110 -4.93 6.01 -1.73
N LEU A 111 -5.78 5.13 -1.20
CA LEU A 111 -6.49 4.15 -2.01
C LEU A 111 -7.38 4.85 -3.04
N LYS A 112 -7.24 4.46 -4.32
CA LYS A 112 -8.03 5.01 -5.42
C LYS A 112 -8.03 4.02 -6.58
N ASN A 113 -8.83 4.31 -7.61
CA ASN A 113 -9.01 3.37 -8.72
C ASN A 113 -9.21 4.06 -10.07
N ARG A 114 -8.98 5.38 -10.13
CA ARG A 114 -9.16 6.15 -11.37
C ARG A 114 -10.52 5.91 -12.01
N ARG A 115 -11.51 5.49 -11.21
CA ARG A 115 -12.87 5.22 -11.69
C ARG A 115 -12.90 4.19 -12.82
N GLY A 116 -11.85 3.39 -12.96
CA GLY A 116 -11.78 2.37 -14.01
C GLY A 116 -10.53 1.51 -13.87
N GLY A 117 -10.65 0.22 -14.20
CA GLY A 117 -9.55 -0.73 -14.06
C GLY A 117 -9.39 -1.12 -12.59
N PRO A 118 -8.40 -1.98 -12.30
CA PRO A 118 -8.11 -2.46 -10.96
C PRO A 118 -7.56 -1.30 -10.10
N PRO A 119 -7.86 -1.31 -8.80
CA PRO A 119 -7.42 -0.28 -7.88
C PRO A 119 -5.92 -0.39 -7.61
N PHE A 120 -5.36 0.67 -7.04
CA PHE A 120 -3.97 0.70 -6.60
C PHE A 120 -3.91 1.80 -5.55
N ALA A 121 -2.85 1.82 -4.73
CA ALA A 121 -2.84 2.73 -3.61
C ALA A 121 -1.41 3.08 -3.17
N PHE A 122 -1.28 4.27 -2.58
CA PHE A 122 -0.09 4.65 -1.85
C PHE A 122 -0.26 4.43 -0.35
N VAL A 123 0.85 4.11 0.32
CA VAL A 123 0.84 3.84 1.76
C VAL A 123 1.98 4.58 2.41
N GLU A 124 1.78 5.08 3.63
CA GLU A 124 2.78 5.87 4.31
C GLU A 124 2.97 5.38 5.75
N PHE A 125 4.18 4.91 6.05
CA PHE A 125 4.54 4.37 7.35
C PHE A 125 5.00 5.40 8.37
N GLU A 126 4.98 5.02 9.65
CA GLU A 126 5.50 5.86 10.71
C GLU A 126 7.03 5.76 10.78
N ASP A 127 7.57 4.61 10.36
CA ASP A 127 9.00 4.34 10.34
C ASP A 127 9.43 3.61 9.06
N PRO A 128 10.60 3.93 8.52
CA PRO A 128 11.10 3.33 7.29
C PRO A 128 11.55 1.89 7.51
N ARG A 129 11.83 1.52 8.76
CA ARG A 129 12.30 0.18 9.10
C ARG A 129 11.17 -0.85 9.00
N ASP A 130 9.93 -0.41 9.16
CA ASP A 130 8.78 -1.30 9.09
C ASP A 130 8.19 -1.39 7.68
N ALA A 131 8.47 -0.37 6.85
CA ALA A 131 7.96 -0.36 5.48
C ALA A 131 8.62 -1.45 4.66
N GLU A 132 9.84 -1.84 5.03
CA GLU A 132 10.57 -2.90 4.33
C GLU A 132 9.96 -4.27 4.65
N ASP A 133 9.34 -4.41 5.82
CA ASP A 133 8.72 -5.67 6.21
C ASP A 133 7.39 -5.91 5.51
N ALA A 134 6.62 -4.83 5.29
CA ALA A 134 5.36 -4.92 4.59
C ALA A 134 5.59 -5.12 3.09
N VAL A 135 6.72 -4.61 2.58
CA VAL A 135 7.06 -4.73 1.18
C VAL A 135 7.65 -6.11 0.93
N SER A 136 8.53 -6.58 1.82
CA SER A 136 9.18 -7.87 1.65
C SER A 136 8.17 -9.01 1.76
N GLY A 137 7.04 -8.76 2.42
CA GLY A 137 6.02 -9.77 2.63
C GLY A 137 4.99 -9.82 1.50
N ARG A 138 5.09 -8.92 0.51
CA ARG A 138 4.08 -8.82 -0.55
C ARG A 138 4.68 -8.54 -1.92
N ASP A 139 5.98 -8.25 -1.99
CA ASP A 139 6.64 -7.95 -3.24
C ASP A 139 6.70 -9.16 -4.17
N GLY A 140 6.08 -9.07 -5.35
CA GLY A 140 6.14 -10.13 -6.34
C GLY A 140 5.53 -11.42 -5.82
N TYR A 141 4.36 -11.34 -5.17
CA TYR A 141 3.78 -12.48 -4.51
C TYR A 141 2.76 -13.22 -5.35
N ASP A 142 2.84 -14.56 -5.34
CA ASP A 142 1.98 -15.42 -6.13
C ASP A 142 0.51 -15.31 -5.72
N TYR A 143 -0.28 -14.64 -6.57
CA TYR A 143 -1.70 -14.48 -6.36
C TYR A 143 -2.50 -15.25 -7.42
N ASP A 144 -3.82 -15.34 -7.25
CA ASP A 144 -4.68 -16.04 -8.17
C ASP A 144 -4.62 -15.45 -9.58
N GLY A 145 -3.82 -16.08 -10.47
CA GLY A 145 -3.70 -15.67 -11.86
C GLY A 145 -2.79 -14.44 -12.04
N TYR A 146 -2.33 -13.84 -10.95
CA TYR A 146 -1.50 -12.63 -11.00
C TYR A 146 -0.37 -12.63 -9.98
N ARG A 147 0.32 -11.48 -9.84
CA ARG A 147 1.45 -11.32 -8.94
C ARG A 147 1.43 -9.90 -8.39
N LEU A 148 1.57 -9.77 -7.06
CA LEU A 148 1.48 -8.49 -6.38
C LEU A 148 2.67 -7.59 -6.78
N ARG A 149 2.45 -6.28 -6.70
CA ARG A 149 3.47 -5.27 -7.02
C ARG A 149 3.59 -4.27 -5.89
N VAL A 150 3.68 -4.76 -4.65
CA VAL A 150 3.91 -3.92 -3.50
C VAL A 150 5.39 -3.54 -3.46
N GLU A 151 5.70 -2.35 -3.96
CA GLU A 151 7.07 -1.86 -3.97
C GLU A 151 7.11 -0.33 -3.90
N PHE A 152 8.26 0.23 -3.54
CA PHE A 152 8.43 1.67 -3.46
C PHE A 152 8.51 2.38 -4.82
N PRO A 153 8.10 3.65 -4.88
CA PRO A 153 8.16 4.45 -6.09
C PRO A 153 9.62 4.71 -6.51
N VAL A 70 -3.00 15.82 -11.39
CA VAL A 70 -2.13 17.00 -11.48
C VAL A 70 -1.25 17.15 -10.25
N ILE A 71 -1.86 17.38 -9.08
CA ILE A 71 -1.12 17.50 -7.83
C ILE A 71 -0.80 16.09 -7.30
N ARG A 72 0.37 15.93 -6.68
CA ARG A 72 0.81 14.65 -6.14
C ARG A 72 -0.07 14.23 -4.96
N GLY A 73 0.02 12.96 -4.56
CA GLY A 73 -0.74 12.40 -3.46
C GLY A 73 -0.75 13.31 -2.24
N PRO A 74 -1.89 13.41 -1.53
CA PRO A 74 -2.03 14.22 -0.33
C PRO A 74 -1.25 13.61 0.84
N ALA A 75 -0.62 12.45 0.64
CA ALA A 75 0.17 11.79 1.68
C ALA A 75 1.37 12.66 2.07
N GLY A 76 1.91 12.42 3.27
CA GLY A 76 3.03 13.18 3.79
C GLY A 76 4.33 12.83 3.06
N ASN A 77 5.38 13.62 3.33
CA ASN A 77 6.67 13.45 2.69
C ASN A 77 7.49 12.35 3.38
N ASN A 78 8.80 12.35 3.14
CA ASN A 78 9.75 11.37 3.64
C ASN A 78 9.50 9.96 3.07
N ASP A 79 10.48 9.08 3.23
CA ASP A 79 10.46 7.74 2.66
C ASP A 79 9.50 6.78 3.39
N CYS A 80 8.73 7.30 4.34
CA CYS A 80 7.77 6.48 5.08
C CYS A 80 6.61 6.06 4.17
N ARG A 81 6.47 6.71 3.00
CA ARG A 81 5.41 6.37 2.06
C ARG A 81 5.85 5.20 1.18
N ILE A 82 4.88 4.43 0.69
CA ILE A 82 5.14 3.33 -0.24
C ILE A 82 4.12 3.37 -1.36
N TYR A 83 4.23 2.39 -2.26
CA TYR A 83 3.31 2.21 -3.38
C TYR A 83 2.66 0.84 -3.38
N VAL A 84 1.43 0.76 -3.88
CA VAL A 84 0.68 -0.48 -3.88
C VAL A 84 -0.06 -0.68 -5.20
N GLY A 85 0.60 -1.33 -6.16
CA GLY A 85 -0.02 -1.69 -7.42
C GLY A 85 -0.86 -2.94 -7.24
N ASN A 86 -1.97 -3.04 -7.98
CA ASN A 86 -2.93 -4.13 -7.83
C ASN A 86 -3.46 -4.19 -6.39
N LEU A 87 -4.20 -5.25 -6.06
CA LEU A 87 -4.71 -5.46 -4.72
C LEU A 87 -4.69 -6.95 -4.38
N PRO A 88 -4.51 -7.29 -3.10
CA PRO A 88 -4.47 -8.67 -2.63
C PRO A 88 -5.87 -9.30 -2.69
N PRO A 89 -5.94 -10.63 -2.79
CA PRO A 89 -7.20 -11.35 -2.80
C PRO A 89 -7.97 -11.15 -1.50
N ASP A 90 -7.24 -10.93 -0.40
CA ASP A 90 -7.83 -10.69 0.90
C ASP A 90 -8.01 -9.18 1.07
N ILE A 91 -9.24 -8.74 1.34
CA ILE A 91 -9.54 -7.32 1.51
C ILE A 91 -10.84 -7.16 2.29
N ARG A 92 -10.87 -6.16 3.20
CA ARG A 92 -12.05 -5.85 3.99
C ARG A 92 -12.29 -4.34 4.07
N THR A 93 -11.70 -3.59 3.13
CA THR A 93 -11.80 -2.13 3.12
C THR A 93 -11.26 -1.46 4.39
N LYS A 94 -10.44 -2.19 5.15
CA LYS A 94 -9.83 -1.70 6.38
C LYS A 94 -8.50 -2.38 6.62
N ASP A 95 -8.18 -3.40 5.81
CA ASP A 95 -6.94 -4.15 5.95
C ASP A 95 -5.70 -3.28 5.82
N ILE A 96 -5.83 -2.13 5.14
CA ILE A 96 -4.72 -1.20 4.95
C ILE A 96 -4.43 -0.43 6.23
N GLU A 97 -5.38 -0.42 7.18
CA GLU A 97 -5.19 0.26 8.46
C GLU A 97 -5.47 -0.68 9.63
N ASP A 98 -5.54 -1.99 9.36
CA ASP A 98 -5.65 -3.00 10.40
C ASP A 98 -4.59 -4.11 10.24
N VAL A 99 -4.62 -4.82 9.11
CA VAL A 99 -3.64 -5.88 8.87
C VAL A 99 -2.27 -5.25 8.65
N PHE A 100 -2.20 -4.31 7.71
CA PHE A 100 -0.97 -3.58 7.48
C PHE A 100 -0.54 -2.72 8.67
N SER A 101 -1.49 -2.40 9.56
CA SER A 101 -1.20 -1.67 10.78
C SER A 101 -0.41 -2.55 11.74
N LYS A 102 -0.62 -3.87 11.69
CA LYS A 102 0.21 -4.79 12.44
C LYS A 102 1.59 -4.93 11.76
N TYR A 103 1.65 -4.72 10.45
CA TYR A 103 2.92 -4.70 9.73
C TYR A 103 3.81 -3.48 9.95
N GLY A 104 3.24 -2.33 10.35
CA GLY A 104 4.05 -1.13 10.52
C GLY A 104 3.25 0.10 10.97
N ALA A 105 2.03 -0.09 11.48
CA ALA A 105 1.20 0.99 12.00
C ALA A 105 1.07 2.15 11.01
N ILE A 106 0.23 1.97 9.99
CA ILE A 106 -0.04 3.00 8.98
C ILE A 106 -0.61 4.25 9.65
N ARG A 107 -0.21 5.43 9.17
CA ARG A 107 -0.75 6.70 9.66
C ARG A 107 -1.76 7.28 8.69
N ASP A 108 -1.59 7.02 7.38
CA ASP A 108 -2.46 7.55 6.35
C ASP A 108 -2.60 6.65 5.12
N ILE A 109 -3.69 6.86 4.37
CA ILE A 109 -3.99 6.10 3.17
C ILE A 109 -4.21 7.07 2.00
N ASP A 110 -3.90 6.62 0.79
CA ASP A 110 -4.06 7.42 -0.41
C ASP A 110 -4.59 6.53 -1.54
N LEU A 111 -5.66 5.79 -1.26
CA LEU A 111 -6.30 4.94 -2.25
C LEU A 111 -6.81 5.79 -3.41
N LYS A 112 -6.58 5.32 -4.64
CA LYS A 112 -6.99 6.02 -5.85
C LYS A 112 -7.43 5.03 -6.91
N ASN A 113 -8.34 5.46 -7.82
CA ASN A 113 -8.87 4.61 -8.86
C ASN A 113 -8.91 5.31 -10.22
N ARG A 114 -8.38 6.54 -10.29
CA ARG A 114 -8.30 7.30 -11.54
C ARG A 114 -7.36 6.59 -12.53
N ARG A 115 -6.56 5.65 -12.02
CA ARG A 115 -5.64 4.83 -12.80
C ARG A 115 -6.40 3.92 -13.75
N GLY A 116 -7.67 3.62 -13.44
CA GLY A 116 -8.45 2.66 -14.20
C GLY A 116 -8.02 1.23 -13.84
N GLY A 117 -8.84 0.24 -14.22
CA GLY A 117 -8.56 -1.15 -13.89
C GLY A 117 -8.54 -1.33 -12.38
N PRO A 118 -7.75 -2.30 -11.87
CA PRO A 118 -7.57 -2.51 -10.46
C PRO A 118 -7.08 -1.24 -9.76
N PRO A 119 -7.48 -1.03 -8.49
CA PRO A 119 -7.09 0.14 -7.72
C PRO A 119 -5.61 0.07 -7.35
N PHE A 120 -5.06 1.19 -6.85
CA PHE A 120 -3.70 1.25 -6.37
C PHE A 120 -3.68 2.39 -5.35
N ALA A 121 -2.64 2.46 -4.52
CA ALA A 121 -2.60 3.42 -3.43
C ALA A 121 -1.18 3.79 -3.04
N PHE A 122 -1.06 4.87 -2.26
CA PHE A 122 0.22 5.33 -1.72
C PHE A 122 0.18 5.39 -0.19
N VAL A 123 0.34 4.22 0.44
CA VAL A 123 0.20 4.07 1.89
C VAL A 123 1.34 4.80 2.60
N GLU A 124 1.07 5.34 3.79
CA GLU A 124 2.05 6.09 4.55
C GLU A 124 2.25 5.49 5.94
N PHE A 125 3.50 5.11 6.24
CA PHE A 125 3.86 4.43 7.49
C PHE A 125 4.34 5.34 8.62
N GLU A 126 4.37 4.80 9.84
CA GLU A 126 4.93 5.50 10.99
C GLU A 126 6.45 5.56 10.91
N ASP A 127 7.06 4.51 10.33
CA ASP A 127 8.50 4.40 10.16
C ASP A 127 8.88 3.79 8.83
N PRO A 128 9.99 4.21 8.22
CA PRO A 128 10.47 3.70 6.95
C PRO A 128 11.04 2.30 7.09
N ARG A 129 11.41 1.90 8.32
CA ARG A 129 12.01 0.61 8.57
C ARG A 129 10.94 -0.49 8.56
N ASP A 130 9.73 -0.17 9.06
CA ASP A 130 8.63 -1.14 9.07
C ASP A 130 7.97 -1.30 7.71
N ALA A 131 8.21 -0.34 6.81
CA ALA A 131 7.68 -0.40 5.46
C ALA A 131 8.35 -1.54 4.68
N GLU A 132 9.54 -1.96 5.14
CA GLU A 132 10.26 -3.06 4.50
C GLU A 132 9.53 -4.38 4.77
N ASP A 133 8.93 -4.51 5.96
CA ASP A 133 8.20 -5.71 6.32
C ASP A 133 6.85 -5.81 5.63
N ALA A 134 6.21 -4.67 5.41
CA ALA A 134 4.92 -4.61 4.74
C ALA A 134 5.11 -4.87 3.25
N VAL A 135 6.25 -4.47 2.70
CA VAL A 135 6.55 -4.71 1.30
C VAL A 135 6.88 -6.19 1.13
N SER A 136 7.65 -6.76 2.06
CA SER A 136 8.02 -8.16 2.02
C SER A 136 6.84 -9.06 2.43
N GLY A 137 5.69 -8.45 2.76
CA GLY A 137 4.54 -9.19 3.23
C GLY A 137 3.84 -9.98 2.14
N ARG A 138 3.79 -9.44 0.90
CA ARG A 138 3.06 -10.11 -0.18
C ARG A 138 3.47 -9.55 -1.55
N ASP A 139 4.72 -9.09 -1.69
CA ASP A 139 5.19 -8.54 -2.96
C ASP A 139 5.23 -9.57 -4.08
N GLY A 140 4.92 -9.11 -5.30
CA GLY A 140 5.02 -9.95 -6.50
C GLY A 140 4.19 -11.22 -6.38
N TYR A 141 2.93 -11.09 -5.94
CA TYR A 141 2.09 -12.24 -5.66
C TYR A 141 1.12 -12.55 -6.81
N ASP A 142 0.99 -13.83 -7.13
CA ASP A 142 0.16 -14.33 -8.22
C ASP A 142 -1.33 -14.12 -7.94
N TYR A 143 -1.83 -12.91 -8.24
CA TYR A 143 -3.23 -12.57 -8.08
C TYR A 143 -4.04 -13.02 -9.29
N ASP A 144 -5.37 -12.93 -9.19
CA ASP A 144 -6.27 -13.33 -10.26
C ASP A 144 -6.10 -12.47 -11.52
N GLY A 145 -5.27 -12.94 -12.45
CA GLY A 145 -5.05 -12.26 -13.72
C GLY A 145 -4.00 -11.14 -13.63
N TYR A 146 -3.45 -10.90 -12.43
CA TYR A 146 -2.46 -9.85 -12.21
C TYR A 146 -1.38 -10.27 -11.22
N ARG A 147 -0.51 -9.32 -10.85
CA ARG A 147 0.59 -9.55 -9.91
C ARG A 147 0.66 -8.36 -8.95
N LEU A 148 0.79 -8.63 -7.66
CA LEU A 148 0.89 -7.57 -6.66
C LEU A 148 2.18 -6.79 -6.88
N ARG A 149 2.09 -5.46 -6.74
CA ARG A 149 3.26 -4.59 -6.82
C ARG A 149 3.31 -3.66 -5.62
N VAL A 150 3.29 -4.24 -4.42
CA VAL A 150 3.45 -3.48 -3.19
C VAL A 150 4.94 -3.23 -2.99
N GLU A 151 5.40 -2.05 -3.39
CA GLU A 151 6.81 -1.67 -3.28
C GLU A 151 6.95 -0.15 -3.19
N PHE A 152 8.16 0.32 -2.86
CA PHE A 152 8.42 1.75 -2.73
C PHE A 152 8.29 2.52 -4.05
N PRO A 153 7.93 3.81 -3.98
CA PRO A 153 7.82 4.67 -5.15
C PRO A 153 9.19 4.86 -5.81
N VAL A 70 -6.52 14.93 -5.19
CA VAL A 70 -6.20 15.91 -6.24
C VAL A 70 -4.79 16.47 -6.06
N ILE A 71 -3.97 16.35 -7.11
CA ILE A 71 -2.57 16.76 -7.12
C ILE A 71 -1.80 16.13 -5.96
N ARG A 72 -1.15 14.99 -6.24
CA ARG A 72 -0.35 14.23 -5.28
C ARG A 72 -1.20 13.71 -4.09
N GLY A 73 -0.59 12.84 -3.28
CA GLY A 73 -1.26 12.21 -2.16
C GLY A 73 -1.67 13.23 -1.09
N PRO A 74 -2.52 12.82 -0.14
CA PRO A 74 -3.00 13.65 0.94
C PRO A 74 -1.83 14.22 1.76
N ALA A 75 -2.06 15.38 2.38
CA ALA A 75 -1.07 16.08 3.20
C ALA A 75 0.22 16.38 2.43
N GLY A 76 0.17 16.31 1.09
CA GLY A 76 1.32 16.59 0.25
C GLY A 76 2.41 15.52 0.39
N ASN A 77 3.59 15.81 -0.16
CA ASN A 77 4.71 14.88 -0.09
C ASN A 77 5.27 14.79 1.31
N ASN A 78 5.78 13.61 1.67
CA ASN A 78 6.43 13.36 2.95
C ASN A 78 7.31 12.11 2.82
N ASP A 79 8.15 11.85 3.83
CA ASP A 79 9.01 10.68 3.83
C ASP A 79 8.27 9.39 4.20
N CYS A 80 8.98 8.26 4.17
CA CYS A 80 8.46 6.95 4.56
C CYS A 80 7.28 6.48 3.72
N ARG A 81 7.00 7.13 2.59
CA ARG A 81 5.95 6.69 1.68
C ARG A 81 6.44 5.56 0.77
N ILE A 82 5.53 4.63 0.45
CA ILE A 82 5.76 3.61 -0.56
C ILE A 82 4.49 3.43 -1.38
N TYR A 83 4.57 2.59 -2.42
CA TYR A 83 3.47 2.33 -3.34
C TYR A 83 2.99 0.89 -3.38
N VAL A 84 1.70 0.70 -3.64
CA VAL A 84 1.08 -0.61 -3.73
C VAL A 84 0.21 -0.69 -4.98
N GLY A 85 0.29 -1.80 -5.70
CA GLY A 85 -0.46 -2.02 -6.92
C GLY A 85 -0.94 -3.46 -7.00
N ASN A 86 -1.79 -3.73 -8.00
CA ASN A 86 -2.45 -5.02 -8.18
C ASN A 86 -3.28 -5.39 -6.93
N LEU A 87 -3.62 -4.40 -6.10
CA LEU A 87 -4.42 -4.62 -4.91
C LEU A 87 -5.78 -5.17 -5.33
N PRO A 88 -6.26 -6.26 -4.72
CA PRO A 88 -7.51 -6.89 -5.09
C PRO A 88 -8.68 -5.98 -4.75
N PRO A 89 -9.75 -6.02 -5.56
CA PRO A 89 -10.94 -5.21 -5.38
C PRO A 89 -11.77 -5.70 -4.19
N ASP A 90 -11.38 -6.85 -3.62
CA ASP A 90 -12.08 -7.42 -2.47
C ASP A 90 -11.82 -6.65 -1.17
N ILE A 91 -10.91 -5.68 -1.21
CA ILE A 91 -10.60 -4.86 -0.04
C ILE A 91 -11.80 -3.95 0.27
N ARG A 92 -12.04 -3.68 1.56
CA ARG A 92 -13.17 -2.85 1.97
C ARG A 92 -12.94 -2.33 3.38
N THR A 93 -13.56 -1.20 3.72
CA THR A 93 -13.38 -0.56 5.03
C THR A 93 -11.91 -0.36 5.41
N LYS A 94 -11.63 -0.19 6.70
CA LYS A 94 -10.28 0.04 7.20
C LYS A 94 -9.44 -1.25 7.17
N ASP A 95 -9.87 -2.27 6.43
CA ASP A 95 -9.10 -3.51 6.35
C ASP A 95 -7.70 -3.29 5.80
N ILE A 96 -7.50 -2.23 5.01
CA ILE A 96 -6.21 -1.91 4.43
C ILE A 96 -5.29 -1.29 5.49
N GLU A 97 -5.87 -0.81 6.59
CA GLU A 97 -5.10 -0.20 7.67
C GLU A 97 -4.77 -1.25 8.73
N ASP A 98 -5.64 -2.25 8.89
CA ASP A 98 -5.45 -3.27 9.90
C ASP A 98 -4.37 -4.28 9.54
N VAL A 99 -4.27 -4.62 8.25
CA VAL A 99 -3.24 -5.55 7.79
C VAL A 99 -1.89 -4.85 7.90
N PHE A 100 -1.81 -3.61 7.43
CA PHE A 100 -0.58 -2.85 7.51
C PHE A 100 -0.19 -2.46 8.94
N SER A 101 -1.19 -2.16 9.77
CA SER A 101 -0.92 -1.82 11.16
C SER A 101 -0.24 -2.98 11.88
N LYS A 102 -0.58 -4.22 11.51
CA LYS A 102 0.05 -5.40 12.07
C LYS A 102 1.47 -5.58 11.55
N TYR A 103 1.71 -5.19 10.30
CA TYR A 103 3.02 -5.33 9.67
C TYR A 103 4.02 -4.19 9.89
N GLY A 104 3.57 -3.02 10.37
CA GLY A 104 4.49 -1.91 10.53
C GLY A 104 3.86 -0.66 11.17
N ALA A 105 2.67 -0.79 11.76
CA ALA A 105 2.01 0.33 12.44
C ALA A 105 1.93 1.56 11.54
N ILE A 106 1.63 1.36 10.25
CA ILE A 106 1.48 2.42 9.27
C ILE A 106 0.67 3.59 9.84
N ARG A 107 1.13 4.82 9.55
CA ARG A 107 0.48 6.03 10.04
C ARG A 107 -0.66 6.47 9.14
N ASP A 108 -0.49 6.34 7.82
CA ASP A 108 -1.49 6.80 6.85
C ASP A 108 -1.60 5.92 5.61
N ILE A 109 -2.73 6.02 4.92
CA ILE A 109 -3.03 5.24 3.73
C ILE A 109 -3.67 6.16 2.69
N ASP A 110 -3.66 5.73 1.42
CA ASP A 110 -4.30 6.48 0.36
C ASP A 110 -4.86 5.53 -0.71
N LEU A 111 -5.92 4.80 -0.37
CA LEU A 111 -6.58 3.92 -1.30
C LEU A 111 -7.18 4.73 -2.46
N LYS A 112 -6.83 4.37 -3.69
CA LYS A 112 -7.28 5.06 -4.88
C LYS A 112 -7.62 4.06 -5.99
N ASN A 113 -8.35 4.53 -7.01
CA ASN A 113 -8.59 3.78 -8.22
C ASN A 113 -8.99 4.75 -9.33
N ARG A 114 -8.20 4.78 -10.40
CA ARG A 114 -8.43 5.72 -11.51
C ARG A 114 -7.69 5.26 -12.76
N ARG A 115 -8.30 5.46 -13.93
CA ARG A 115 -7.72 5.07 -15.22
C ARG A 115 -7.23 3.63 -15.22
N GLY A 116 -7.85 2.76 -14.44
CA GLY A 116 -7.44 1.36 -14.34
C GLY A 116 -8.56 0.49 -13.76
N GLY A 117 -8.36 -0.83 -13.78
CA GLY A 117 -9.31 -1.79 -13.26
C GLY A 117 -9.21 -1.88 -11.74
N PRO A 118 -8.27 -2.69 -11.23
CA PRO A 118 -8.05 -2.88 -9.82
C PRO A 118 -7.50 -1.61 -9.17
N PRO A 119 -7.78 -1.41 -7.87
CA PRO A 119 -7.31 -0.26 -7.11
C PRO A 119 -5.80 -0.31 -6.90
N PHE A 120 -5.24 0.79 -6.38
CA PHE A 120 -3.84 0.92 -6.01
C PHE A 120 -3.81 1.91 -4.86
N ALA A 121 -2.70 1.99 -4.13
CA ALA A 121 -2.65 2.83 -2.95
C ALA A 121 -1.24 3.23 -2.59
N PHE A 122 -1.11 4.26 -1.74
CA PHE A 122 0.16 4.66 -1.15
C PHE A 122 0.11 4.40 0.35
N VAL A 123 1.27 4.14 0.94
CA VAL A 123 1.37 3.79 2.34
C VAL A 123 2.44 4.64 3.00
N GLU A 124 2.17 5.16 4.19
CA GLU A 124 3.10 6.03 4.88
C GLU A 124 3.50 5.44 6.23
N PHE A 125 4.76 5.02 6.34
CA PHE A 125 5.28 4.37 7.53
C PHE A 125 5.68 5.30 8.68
N GLU A 126 5.75 4.76 9.90
CA GLU A 126 6.33 5.47 11.04
C GLU A 126 7.84 5.22 11.10
N ASP A 127 8.28 4.08 10.55
CA ASP A 127 9.67 3.69 10.53
C ASP A 127 9.92 2.72 9.36
N PRO A 128 10.79 3.09 8.41
CA PRO A 128 11.03 2.32 7.21
C PRO A 128 11.71 0.98 7.52
N ARG A 129 12.19 0.79 8.76
CA ARG A 129 12.81 -0.46 9.16
C ARG A 129 11.77 -1.59 9.20
N ASP A 130 10.50 -1.25 9.46
CA ASP A 130 9.43 -2.23 9.52
C ASP A 130 8.91 -2.61 8.13
N ALA A 131 9.23 -1.80 7.11
CA ALA A 131 8.78 -2.05 5.76
C ALA A 131 9.47 -3.28 5.18
N GLU A 132 10.58 -3.71 5.79
CA GLU A 132 11.31 -4.87 5.33
C GLU A 132 10.48 -6.14 5.50
N ASP A 133 9.48 -6.09 6.39
CA ASP A 133 8.59 -7.22 6.64
C ASP A 133 7.22 -7.03 5.99
N ALA A 134 6.75 -5.79 5.92
CA ALA A 134 5.45 -5.48 5.35
C ALA A 134 5.47 -5.62 3.84
N VAL A 135 6.63 -5.37 3.22
CA VAL A 135 6.77 -5.46 1.78
C VAL A 135 7.13 -6.89 1.38
N SER A 136 8.13 -7.47 2.04
CA SER A 136 8.61 -8.80 1.68
C SER A 136 7.56 -9.88 1.97
N GLY A 137 6.53 -9.53 2.76
CA GLY A 137 5.51 -10.48 3.15
C GLY A 137 4.47 -10.73 2.06
N ARG A 138 4.42 -9.87 1.02
CA ARG A 138 3.39 -10.01 -0.02
C ARG A 138 3.78 -9.34 -1.35
N ASP A 139 4.99 -8.80 -1.46
CA ASP A 139 5.44 -8.23 -2.72
C ASP A 139 5.75 -9.35 -3.73
N GLY A 140 5.45 -9.11 -5.02
CA GLY A 140 5.78 -10.05 -6.07
C GLY A 140 5.07 -11.40 -5.88
N TYR A 141 3.83 -11.37 -5.36
CA TYR A 141 3.12 -12.58 -5.00
C TYR A 141 2.16 -13.09 -6.07
N ASP A 142 2.17 -14.39 -6.30
CA ASP A 142 1.34 -15.04 -7.30
C ASP A 142 -0.16 -14.88 -7.01
N TYR A 143 -0.81 -13.99 -7.74
CA TYR A 143 -2.23 -13.72 -7.62
C TYR A 143 -3.00 -14.23 -8.84
N ASP A 144 -4.34 -14.17 -8.79
CA ASP A 144 -5.18 -14.63 -9.87
C ASP A 144 -4.90 -13.88 -11.18
N GLY A 145 -4.10 -14.48 -12.07
CA GLY A 145 -3.79 -13.91 -13.37
C GLY A 145 -2.76 -12.78 -13.29
N TYR A 146 -2.37 -12.36 -12.09
CA TYR A 146 -1.44 -11.25 -11.90
C TYR A 146 -0.43 -11.49 -10.77
N ARG A 147 0.31 -10.44 -10.39
CA ARG A 147 1.32 -10.51 -9.35
C ARG A 147 1.31 -9.20 -8.58
N LEU A 148 1.35 -9.30 -7.24
CA LEU A 148 1.31 -8.13 -6.37
C LEU A 148 2.54 -7.25 -6.61
N ARG A 149 2.37 -5.94 -6.44
CA ARG A 149 3.45 -4.98 -6.60
C ARG A 149 3.50 -4.05 -5.40
N VAL A 150 4.58 -4.14 -4.63
CA VAL A 150 4.78 -3.32 -3.46
C VAL A 150 6.19 -2.75 -3.48
N GLU A 151 6.33 -1.56 -4.05
CA GLU A 151 7.61 -0.87 -4.12
C GLU A 151 7.43 0.63 -4.00
N PHE A 152 8.49 1.35 -3.63
CA PHE A 152 8.46 2.79 -3.46
C PHE A 152 8.41 3.59 -4.77
N PRO A 153 7.84 4.81 -4.74
CA PRO A 153 7.79 5.71 -5.87
C PRO A 153 9.20 6.21 -6.22
N VAL A 70 -6.13 20.90 1.72
CA VAL A 70 -5.25 20.53 0.58
C VAL A 70 -5.71 19.21 -0.05
N ILE A 71 -5.62 19.13 -1.37
CA ILE A 71 -6.03 17.94 -2.12
C ILE A 71 -5.08 16.78 -1.79
N ARG A 72 -5.61 15.55 -1.80
CA ARG A 72 -4.84 14.36 -1.47
C ARG A 72 -3.74 14.11 -2.52
N GLY A 73 -2.58 13.65 -2.06
CA GLY A 73 -1.47 13.26 -2.92
C GLY A 73 -0.90 14.44 -3.71
N PRO A 74 -0.64 15.58 -3.06
CA PRO A 74 -0.15 16.78 -3.72
C PRO A 74 1.33 16.63 -4.10
N ALA A 75 2.00 15.62 -3.54
CA ALA A 75 3.42 15.36 -3.77
C ALA A 75 3.74 13.90 -3.45
N GLY A 76 5.01 13.52 -3.63
CA GLY A 76 5.46 12.16 -3.37
C GLY A 76 6.96 12.13 -3.07
N ASN A 77 7.45 10.96 -2.67
CA ASN A 77 8.85 10.76 -2.28
C ASN A 77 9.27 11.68 -1.12
N ASN A 78 10.49 11.47 -0.62
CA ASN A 78 11.05 12.19 0.53
C ASN A 78 10.17 12.04 1.78
N ASP A 79 9.19 11.15 1.73
CA ASP A 79 8.27 10.89 2.83
C ASP A 79 8.23 9.42 3.19
N CYS A 80 7.60 9.08 4.32
CA CYS A 80 7.44 7.70 4.75
C CYS A 80 6.36 6.98 3.93
N ARG A 81 5.81 7.66 2.92
CA ARG A 81 4.77 7.08 2.07
C ARG A 81 5.34 6.05 1.12
N ILE A 82 4.53 5.04 0.79
CA ILE A 82 4.84 4.03 -0.22
C ILE A 82 3.58 3.75 -1.04
N TYR A 83 3.72 2.88 -2.04
CA TYR A 83 2.65 2.53 -2.96
C TYR A 83 2.23 1.06 -2.91
N VAL A 84 0.95 0.80 -3.21
CA VAL A 84 0.39 -0.53 -3.22
C VAL A 84 -0.52 -0.68 -4.43
N GLY A 85 -0.53 -1.87 -5.05
CA GLY A 85 -1.32 -2.09 -6.26
C GLY A 85 -1.62 -3.57 -6.48
N ASN A 86 -2.35 -3.85 -7.56
CA ASN A 86 -2.80 -5.19 -7.90
C ASN A 86 -3.66 -5.81 -6.80
N LEU A 87 -4.30 -4.98 -5.98
CA LEU A 87 -5.17 -5.48 -4.91
C LEU A 87 -6.37 -6.19 -5.53
N PRO A 88 -6.80 -7.30 -4.94
CA PRO A 88 -7.92 -8.08 -5.42
C PRO A 88 -9.23 -7.31 -5.20
N PRO A 89 -10.26 -7.58 -6.02
CA PRO A 89 -11.55 -6.92 -5.93
C PRO A 89 -12.30 -7.35 -4.67
N ASP A 90 -11.88 -8.47 -4.07
CA ASP A 90 -12.52 -9.00 -2.87
C ASP A 90 -11.97 -8.41 -1.57
N ILE A 91 -11.00 -7.49 -1.68
CA ILE A 91 -10.38 -6.88 -0.50
C ILE A 91 -11.41 -6.01 0.23
N ARG A 92 -11.34 -5.97 1.56
CA ARG A 92 -12.22 -5.13 2.36
C ARG A 92 -11.64 -3.73 2.42
N THR A 93 -12.50 -2.71 2.54
CA THR A 93 -12.09 -1.32 2.56
C THR A 93 -11.22 -0.91 3.76
N LYS A 94 -10.93 -1.86 4.67
CA LYS A 94 -10.14 -1.58 5.86
C LYS A 94 -9.09 -2.65 6.15
N ASP A 95 -8.93 -3.65 5.27
CA ASP A 95 -7.87 -4.64 5.46
C ASP A 95 -6.49 -4.01 5.44
N ILE A 96 -6.32 -2.95 4.62
CA ILE A 96 -5.07 -2.23 4.52
C ILE A 96 -4.85 -1.33 5.74
N GLU A 97 -5.92 -1.07 6.51
CA GLU A 97 -5.84 -0.23 7.69
C GLU A 97 -5.70 -1.07 8.95
N ASP A 98 -5.94 -2.38 8.84
CA ASP A 98 -5.93 -3.28 10.00
C ASP A 98 -4.68 -4.15 10.10
N VAL A 99 -4.49 -5.08 9.17
CA VAL A 99 -3.40 -6.04 9.29
C VAL A 99 -2.04 -5.42 8.99
N PHE A 100 -1.99 -4.51 8.01
CA PHE A 100 -0.76 -3.82 7.68
C PHE A 100 -0.35 -2.79 8.73
N SER A 101 -1.33 -2.26 9.46
CA SER A 101 -1.08 -1.32 10.55
C SER A 101 -0.47 -2.06 11.74
N LYS A 102 -0.82 -3.34 11.92
CA LYS A 102 -0.22 -4.16 12.96
C LYS A 102 1.21 -4.53 12.56
N TYR A 103 1.47 -4.62 11.24
CA TYR A 103 2.78 -4.94 10.72
C TYR A 103 3.79 -3.79 10.65
N GLY A 104 3.33 -2.53 10.65
CA GLY A 104 4.24 -1.40 10.48
C GLY A 104 3.76 -0.12 11.15
N ALA A 105 2.77 -0.21 12.04
CA ALA A 105 2.25 0.94 12.77
C ALA A 105 1.89 2.09 11.83
N ILE A 106 1.33 1.75 10.66
CA ILE A 106 0.93 2.72 9.65
C ILE A 106 0.19 3.91 10.27
N ARG A 107 0.51 5.11 9.78
CA ARG A 107 -0.08 6.34 10.30
C ARG A 107 -1.12 6.91 9.35
N ASP A 108 -1.07 6.55 8.06
CA ASP A 108 -2.06 7.05 7.11
C ASP A 108 -2.27 6.09 5.94
N ILE A 109 -3.46 6.14 5.33
CA ILE A 109 -3.82 5.29 4.20
C ILE A 109 -4.55 6.14 3.15
N ASP A 110 -4.38 5.77 1.88
CA ASP A 110 -5.02 6.47 0.77
C ASP A 110 -5.48 5.47 -0.28
N LEU A 111 -6.33 4.52 0.12
CA LEU A 111 -6.92 3.56 -0.80
C LEU A 111 -7.74 4.30 -1.85
N LYS A 112 -7.50 3.98 -3.14
CA LYS A 112 -8.20 4.57 -4.26
C LYS A 112 -8.92 3.50 -5.08
N ASN A 113 -10.09 3.84 -5.60
CA ASN A 113 -10.91 2.94 -6.39
C ASN A 113 -10.41 2.92 -7.84
N ARG A 114 -11.32 2.69 -8.80
CA ARG A 114 -10.99 2.60 -10.22
C ARG A 114 -10.46 3.93 -10.77
N ARG A 115 -10.45 4.99 -9.96
CA ARG A 115 -9.87 6.27 -10.33
C ARG A 115 -8.42 6.07 -10.76
N GLY A 116 -8.03 6.69 -11.87
CA GLY A 116 -6.70 6.50 -12.44
C GLY A 116 -6.60 5.09 -13.03
N GLY A 117 -5.50 4.39 -12.74
CA GLY A 117 -5.34 3.00 -13.13
C GLY A 117 -6.24 2.09 -12.29
N PRO A 118 -5.98 0.77 -12.32
CA PRO A 118 -6.67 -0.20 -11.48
C PRO A 118 -6.55 0.17 -10.00
N PRO A 119 -7.38 -0.44 -9.14
CA PRO A 119 -7.40 -0.14 -7.72
C PRO A 119 -6.00 -0.21 -7.12
N PHE A 120 -5.64 0.80 -6.32
CA PHE A 120 -4.29 0.94 -5.79
C PHE A 120 -4.40 1.87 -4.58
N ALA A 121 -3.29 2.04 -3.85
CA ALA A 121 -3.31 2.83 -2.64
C ALA A 121 -1.93 3.38 -2.31
N PHE A 122 -1.88 4.33 -1.38
CA PHE A 122 -0.65 4.80 -0.77
C PHE A 122 -0.74 4.60 0.74
N VAL A 123 0.41 4.45 1.39
CA VAL A 123 0.45 4.15 2.82
C VAL A 123 1.62 4.88 3.45
N GLU A 124 1.39 5.55 4.59
CA GLU A 124 2.44 6.26 5.29
C GLU A 124 2.82 5.48 6.55
N PHE A 125 4.08 5.04 6.62
CA PHE A 125 4.60 4.29 7.75
C PHE A 125 5.11 5.15 8.91
N GLU A 126 5.11 4.59 10.11
CA GLU A 126 5.72 5.22 11.28
C GLU A 126 7.24 5.08 11.21
N ASP A 127 7.72 4.00 10.58
CA ASP A 127 9.13 3.71 10.43
C ASP A 127 9.33 2.76 9.24
N PRO A 128 10.05 3.19 8.20
CA PRO A 128 10.23 2.42 6.98
C PRO A 128 11.05 1.15 7.23
N ARG A 129 11.65 1.01 8.42
CA ARG A 129 12.41 -0.19 8.76
C ARG A 129 11.49 -1.38 9.01
N ASP A 130 10.20 -1.12 9.21
CA ASP A 130 9.21 -2.18 9.39
C ASP A 130 8.81 -2.85 8.07
N ALA A 131 9.36 -2.36 6.96
CA ALA A 131 9.07 -2.91 5.65
C ALA A 131 9.56 -4.35 5.53
N GLU A 132 10.42 -4.79 6.45
CA GLU A 132 10.96 -6.15 6.41
C GLU A 132 9.87 -7.19 6.64
N ASP A 133 8.71 -6.75 7.15
CA ASP A 133 7.56 -7.63 7.36
C ASP A 133 6.31 -7.12 6.65
N ALA A 134 6.12 -5.80 6.62
CA ALA A 134 4.93 -5.18 6.07
C ALA A 134 5.01 -5.04 4.54
N VAL A 135 6.20 -5.29 3.96
CA VAL A 135 6.38 -5.13 2.53
C VAL A 135 7.05 -6.37 1.93
N SER A 136 8.15 -6.84 2.54
CA SER A 136 8.86 -8.01 2.05
C SER A 136 8.02 -9.27 2.19
N GLY A 137 6.90 -9.18 2.91
CA GLY A 137 6.02 -10.31 3.15
C GLY A 137 4.90 -10.42 2.11
N ARG A 138 4.83 -9.48 1.15
CA ARG A 138 3.75 -9.49 0.18
C ARG A 138 4.15 -8.86 -1.17
N ASP A 139 5.25 -8.11 -1.20
CA ASP A 139 5.66 -7.45 -2.43
C ASP A 139 6.06 -8.48 -3.49
N GLY A 140 5.66 -8.25 -4.74
CA GLY A 140 6.07 -9.09 -5.86
C GLY A 140 5.55 -10.51 -5.70
N TYR A 141 4.30 -10.68 -5.27
CA TYR A 141 3.75 -12.00 -4.98
C TYR A 141 2.90 -12.57 -6.11
N ASP A 142 3.15 -13.84 -6.44
CA ASP A 142 2.47 -14.54 -7.52
C ASP A 142 0.97 -14.66 -7.27
N TYR A 143 0.19 -13.87 -8.01
CA TYR A 143 -1.26 -13.88 -7.95
C TYR A 143 -1.88 -14.40 -9.25
N ASP A 144 -3.19 -14.63 -9.26
CA ASP A 144 -3.88 -15.15 -10.43
C ASP A 144 -3.75 -14.22 -11.64
N GLY A 145 -2.83 -14.55 -12.56
CA GLY A 145 -2.62 -13.80 -13.78
C GLY A 145 -1.81 -12.51 -13.57
N TYR A 146 -1.52 -12.16 -12.31
CA TYR A 146 -0.81 -10.93 -11.97
C TYR A 146 0.20 -11.10 -10.83
N ARG A 147 0.73 -9.99 -10.32
CA ARG A 147 1.73 -9.99 -9.27
C ARG A 147 1.56 -8.76 -8.39
N LEU A 148 1.50 -8.97 -7.07
CA LEU A 148 1.25 -7.90 -6.12
C LEU A 148 2.34 -6.85 -6.17
N ARG A 149 1.98 -5.59 -5.91
CA ARG A 149 2.94 -4.50 -5.85
C ARG A 149 2.90 -3.85 -4.47
N VAL A 150 4.06 -3.72 -3.84
CA VAL A 150 4.23 -3.00 -2.59
C VAL A 150 5.60 -2.33 -2.58
N GLU A 151 5.70 -1.17 -3.23
CA GLU A 151 6.95 -0.45 -3.39
C GLU A 151 6.71 1.05 -3.41
N PHE A 152 7.76 1.84 -3.16
CA PHE A 152 7.67 3.29 -3.17
C PHE A 152 7.59 3.91 -4.57
N PRO A 153 7.04 5.13 -4.69
CA PRO A 153 6.94 5.86 -5.94
C PRO A 153 8.31 6.03 -6.60
N VAL A 70 -7.28 19.08 2.94
CA VAL A 70 -6.69 18.91 1.59
C VAL A 70 -6.50 17.43 1.24
N ILE A 71 -6.53 17.11 -0.05
CA ILE A 71 -6.35 15.74 -0.51
C ILE A 71 -4.93 15.27 -0.23
N ARG A 72 -4.77 13.99 0.11
CA ARG A 72 -3.46 13.42 0.45
C ARG A 72 -2.62 13.20 -0.81
N GLY A 73 -1.29 13.20 -0.64
CA GLY A 73 -0.36 12.81 -1.67
C GLY A 73 0.34 13.98 -2.36
N PRO A 74 0.70 15.06 -1.63
CA PRO A 74 1.48 16.15 -2.18
C PRO A 74 2.90 15.68 -2.48
N ALA A 75 3.62 16.43 -3.32
CA ALA A 75 4.99 16.09 -3.70
C ALA A 75 5.91 16.18 -2.49
N GLY A 76 7.02 15.42 -2.51
CA GLY A 76 7.98 15.40 -1.43
C GLY A 76 9.06 14.35 -1.66
N ASN A 77 10.00 14.24 -0.73
CA ASN A 77 11.12 13.31 -0.81
C ASN A 77 11.47 12.77 0.57
N ASN A 78 12.19 11.64 0.61
CA ASN A 78 12.59 10.99 1.86
C ASN A 78 11.39 10.71 2.77
N ASP A 79 10.20 10.62 2.18
CA ASP A 79 8.97 10.37 2.92
C ASP A 79 8.84 8.92 3.38
N CYS A 80 8.00 8.70 4.41
CA CYS A 80 7.73 7.37 4.95
C CYS A 80 6.61 6.69 4.18
N ARG A 81 6.03 7.38 3.19
CA ARG A 81 4.93 6.86 2.40
C ARG A 81 5.40 5.73 1.50
N ILE A 82 4.53 4.74 1.26
CA ILE A 82 4.78 3.68 0.30
C ILE A 82 3.57 3.49 -0.61
N TYR A 83 3.75 2.68 -1.66
CA TYR A 83 2.72 2.45 -2.67
C TYR A 83 2.22 1.00 -2.72
N VAL A 84 0.96 0.84 -3.13
CA VAL A 84 0.32 -0.46 -3.24
C VAL A 84 -0.50 -0.50 -4.53
N GLY A 85 -0.54 -1.66 -5.20
CA GLY A 85 -1.26 -1.79 -6.45
C GLY A 85 -1.63 -3.23 -6.75
N ASN A 86 -2.28 -3.44 -7.91
CA ASN A 86 -2.77 -4.74 -8.34
C ASN A 86 -3.73 -5.35 -7.31
N LEU A 87 -4.36 -4.52 -6.48
CA LEU A 87 -5.29 -5.02 -5.48
C LEU A 87 -6.49 -5.68 -6.16
N PRO A 88 -7.06 -6.73 -5.55
CA PRO A 88 -8.19 -7.45 -6.09
C PRO A 88 -9.46 -6.60 -6.00
N PRO A 89 -10.47 -6.89 -6.84
CA PRO A 89 -11.74 -6.22 -6.80
C PRO A 89 -12.45 -6.39 -5.45
N ASP A 90 -12.05 -7.44 -4.70
CA ASP A 90 -12.62 -7.74 -3.38
C ASP A 90 -11.98 -6.94 -2.25
N ILE A 91 -11.10 -5.99 -2.58
CA ILE A 91 -10.41 -5.18 -1.59
C ILE A 91 -11.39 -4.38 -0.75
N ARG A 92 -11.02 -4.06 0.49
CA ARG A 92 -11.84 -3.29 1.40
C ARG A 92 -10.96 -2.38 2.26
N THR A 93 -11.48 -1.24 2.68
CA THR A 93 -10.72 -0.25 3.45
C THR A 93 -10.24 -0.77 4.80
N LYS A 94 -10.84 -1.86 5.29
CA LYS A 94 -10.47 -2.46 6.57
C LYS A 94 -9.38 -3.52 6.39
N ASP A 95 -9.37 -4.19 5.23
CA ASP A 95 -8.37 -5.22 4.97
C ASP A 95 -6.98 -4.61 4.77
N ILE A 96 -6.94 -3.44 4.14
CA ILE A 96 -5.69 -2.78 3.83
C ILE A 96 -5.06 -2.13 5.07
N GLU A 97 -5.83 -1.98 6.16
CA GLU A 97 -5.27 -1.40 7.38
C GLU A 97 -5.00 -2.48 8.42
N ASP A 98 -5.67 -3.63 8.33
CA ASP A 98 -5.44 -4.73 9.26
C ASP A 98 -4.11 -5.46 9.01
N VAL A 99 -3.85 -5.85 7.76
CA VAL A 99 -2.63 -6.58 7.44
C VAL A 99 -1.42 -5.66 7.48
N PHE A 100 -1.61 -4.37 7.16
CA PHE A 100 -0.52 -3.42 7.23
C PHE A 100 -0.17 -2.98 8.64
N SER A 101 -1.17 -2.70 9.48
CA SER A 101 -0.91 -2.31 10.86
C SER A 101 -0.30 -3.47 11.64
N LYS A 102 -0.50 -4.71 11.17
CA LYS A 102 0.16 -5.87 11.75
C LYS A 102 1.62 -5.89 11.34
N TYR A 103 1.91 -5.48 10.11
CA TYR A 103 3.28 -5.42 9.60
C TYR A 103 4.09 -4.18 9.99
N GLY A 104 3.47 -3.14 10.54
CA GLY A 104 4.21 -1.94 10.90
C GLY A 104 3.33 -0.86 11.54
N ALA A 105 3.97 0.26 11.90
CA ALA A 105 3.31 1.37 12.57
C ALA A 105 2.59 2.29 11.57
N ILE A 106 1.72 1.72 10.74
CA ILE A 106 0.95 2.51 9.78
C ILE A 106 -0.06 3.39 10.52
N ARG A 107 -0.29 4.60 10.00
CA ARG A 107 -1.26 5.52 10.59
C ARG A 107 -2.29 5.95 9.56
N ASP A 108 -1.88 6.13 8.31
CA ASP A 108 -2.79 6.59 7.25
C ASP A 108 -2.89 5.64 6.07
N ILE A 109 -4.07 5.64 5.42
CA ILE A 109 -4.36 4.82 4.25
C ILE A 109 -5.10 5.67 3.23
N ASP A 110 -4.91 5.35 1.94
CA ASP A 110 -5.58 6.06 0.86
C ASP A 110 -5.87 5.10 -0.28
N LEU A 111 -6.70 4.09 -0.02
CA LEU A 111 -7.19 3.17 -1.04
C LEU A 111 -8.04 3.93 -2.06
N LYS A 112 -7.73 3.76 -3.36
CA LYS A 112 -8.44 4.38 -4.45
C LYS A 112 -9.02 3.31 -5.36
N ASN A 113 -10.18 3.59 -5.95
CA ASN A 113 -10.89 2.64 -6.80
C ASN A 113 -10.89 3.09 -8.25
N ARG A 114 -11.33 2.20 -9.15
CA ARG A 114 -11.41 2.44 -10.58
C ARG A 114 -10.05 2.87 -11.15
N ARG A 115 -9.82 4.17 -11.31
CA ARG A 115 -8.57 4.71 -11.86
C ARG A 115 -8.27 4.12 -13.25
N GLY A 116 -9.29 3.59 -13.93
CA GLY A 116 -9.16 3.08 -15.28
C GLY A 116 -8.52 1.68 -15.33
N GLY A 117 -8.42 1.01 -14.18
CA GLY A 117 -7.83 -0.32 -14.10
C GLY A 117 -8.07 -0.95 -12.73
N PRO A 118 -7.20 -1.88 -12.31
CA PRO A 118 -7.22 -2.43 -10.97
C PRO A 118 -7.02 -1.32 -9.94
N PRO A 119 -7.64 -1.45 -8.75
CA PRO A 119 -7.50 -0.49 -7.68
C PRO A 119 -6.06 -0.46 -7.15
N PHE A 120 -5.68 0.64 -6.51
CA PHE A 120 -4.34 0.81 -5.97
C PHE A 120 -4.48 1.72 -4.76
N ALA A 121 -3.44 1.84 -3.94
CA ALA A 121 -3.56 2.55 -2.68
C ALA A 121 -2.24 3.14 -2.22
N PHE A 122 -2.32 4.03 -1.23
CA PHE A 122 -1.18 4.57 -0.52
C PHE A 122 -1.24 4.29 0.97
N VAL A 123 -0.07 4.24 1.61
CA VAL A 123 0.07 3.95 3.02
C VAL A 123 1.16 4.83 3.60
N GLU A 124 0.98 5.28 4.85
CA GLU A 124 1.93 6.17 5.51
C GLU A 124 2.28 5.66 6.90
N PHE A 125 3.59 5.50 7.14
CA PHE A 125 4.13 5.00 8.40
C PHE A 125 4.47 6.10 9.40
N GLU A 126 4.41 5.78 10.69
CA GLU A 126 4.93 6.67 11.74
C GLU A 126 6.44 6.46 11.86
N ASP A 127 6.91 5.27 11.47
CA ASP A 127 8.30 4.88 11.58
C ASP A 127 8.66 3.86 10.50
N PRO A 128 9.55 4.22 9.56
CA PRO A 128 9.87 3.39 8.40
C PRO A 128 10.76 2.19 8.76
N ARG A 129 11.15 2.05 10.02
CA ARG A 129 12.05 0.99 10.46
C ARG A 129 11.43 -0.40 10.38
N ASP A 130 10.18 -0.50 9.94
CA ASP A 130 9.53 -1.78 9.69
C ASP A 130 8.78 -1.80 8.35
N ALA A 131 8.86 -0.71 7.59
CA ALA A 131 8.21 -0.62 6.30
C ALA A 131 8.89 -1.56 5.30
N GLU A 132 10.14 -1.94 5.56
CA GLU A 132 10.87 -2.86 4.70
C GLU A 132 10.28 -4.26 4.81
N ASP A 133 9.70 -4.60 5.97
CA ASP A 133 9.08 -5.89 6.19
C ASP A 133 7.68 -5.94 5.57
N ALA A 134 6.97 -4.81 5.61
CA ALA A 134 5.66 -4.70 5.00
C ALA A 134 5.78 -4.72 3.48
N VAL A 135 6.94 -4.33 2.96
CA VAL A 135 7.20 -4.32 1.53
C VAL A 135 7.67 -5.71 1.11
N SER A 136 8.77 -6.19 1.70
CA SER A 136 9.39 -7.43 1.26
C SER A 136 8.56 -8.65 1.65
N GLY A 137 7.62 -8.48 2.59
CA GLY A 137 6.81 -9.58 3.09
C GLY A 137 5.48 -9.70 2.35
N ARG A 138 5.25 -8.90 1.30
CA ARG A 138 3.96 -8.89 0.63
C ARG A 138 4.07 -8.53 -0.86
N ASP A 139 5.20 -7.94 -1.29
CA ASP A 139 5.34 -7.50 -2.67
C ASP A 139 5.48 -8.68 -3.64
N GLY A 140 5.14 -8.42 -4.90
CA GLY A 140 5.41 -9.34 -5.99
C GLY A 140 4.78 -10.72 -5.79
N TYR A 141 3.53 -10.76 -5.31
CA TYR A 141 2.89 -12.03 -4.98
C TYR A 141 2.07 -12.61 -6.13
N ASP A 142 2.31 -13.89 -6.42
CA ASP A 142 1.63 -14.60 -7.50
C ASP A 142 0.13 -14.74 -7.25
N TYR A 143 -0.66 -13.89 -7.91
CA TYR A 143 -2.11 -13.90 -7.79
C TYR A 143 -2.78 -14.76 -8.87
N ASP A 144 -4.11 -14.87 -8.83
CA ASP A 144 -4.89 -15.70 -9.73
C ASP A 144 -4.89 -15.22 -11.20
N GLY A 145 -3.88 -14.45 -11.60
CA GLY A 145 -3.78 -13.93 -12.96
C GLY A 145 -2.82 -12.74 -13.06
N TYR A 146 -2.39 -12.19 -11.92
CA TYR A 146 -1.52 -11.03 -11.88
C TYR A 146 -0.47 -11.17 -10.78
N ARG A 147 0.21 -10.06 -10.46
CA ARG A 147 1.24 -10.05 -9.43
C ARG A 147 1.13 -8.76 -8.60
N LEU A 148 0.95 -8.93 -7.28
CA LEU A 148 0.75 -7.82 -6.36
C LEU A 148 1.93 -6.86 -6.38
N ARG A 149 1.66 -5.59 -6.04
CA ARG A 149 2.70 -4.58 -5.93
C ARG A 149 2.59 -3.89 -4.58
N VAL A 150 3.70 -3.89 -3.84
CA VAL A 150 3.81 -3.18 -2.56
C VAL A 150 5.21 -2.61 -2.46
N GLU A 151 5.43 -1.45 -3.08
CA GLU A 151 6.76 -0.86 -3.18
C GLU A 151 6.73 0.65 -2.99
N PHE A 152 7.89 1.23 -2.67
CA PHE A 152 8.05 2.66 -2.48
C PHE A 152 7.98 3.46 -3.78
N PRO A 153 7.30 4.61 -3.79
CA PRO A 153 7.14 5.46 -4.95
C PRO A 153 8.48 6.07 -5.39
N VAL A 70 -4.40 18.91 3.16
CA VAL A 70 -3.57 18.44 2.04
C VAL A 70 -4.36 17.56 1.07
N ILE A 71 -4.05 17.64 -0.22
CA ILE A 71 -4.76 16.89 -1.26
C ILE A 71 -4.31 15.43 -1.28
N ARG A 72 -3.28 15.09 -0.48
CA ARG A 72 -2.67 13.76 -0.42
C ARG A 72 -2.04 13.35 -1.76
N GLY A 73 -0.82 12.81 -1.69
CA GLY A 73 -0.12 12.27 -2.84
C GLY A 73 0.99 13.22 -3.30
N PRO A 74 0.71 14.11 -4.27
CA PRO A 74 1.67 15.08 -4.78
C PRO A 74 2.19 16.05 -3.71
N ALA A 75 1.76 15.89 -2.46
CA ALA A 75 2.17 16.74 -1.37
C ALA A 75 2.23 15.95 -0.05
N GLY A 76 2.66 16.60 1.02
CA GLY A 76 2.81 15.96 2.32
C GLY A 76 4.24 15.45 2.52
N ASN A 77 4.44 14.66 3.58
CA ASN A 77 5.75 14.11 3.90
C ASN A 77 6.18 13.08 2.86
N ASN A 78 7.43 12.59 2.99
CA ASN A 78 8.01 11.64 2.06
C ASN A 78 9.00 10.73 2.79
N ASP A 79 9.60 9.79 2.07
CA ASP A 79 10.56 8.83 2.62
C ASP A 79 9.99 7.91 3.71
N CYS A 80 8.67 7.96 3.92
CA CYS A 80 7.98 7.09 4.87
C CYS A 80 6.73 6.48 4.23
N ARG A 81 6.44 6.85 2.98
CA ARG A 81 5.28 6.37 2.27
C ARG A 81 5.68 5.26 1.30
N ILE A 82 4.78 4.31 1.07
CA ILE A 82 5.01 3.22 0.11
C ILE A 82 3.78 3.04 -0.77
N TYR A 83 3.91 2.15 -1.76
CA TYR A 83 2.87 1.91 -2.76
C TYR A 83 2.34 0.48 -2.78
N VAL A 84 1.07 0.34 -3.17
CA VAL A 84 0.39 -0.94 -3.23
C VAL A 84 -0.46 -1.00 -4.49
N GLY A 85 -0.53 -2.18 -5.14
CA GLY A 85 -1.29 -2.34 -6.36
C GLY A 85 -1.75 -3.79 -6.51
N ASN A 86 -2.65 -4.01 -7.48
CA ASN A 86 -3.31 -5.28 -7.71
C ASN A 86 -4.12 -5.72 -6.49
N LEU A 87 -4.75 -4.77 -5.80
CA LEU A 87 -5.61 -5.08 -4.67
C LEU A 87 -6.78 -5.95 -5.13
N PRO A 88 -7.22 -6.91 -4.31
CA PRO A 88 -8.32 -7.79 -4.61
C PRO A 88 -9.64 -7.01 -4.58
N PRO A 89 -10.68 -7.52 -5.24
CA PRO A 89 -11.99 -6.89 -5.27
C PRO A 89 -12.66 -6.98 -3.89
N ASP A 90 -12.15 -7.85 -3.03
CA ASP A 90 -12.68 -8.02 -1.68
C ASP A 90 -12.03 -7.08 -0.66
N ILE A 91 -11.16 -6.18 -1.12
CA ILE A 91 -10.46 -5.26 -0.23
C ILE A 91 -11.44 -4.30 0.44
N ARG A 92 -11.06 -3.78 1.61
CA ARG A 92 -11.87 -2.82 2.35
C ARG A 92 -10.99 -1.73 2.92
N THR A 93 -11.60 -0.59 3.29
CA THR A 93 -10.88 0.57 3.80
C THR A 93 -10.22 0.34 5.16
N LYS A 94 -10.50 -0.81 5.80
CA LYS A 94 -9.91 -1.13 7.09
C LYS A 94 -8.93 -2.29 6.98
N ASP A 95 -9.21 -3.27 6.12
CA ASP A 95 -8.32 -4.40 5.95
C ASP A 95 -6.96 -3.94 5.40
N ILE A 96 -6.97 -2.84 4.64
CA ILE A 96 -5.78 -2.30 4.02
C ILE A 96 -4.85 -1.67 5.05
N GLU A 97 -5.32 -1.43 6.28
CA GLU A 97 -4.45 -0.95 7.33
C GLU A 97 -4.37 -1.97 8.48
N ASP A 98 -5.22 -3.00 8.46
CA ASP A 98 -5.19 -4.02 9.48
C ASP A 98 -3.95 -4.91 9.31
N VAL A 99 -3.79 -5.48 8.12
CA VAL A 99 -2.63 -6.34 7.85
C VAL A 99 -1.34 -5.51 7.85
N PHE A 100 -1.41 -4.28 7.37
CA PHE A 100 -0.26 -3.39 7.39
C PHE A 100 0.14 -2.95 8.79
N SER A 101 -0.85 -2.79 9.69
CA SER A 101 -0.58 -2.43 11.07
C SER A 101 0.14 -3.58 11.79
N LYS A 102 -0.10 -4.82 11.34
CA LYS A 102 0.61 -5.97 11.87
C LYS A 102 2.08 -5.93 11.40
N TYR A 103 2.31 -5.43 10.18
CA TYR A 103 3.66 -5.28 9.64
C TYR A 103 4.43 -4.03 10.09
N GLY A 104 3.75 -3.03 10.66
CA GLY A 104 4.44 -1.83 11.10
C GLY A 104 3.48 -0.75 11.59
N ALA A 105 4.03 0.39 12.03
CA ALA A 105 3.26 1.50 12.56
C ALA A 105 2.73 2.39 11.45
N ILE A 106 1.59 2.02 10.86
CA ILE A 106 0.92 2.84 9.86
C ILE A 106 0.27 4.05 10.53
N ARG A 107 0.17 5.17 9.79
CA ARG A 107 -0.49 6.37 10.29
C ARG A 107 -1.55 6.88 9.31
N ASP A 108 -1.40 6.57 8.02
CA ASP A 108 -2.37 6.99 7.00
C ASP A 108 -2.47 6.05 5.80
N ILE A 109 -3.58 6.17 5.07
CA ILE A 109 -3.87 5.37 3.88
C ILE A 109 -4.33 6.29 2.75
N ASP A 110 -4.18 5.82 1.51
CA ASP A 110 -4.65 6.54 0.34
C ASP A 110 -5.17 5.54 -0.68
N LEU A 111 -6.12 4.69 -0.26
CA LEU A 111 -6.78 3.77 -1.17
C LEU A 111 -7.42 4.53 -2.33
N LYS A 112 -7.21 4.05 -3.56
CA LYS A 112 -7.69 4.68 -4.78
C LYS A 112 -8.33 3.67 -5.71
N ASN A 113 -9.18 4.16 -6.62
CA ASN A 113 -9.85 3.35 -7.62
C ASN A 113 -10.03 4.13 -8.93
N ARG A 114 -9.36 5.28 -9.03
CA ARG A 114 -9.42 6.14 -10.20
C ARG A 114 -8.63 5.53 -11.35
N ARG A 115 -8.85 6.05 -12.56
CA ARG A 115 -8.14 5.64 -13.78
C ARG A 115 -8.37 4.16 -14.10
N GLY A 116 -7.79 3.71 -15.21
CA GLY A 116 -7.95 2.34 -15.69
C GLY A 116 -7.10 1.36 -14.90
N GLY A 117 -7.27 0.06 -15.18
CA GLY A 117 -6.54 -0.99 -14.49
C GLY A 117 -7.12 -1.24 -13.09
N PRO A 118 -6.59 -2.24 -12.37
CA PRO A 118 -7.00 -2.59 -11.03
C PRO A 118 -6.79 -1.42 -10.06
N PRO A 119 -7.47 -1.43 -8.90
CA PRO A 119 -7.31 -0.43 -7.87
C PRO A 119 -5.91 -0.49 -7.28
N PHE A 120 -5.49 0.59 -6.63
CA PHE A 120 -4.14 0.69 -6.08
C PHE A 120 -4.22 1.67 -4.91
N ALA A 121 -3.14 1.79 -4.14
CA ALA A 121 -3.16 2.59 -2.93
C ALA A 121 -1.75 2.98 -2.50
N PHE A 122 -1.68 3.82 -1.46
CA PHE A 122 -0.42 4.16 -0.80
C PHE A 122 -0.59 4.02 0.69
N VAL A 123 0.52 3.80 1.40
CA VAL A 123 0.51 3.61 2.85
C VAL A 123 1.58 4.49 3.47
N GLU A 124 1.24 5.19 4.55
CA GLU A 124 2.16 6.10 5.21
C GLU A 124 2.55 5.56 6.59
N PHE A 125 3.86 5.40 6.80
CA PHE A 125 4.41 4.88 8.05
C PHE A 125 4.88 5.97 9.02
N GLU A 126 4.91 5.65 10.31
CA GLU A 126 5.52 6.51 11.32
C GLU A 126 7.05 6.35 11.29
N ASP A 127 7.51 5.20 10.78
CA ASP A 127 8.93 4.88 10.71
C ASP A 127 9.19 3.92 9.55
N PRO A 128 10.00 4.33 8.56
CA PRO A 128 10.25 3.54 7.36
C PRO A 128 11.02 2.25 7.67
N ARG A 129 11.50 2.07 8.91
CA ARG A 129 12.19 0.85 9.30
C ARG A 129 11.25 -0.35 9.18
N ASP A 130 9.97 -0.14 9.49
CA ASP A 130 8.98 -1.21 9.45
C ASP A 130 8.33 -1.31 8.07
N ALA A 131 8.47 -0.27 7.25
CA ALA A 131 7.89 -0.27 5.92
C ALA A 131 8.61 -1.27 5.02
N GLU A 132 9.86 -1.58 5.35
CA GLU A 132 10.64 -2.57 4.61
C GLU A 132 10.12 -3.98 4.89
N ASP A 133 9.55 -4.18 6.09
CA ASP A 133 9.00 -5.47 6.46
C ASP A 133 7.66 -5.75 5.77
N ALA A 134 6.86 -4.70 5.58
CA ALA A 134 5.58 -4.81 4.90
C ALA A 134 5.81 -5.08 3.40
N VAL A 135 6.93 -4.57 2.87
CA VAL A 135 7.28 -4.78 1.47
C VAL A 135 7.83 -6.20 1.32
N SER A 136 8.46 -6.74 2.36
CA SER A 136 9.04 -8.07 2.33
C SER A 136 8.01 -9.14 2.67
N GLY A 137 6.85 -8.73 3.19
CA GLY A 137 5.83 -9.66 3.65
C GLY A 137 5.20 -10.43 2.48
N ARG A 138 4.85 -9.71 1.41
CA ARG A 138 4.27 -10.31 0.22
C ARG A 138 4.37 -9.34 -0.95
N ASP A 139 5.03 -9.74 -2.03
CA ASP A 139 5.22 -8.89 -3.20
C ASP A 139 5.65 -9.72 -4.41
N GLY A 140 5.27 -9.27 -5.61
CA GLY A 140 5.76 -9.83 -6.85
C GLY A 140 5.10 -11.17 -7.21
N TYR A 141 3.97 -11.09 -7.92
CA TYR A 141 3.31 -12.24 -8.53
C TYR A 141 2.86 -13.35 -7.59
N ASP A 142 1.55 -13.39 -7.32
CA ASP A 142 0.97 -14.39 -6.45
C ASP A 142 -0.54 -14.43 -6.62
N TYR A 143 -1.01 -14.12 -7.83
CA TYR A 143 -2.43 -14.11 -8.13
C TYR A 143 -2.65 -14.89 -9.42
N ASP A 144 -3.92 -15.01 -9.80
CA ASP A 144 -4.33 -15.71 -11.00
C ASP A 144 -4.35 -14.77 -12.21
N GLY A 145 -3.38 -14.92 -13.12
CA GLY A 145 -3.28 -14.07 -14.31
C GLY A 145 -2.81 -12.66 -13.94
N TYR A 146 -2.61 -12.40 -12.65
CA TYR A 146 -2.16 -11.12 -12.13
C TYR A 146 -1.01 -11.23 -11.14
N ARG A 147 -0.41 -10.09 -10.78
CA ARG A 147 0.71 -10.06 -9.87
C ARG A 147 0.55 -8.95 -8.83
N LEU A 148 0.85 -9.29 -7.58
CA LEU A 148 0.78 -8.35 -6.47
C LEU A 148 1.95 -7.39 -6.56
N ARG A 149 1.72 -6.13 -6.22
CA ARG A 149 2.80 -5.14 -6.18
C ARG A 149 2.74 -4.35 -4.89
N VAL A 150 3.77 -4.52 -4.06
CA VAL A 150 3.89 -3.85 -2.77
C VAL A 150 5.32 -3.35 -2.61
N GLU A 151 5.57 -2.14 -3.12
CA GLU A 151 6.89 -1.52 -3.08
C GLU A 151 6.76 0.00 -3.02
N PHE A 152 7.85 0.68 -2.62
CA PHE A 152 7.88 2.13 -2.54
C PHE A 152 7.93 2.84 -3.89
N PRO A 153 7.41 4.08 -3.96
CA PRO A 153 7.47 4.92 -5.16
C PRO A 153 8.90 5.35 -5.45
N VAL A 70 -0.90 20.33 3.89
CA VAL A 70 -0.91 20.13 2.43
C VAL A 70 -1.96 19.09 2.01
N ILE A 71 -2.48 19.23 0.79
CA ILE A 71 -3.47 18.29 0.25
C ILE A 71 -2.83 16.92 0.07
N ARG A 72 -3.63 15.85 0.23
CA ARG A 72 -3.16 14.49 0.09
C ARG A 72 -2.60 14.26 -1.32
N GLY A 73 -1.50 13.51 -1.40
CA GLY A 73 -0.86 13.20 -2.66
C GLY A 73 -0.33 14.46 -3.35
N PRO A 74 0.58 15.19 -2.68
CA PRO A 74 1.17 16.41 -3.20
C PRO A 74 2.16 16.12 -4.32
N ALA A 75 2.30 14.84 -4.71
CA ALA A 75 3.24 14.40 -5.73
C ALA A 75 4.68 14.78 -5.40
N GLY A 76 4.96 15.09 -4.11
CA GLY A 76 6.29 15.40 -3.64
C GLY A 76 7.10 14.12 -3.44
N ASN A 77 8.30 14.25 -2.87
CA ASN A 77 9.16 13.11 -2.59
C ASN A 77 8.54 12.21 -1.52
N ASN A 78 8.87 10.92 -1.57
CA ASN A 78 8.38 9.96 -0.59
C ASN A 78 9.14 10.12 0.73
N ASP A 79 8.58 9.58 1.81
CA ASP A 79 9.21 9.62 3.12
C ASP A 79 8.82 8.41 3.98
N CYS A 80 7.52 8.11 4.04
CA CYS A 80 7.01 6.97 4.79
C CYS A 80 5.88 6.28 4.04
N ARG A 81 5.59 6.71 2.81
CA ARG A 81 4.49 6.15 2.04
C ARG A 81 4.94 4.94 1.23
N ILE A 82 4.00 4.05 0.90
CA ILE A 82 4.25 2.87 0.10
C ILE A 82 3.26 2.82 -1.06
N TYR A 83 3.33 1.76 -1.87
CA TYR A 83 2.47 1.57 -3.02
C TYR A 83 2.06 0.12 -3.25
N VAL A 84 0.89 -0.09 -3.85
CA VAL A 84 0.36 -1.43 -4.04
C VAL A 84 -0.36 -1.52 -5.39
N GLY A 85 0.32 -2.12 -6.38
CA GLY A 85 -0.28 -2.43 -7.66
C GLY A 85 -0.84 -3.86 -7.64
N ASN A 86 -1.64 -4.21 -8.63
CA ASN A 86 -2.29 -5.52 -8.70
C ASN A 86 -3.09 -5.80 -7.42
N LEU A 87 -3.59 -4.75 -6.78
CA LEU A 87 -4.37 -4.87 -5.54
C LEU A 87 -5.58 -5.79 -5.79
N PRO A 88 -5.66 -6.92 -5.09
CA PRO A 88 -6.72 -7.90 -5.30
C PRO A 88 -8.05 -7.41 -4.74
N PRO A 89 -9.17 -7.93 -5.25
CA PRO A 89 -10.50 -7.59 -4.81
C PRO A 89 -10.79 -8.14 -3.42
N ASP A 90 -9.86 -8.90 -2.85
CA ASP A 90 -10.00 -9.45 -1.50
C ASP A 90 -9.77 -8.41 -0.40
N ILE A 91 -9.33 -7.21 -0.78
CA ILE A 91 -9.08 -6.14 0.17
C ILE A 91 -10.40 -5.63 0.75
N ARG A 92 -10.38 -5.13 1.98
CA ARG A 92 -11.58 -4.61 2.63
C ARG A 92 -11.31 -3.22 3.21
N THR A 93 -12.38 -2.43 3.37
CA THR A 93 -12.29 -1.06 3.87
C THR A 93 -11.91 -0.93 5.34
N LYS A 94 -11.48 -2.04 5.96
CA LYS A 94 -11.08 -2.04 7.37
C LYS A 94 -9.85 -2.93 7.58
N ASP A 95 -9.75 -4.02 6.82
CA ASP A 95 -8.56 -4.87 6.89
C ASP A 95 -7.32 -4.11 6.45
N ILE A 96 -7.53 -3.06 5.64
CA ILE A 96 -6.46 -2.23 5.11
C ILE A 96 -5.82 -1.40 6.23
N GLU A 97 -6.50 -1.26 7.38
CA GLU A 97 -5.97 -0.50 8.49
C GLU A 97 -5.92 -1.33 9.78
N ASP A 98 -6.27 -2.63 9.69
CA ASP A 98 -6.10 -3.54 10.81
C ASP A 98 -4.84 -4.38 10.74
N VAL A 99 -4.69 -5.22 9.71
CA VAL A 99 -3.58 -6.17 9.66
C VAL A 99 -2.26 -5.50 9.33
N PHE A 100 -2.25 -4.56 8.39
CA PHE A 100 -1.03 -3.89 7.99
C PHE A 100 -0.64 -2.88 9.07
N SER A 101 -1.61 -2.44 9.88
CA SER A 101 -1.33 -1.55 10.99
C SER A 101 -0.60 -2.31 12.10
N LYS A 102 -0.87 -3.62 12.22
CA LYS A 102 -0.13 -4.45 13.17
C LYS A 102 1.29 -4.69 12.65
N TYR A 103 1.46 -4.67 11.32
CA TYR A 103 2.76 -4.84 10.69
C TYR A 103 3.66 -3.59 10.67
N GLY A 104 3.09 -2.38 10.81
CA GLY A 104 3.91 -1.18 10.70
C GLY A 104 3.27 0.08 11.27
N ALA A 105 2.29 -0.06 12.16
CA ALA A 105 1.67 1.07 12.84
C ALA A 105 1.28 2.17 11.85
N ILE A 106 0.59 1.81 10.78
CA ILE A 106 0.16 2.74 9.74
C ILE A 106 -0.54 3.95 10.37
N ARG A 107 -0.22 5.15 9.85
CA ARG A 107 -0.81 6.39 10.32
C ARG A 107 -1.94 6.86 9.42
N ASP A 108 -1.84 6.57 8.11
CA ASP A 108 -2.83 6.99 7.13
C ASP A 108 -3.00 6.03 5.96
N ILE A 109 -4.16 6.09 5.30
CA ILE A 109 -4.47 5.27 4.14
C ILE A 109 -4.92 6.17 3.00
N ASP A 110 -4.71 5.74 1.75
CA ASP A 110 -5.03 6.53 0.59
C ASP A 110 -5.42 5.60 -0.57
N LEU A 111 -6.31 4.65 -0.30
CA LEU A 111 -6.81 3.73 -1.31
C LEU A 111 -7.70 4.48 -2.31
N LYS A 112 -7.21 4.63 -3.53
CA LYS A 112 -7.97 5.23 -4.62
C LYS A 112 -8.65 4.11 -5.41
N ASN A 113 -9.84 4.39 -5.94
CA ASN A 113 -10.60 3.38 -6.68
C ASN A 113 -11.58 4.01 -7.68
N ARG A 114 -11.46 5.31 -7.96
CA ARG A 114 -12.32 6.00 -8.91
C ARG A 114 -11.53 6.91 -9.85
N ARG A 115 -10.22 7.04 -9.61
CA ARG A 115 -9.36 7.88 -10.43
C ARG A 115 -7.90 7.44 -10.23
N GLY A 116 -7.04 7.74 -11.21
CA GLY A 116 -5.64 7.36 -11.16
C GLY A 116 -5.44 5.94 -11.70
N GLY A 117 -6.43 5.42 -12.42
CA GLY A 117 -6.37 4.07 -12.97
C GLY A 117 -7.00 3.06 -12.02
N PRO A 118 -6.70 1.77 -12.21
CA PRO A 118 -7.20 0.69 -11.38
C PRO A 118 -6.84 0.91 -9.90
N PRO A 119 -7.53 0.19 -8.99
CA PRO A 119 -7.38 0.36 -7.56
C PRO A 119 -5.92 0.20 -7.11
N PHE A 120 -5.45 1.16 -6.31
CA PHE A 120 -4.11 1.15 -5.77
C PHE A 120 -4.13 2.17 -4.63
N ALA A 121 -3.09 2.18 -3.79
CA ALA A 121 -3.11 2.99 -2.58
C ALA A 121 -1.74 3.57 -2.24
N PHE A 122 -1.74 4.62 -1.41
CA PHE A 122 -0.55 5.24 -0.86
C PHE A 122 -0.50 5.19 0.67
N VAL A 123 -0.50 3.97 1.21
CA VAL A 123 -0.51 3.77 2.66
C VAL A 123 0.71 4.45 3.27
N GLU A 124 0.55 5.04 4.46
CA GLU A 124 1.61 5.82 5.09
C GLU A 124 1.98 5.24 6.45
N PHE A 125 3.25 4.83 6.59
CA PHE A 125 3.75 4.15 7.76
C PHE A 125 4.34 5.04 8.85
N GLU A 126 4.55 4.46 10.04
CA GLU A 126 5.21 5.14 11.14
C GLU A 126 6.70 5.30 10.84
N ASP A 127 7.28 4.31 10.16
CA ASP A 127 8.68 4.29 9.74
C ASP A 127 8.89 3.52 8.44
N PRO A 128 9.87 3.93 7.62
CA PRO A 128 10.15 3.28 6.35
C PRO A 128 10.79 1.90 6.57
N ARG A 129 11.30 1.65 7.78
CA ARG A 129 11.94 0.37 8.11
C ARG A 129 10.91 -0.72 8.37
N ASP A 130 9.64 -0.33 8.54
CA ASP A 130 8.57 -1.31 8.74
C ASP A 130 8.17 -1.99 7.44
N ALA A 131 8.67 -1.48 6.30
CA ALA A 131 8.37 -2.04 4.99
C ALA A 131 9.08 -3.38 4.80
N GLU A 132 10.00 -3.74 5.71
CA GLU A 132 10.74 -4.99 5.60
C GLU A 132 9.82 -6.19 5.83
N ASP A 133 8.64 -5.95 6.42
CA ASP A 133 7.66 -6.99 6.69
C ASP A 133 6.30 -6.66 6.06
N ALA A 134 5.92 -5.39 6.07
CA ALA A 134 4.62 -4.95 5.60
C ALA A 134 4.58 -4.74 4.09
N VAL A 135 5.73 -4.81 3.41
CA VAL A 135 5.80 -4.54 1.99
C VAL A 135 6.61 -5.63 1.27
N SER A 136 7.77 -5.98 1.83
CA SER A 136 8.63 -6.99 1.22
C SER A 136 8.00 -8.38 1.32
N GLY A 137 6.98 -8.52 2.18
CA GLY A 137 6.33 -9.81 2.41
C GLY A 137 5.33 -10.16 1.30
N ARG A 138 5.09 -9.25 0.36
CA ARG A 138 4.12 -9.48 -0.72
C ARG A 138 4.63 -8.98 -2.07
N ASP A 139 5.88 -8.52 -2.14
CA ASP A 139 6.45 -8.00 -3.36
C ASP A 139 6.62 -9.11 -4.41
N GLY A 140 6.03 -8.92 -5.60
CA GLY A 140 6.15 -9.89 -6.68
C GLY A 140 5.50 -11.22 -6.33
N TYR A 141 4.41 -11.20 -5.57
CA TYR A 141 3.80 -12.42 -5.08
C TYR A 141 3.01 -13.17 -6.14
N ASP A 142 3.16 -14.49 -6.15
CA ASP A 142 2.53 -15.38 -7.11
C ASP A 142 1.01 -15.40 -6.96
N TYR A 143 0.33 -14.39 -7.53
CA TYR A 143 -1.11 -14.29 -7.51
C TYR A 143 -1.68 -15.10 -8.68
N ASP A 144 -3.01 -15.10 -8.81
CA ASP A 144 -3.69 -15.81 -9.86
C ASP A 144 -3.41 -15.24 -11.24
N GLY A 145 -2.39 -15.77 -11.92
CA GLY A 145 -2.02 -15.36 -13.27
C GLY A 145 -1.24 -14.05 -13.29
N TYR A 146 -1.02 -13.43 -12.12
CA TYR A 146 -0.31 -12.17 -12.02
C TYR A 146 0.66 -12.12 -10.84
N ARG A 147 1.40 -11.01 -10.72
CA ARG A 147 2.31 -10.78 -9.62
C ARG A 147 1.97 -9.44 -8.96
N LEU A 148 2.04 -9.40 -7.63
CA LEU A 148 1.80 -8.17 -6.88
C LEU A 148 2.90 -7.15 -7.15
N ARG A 149 2.56 -5.86 -7.02
CA ARG A 149 3.52 -4.76 -7.08
C ARG A 149 3.53 -4.01 -5.75
N VAL A 150 3.61 -4.75 -4.65
CA VAL A 150 3.68 -4.17 -3.32
C VAL A 150 5.11 -3.64 -3.12
N GLU A 151 5.30 -2.34 -3.40
CA GLU A 151 6.59 -1.70 -3.22
C GLU A 151 6.43 -0.20 -2.97
N PHE A 152 7.44 0.43 -2.37
CA PHE A 152 7.42 1.87 -2.13
C PHE A 152 7.95 2.69 -3.30
N PRO A 153 7.38 3.89 -3.52
CA PRO A 153 7.85 4.82 -4.53
C PRO A 153 9.22 5.39 -4.16
N VAL A 70 -9.62 17.66 1.30
CA VAL A 70 -8.29 17.72 1.94
C VAL A 70 -7.17 17.46 0.92
N ILE A 71 -5.99 18.05 1.17
CA ILE A 71 -4.83 17.86 0.30
C ILE A 71 -4.32 16.42 0.45
N ARG A 72 -3.98 15.79 -0.68
CA ARG A 72 -3.43 14.44 -0.67
C ARG A 72 -2.62 14.20 -1.94
N GLY A 73 -1.40 13.68 -1.78
CA GLY A 73 -0.54 13.30 -2.89
C GLY A 73 -0.22 14.47 -3.84
N PRO A 74 0.00 15.69 -3.33
CA PRO A 74 0.23 16.85 -4.17
C PRO A 74 1.60 16.76 -4.86
N ALA A 75 2.53 16.02 -4.26
CA ALA A 75 3.88 15.88 -4.78
C ALA A 75 4.58 14.68 -4.13
N GLY A 76 5.75 14.32 -4.66
CA GLY A 76 6.54 13.21 -4.14
C GLY A 76 7.45 13.65 -2.97
N ASN A 77 7.30 14.90 -2.52
CA ASN A 77 8.14 15.44 -1.47
C ASN A 77 7.75 14.88 -0.09
N ASN A 78 6.70 14.06 -0.03
CA ASN A 78 6.26 13.44 1.21
C ASN A 78 7.27 12.38 1.68
N ASP A 79 7.10 11.89 2.90
CA ASP A 79 8.01 10.91 3.50
C ASP A 79 7.27 9.80 4.25
N CYS A 80 8.01 8.73 4.59
CA CYS A 80 7.48 7.55 5.25
C CYS A 80 6.36 6.88 4.44
N ARG A 81 6.13 7.32 3.20
CA ARG A 81 5.13 6.72 2.32
C ARG A 81 5.76 5.77 1.33
N ILE A 82 4.99 4.74 0.96
CA ILE A 82 5.38 3.78 -0.08
C ILE A 82 4.17 3.55 -0.99
N TYR A 83 4.33 2.66 -1.97
CA TYR A 83 3.30 2.37 -2.95
C TYR A 83 2.82 0.91 -2.95
N VAL A 84 1.54 0.73 -3.25
CA VAL A 84 0.93 -0.59 -3.34
C VAL A 84 -0.04 -0.63 -4.51
N GLY A 85 -0.04 -1.75 -5.24
CA GLY A 85 -0.87 -1.89 -6.43
C GLY A 85 -1.43 -3.30 -6.55
N ASN A 86 -2.36 -3.47 -7.49
CA ASN A 86 -3.08 -4.73 -7.70
C ASN A 86 -3.87 -5.15 -6.46
N LEU A 87 -4.35 -4.17 -5.69
CA LEU A 87 -5.14 -4.46 -4.50
C LEU A 87 -6.46 -5.13 -4.91
N PRO A 88 -6.87 -6.19 -4.18
CA PRO A 88 -8.11 -6.90 -4.44
C PRO A 88 -9.29 -6.06 -3.97
N PRO A 89 -10.43 -6.14 -4.67
CA PRO A 89 -11.65 -5.44 -4.31
C PRO A 89 -12.33 -6.09 -3.11
N ASP A 90 -11.91 -7.30 -2.74
CA ASP A 90 -12.53 -8.06 -1.66
C ASP A 90 -12.06 -7.64 -0.26
N ILE A 91 -11.11 -6.70 -0.18
CA ILE A 91 -10.58 -6.24 1.10
C ILE A 91 -11.66 -5.48 1.85
N ARG A 92 -11.66 -5.60 3.19
CA ARG A 92 -12.65 -4.92 4.03
C ARG A 92 -12.19 -3.50 4.32
N THR A 93 -13.14 -2.58 4.54
CA THR A 93 -12.87 -1.17 4.77
C THR A 93 -12.13 -0.86 6.08
N LYS A 94 -11.58 -1.88 6.75
CA LYS A 94 -10.85 -1.69 7.99
C LYS A 94 -9.74 -2.73 8.13
N ASP A 95 -9.92 -3.92 7.55
CA ASP A 95 -8.85 -4.91 7.52
C ASP A 95 -7.66 -4.39 6.73
N ILE A 96 -7.92 -3.38 5.88
CA ILE A 96 -6.90 -2.77 5.03
C ILE A 96 -5.90 -1.97 5.86
N GLU A 97 -6.20 -1.69 7.14
CA GLU A 97 -5.26 -1.00 8.00
C GLU A 97 -5.06 -1.73 9.33
N ASP A 98 -5.89 -2.74 9.63
CA ASP A 98 -5.68 -3.56 10.80
C ASP A 98 -4.51 -4.53 10.67
N VAL A 99 -4.44 -5.23 9.53
CA VAL A 99 -3.34 -6.16 9.28
C VAL A 99 -2.04 -5.40 9.01
N PHE A 100 -2.17 -4.21 8.43
CA PHE A 100 -1.00 -3.36 8.16
C PHE A 100 -0.45 -2.67 9.40
N SER A 101 -1.33 -2.37 10.36
CA SER A 101 -0.91 -1.81 11.64
C SER A 101 -0.17 -2.87 12.45
N LYS A 102 -0.54 -4.15 12.28
CA LYS A 102 0.14 -5.24 12.95
C LYS A 102 1.51 -5.50 12.34
N TYR A 103 1.67 -5.23 11.04
CA TYR A 103 2.92 -5.43 10.34
C TYR A 103 3.94 -4.30 10.43
N GLY A 104 3.51 -3.08 10.79
CA GLY A 104 4.45 -1.97 10.84
C GLY A 104 3.86 -0.70 11.44
N ALA A 105 2.79 -0.83 12.24
CA ALA A 105 2.14 0.31 12.88
C ALA A 105 1.79 1.38 11.85
N ILE A 106 1.51 0.96 10.61
CA ILE A 106 1.11 1.85 9.53
C ILE A 106 -0.04 2.75 9.99
N ARG A 107 0.03 4.04 9.63
CA ARG A 107 -0.91 5.04 10.15
C ARG A 107 -1.94 5.46 9.11
N ASP A 108 -1.68 5.23 7.81
CA ASP A 108 -2.68 5.60 6.82
C ASP A 108 -2.53 4.76 5.55
N ILE A 109 -3.63 4.65 4.80
CA ILE A 109 -3.67 4.00 3.50
C ILE A 109 -4.38 4.93 2.53
N ASP A 110 -3.68 5.43 1.52
CA ASP A 110 -4.29 6.29 0.52
C ASP A 110 -4.96 5.44 -0.56
N LEU A 111 -5.81 4.50 -0.15
CA LEU A 111 -6.57 3.70 -1.12
C LEU A 111 -7.33 4.64 -2.05
N LYS A 112 -7.06 4.54 -3.35
CA LYS A 112 -7.61 5.47 -4.33
C LYS A 112 -7.91 4.76 -5.64
N ASN A 113 -8.97 5.21 -6.32
CA ASN A 113 -9.40 4.63 -7.59
C ASN A 113 -8.53 5.13 -8.74
N ARG A 114 -8.73 4.55 -9.93
CA ARG A 114 -7.99 4.92 -11.13
C ARG A 114 -8.93 5.00 -12.32
N ARG A 115 -8.44 5.55 -13.44
CA ARG A 115 -9.20 5.65 -14.68
C ARG A 115 -9.44 4.26 -15.27
N GLY A 116 -8.63 3.28 -14.86
CA GLY A 116 -8.76 1.91 -15.33
C GLY A 116 -7.84 0.99 -14.54
N GLY A 117 -8.01 -0.33 -14.71
CA GLY A 117 -7.23 -1.33 -13.99
C GLY A 117 -7.65 -1.40 -12.52
N PRO A 118 -6.94 -2.22 -11.73
CA PRO A 118 -7.21 -2.39 -10.31
C PRO A 118 -6.85 -1.13 -9.53
N PRO A 119 -7.39 -0.98 -8.32
CA PRO A 119 -7.09 0.13 -7.43
C PRO A 119 -5.66 0.05 -6.91
N PHE A 120 -5.18 1.14 -6.33
CA PHE A 120 -3.81 1.20 -5.82
C PHE A 120 -3.87 2.16 -4.63
N ALA A 121 -2.77 2.25 -3.86
CA ALA A 121 -2.76 3.04 -2.65
C ALA A 121 -1.35 3.49 -2.29
N PHE A 122 -1.25 4.60 -1.54
CA PHE A 122 -0.01 5.03 -0.93
C PHE A 122 -0.06 4.84 0.59
N VAL A 123 0.69 3.86 1.09
CA VAL A 123 0.70 3.53 2.51
C VAL A 123 1.63 4.49 3.23
N GLU A 124 1.25 4.91 4.45
CA GLU A 124 2.08 5.81 5.24
C GLU A 124 2.46 5.16 6.57
N PHE A 125 3.78 5.02 6.78
CA PHE A 125 4.34 4.39 7.98
C PHE A 125 4.57 5.33 9.15
N GLU A 126 4.64 4.76 10.36
CA GLU A 126 5.12 5.48 11.54
C GLU A 126 6.64 5.37 11.61
N ASP A 127 7.19 4.28 11.09
CA ASP A 127 8.63 4.03 11.04
C ASP A 127 8.95 3.05 9.90
N PRO A 128 9.60 3.53 8.82
CA PRO A 128 9.93 2.73 7.65
C PRO A 128 10.79 1.50 7.95
N ARG A 129 11.34 1.41 9.17
CA ARG A 129 12.17 0.27 9.54
C ARG A 129 11.36 -1.02 9.56
N ASP A 130 10.04 -0.91 9.76
CA ASP A 130 9.16 -2.07 9.81
C ASP A 130 8.86 -2.66 8.42
N ALA A 131 9.47 -2.08 7.37
CA ALA A 131 9.28 -2.56 6.00
C ALA A 131 9.87 -3.95 5.81
N GLU A 132 10.60 -4.46 6.81
CA GLU A 132 11.22 -5.78 6.73
C GLU A 132 10.16 -6.87 6.59
N ASP A 133 8.94 -6.60 7.06
CA ASP A 133 7.83 -7.54 6.97
C ASP A 133 6.64 -6.99 6.19
N ALA A 134 6.40 -5.67 6.31
CA ALA A 134 5.26 -5.01 5.71
C ALA A 134 5.50 -4.72 4.23
N VAL A 135 6.73 -4.94 3.74
CA VAL A 135 7.07 -4.64 2.36
C VAL A 135 7.90 -5.76 1.75
N SER A 136 8.88 -6.27 2.50
CA SER A 136 9.74 -7.35 2.02
C SER A 136 9.10 -8.71 2.25
N GLY A 137 7.91 -8.74 2.87
CA GLY A 137 7.22 -9.98 3.17
C GLY A 137 6.55 -10.57 1.91
N ARG A 138 6.13 -9.70 0.98
CA ARG A 138 5.54 -10.15 -0.27
C ARG A 138 5.55 -9.01 -1.30
N ASP A 139 6.00 -9.33 -2.52
CA ASP A 139 5.99 -8.41 -3.64
C ASP A 139 6.09 -9.16 -4.96
N GLY A 140 5.57 -8.57 -6.05
CA GLY A 140 5.69 -9.16 -7.38
C GLY A 140 5.13 -10.57 -7.44
N TYR A 141 3.98 -10.81 -6.78
CA TYR A 141 3.45 -12.15 -6.64
C TYR A 141 2.45 -12.52 -7.74
N ASP A 142 2.58 -13.74 -8.25
CA ASP A 142 1.77 -14.26 -9.34
C ASP A 142 0.31 -14.45 -8.94
N TYR A 143 -0.52 -13.43 -9.15
CA TYR A 143 -1.94 -13.47 -8.84
C TYR A 143 -2.66 -14.11 -10.03
N ASP A 144 -3.99 -14.14 -9.96
CA ASP A 144 -4.83 -14.68 -11.01
C ASP A 144 -4.82 -13.80 -12.27
N GLY A 145 -3.74 -13.90 -13.06
CA GLY A 145 -3.60 -13.15 -14.30
C GLY A 145 -2.99 -11.77 -14.05
N TYR A 146 -2.59 -11.48 -12.81
CA TYR A 146 -1.98 -10.21 -12.43
C TYR A 146 -0.75 -10.39 -11.55
N ARG A 147 -0.16 -9.27 -11.09
CA ARG A 147 1.03 -9.30 -10.26
C ARG A 147 0.92 -8.25 -9.17
N LEU A 148 1.13 -8.65 -7.92
CA LEU A 148 1.07 -7.73 -6.78
C LEU A 148 2.25 -6.78 -6.84
N ARG A 149 2.06 -5.54 -6.36
CA ARG A 149 3.15 -4.59 -6.24
C ARG A 149 3.16 -3.96 -4.85
N VAL A 150 4.31 -4.06 -4.17
CA VAL A 150 4.53 -3.45 -2.87
C VAL A 150 5.92 -2.84 -2.81
N GLU A 151 6.07 -1.63 -3.34
CA GLU A 151 7.36 -0.94 -3.39
C GLU A 151 7.18 0.57 -3.26
N PHE A 152 8.26 1.26 -2.92
CA PHE A 152 8.23 2.72 -2.79
C PHE A 152 8.25 3.45 -4.13
N PRO A 153 7.66 4.66 -4.19
CA PRO A 153 7.65 5.49 -5.38
C PRO A 153 9.06 5.98 -5.72
#